data_7MQZ
# 
_entry.id   7MQZ 
# 
_audit_conform.dict_name       mmcif_pdbx.dic 
_audit_conform.dict_version    5.398 
_audit_conform.dict_location   http://mmcif.pdb.org/dictionaries/ascii/mmcif_pdbx.dic 
# 
loop_
_database_2.database_id 
_database_2.database_code 
_database_2.pdbx_database_accession 
_database_2.pdbx_DOI 
PDB   7MQZ         pdb_00007mqz 10.2210/pdb7mqz/pdb 
WWPDB D_1000256717 ?            ?                   
# 
loop_
_pdbx_audit_revision_history.ordinal 
_pdbx_audit_revision_history.data_content_type 
_pdbx_audit_revision_history.major_revision 
_pdbx_audit_revision_history.minor_revision 
_pdbx_audit_revision_history.revision_date 
1 'Structure model' 1 0 2022-03-16 
2 'Structure model' 1 1 2023-10-18 
3 'Structure model' 1 2 2024-11-13 
# 
_pdbx_audit_revision_details.ordinal             1 
_pdbx_audit_revision_details.revision_ordinal    1 
_pdbx_audit_revision_details.data_content_type   'Structure model' 
_pdbx_audit_revision_details.provider            repository 
_pdbx_audit_revision_details.type                'Initial release' 
_pdbx_audit_revision_details.description         ? 
_pdbx_audit_revision_details.details             ? 
# 
loop_
_pdbx_audit_revision_group.ordinal 
_pdbx_audit_revision_group.revision_ordinal 
_pdbx_audit_revision_group.data_content_type 
_pdbx_audit_revision_group.group 
1 2 'Structure model' 'Data collection'        
2 2 'Structure model' 'Refinement description' 
3 3 'Structure model' 'Structure summary'      
# 
loop_
_pdbx_audit_revision_category.ordinal 
_pdbx_audit_revision_category.revision_ordinal 
_pdbx_audit_revision_category.data_content_type 
_pdbx_audit_revision_category.category 
1 2 'Structure model' chem_comp_atom                
2 2 'Structure model' chem_comp_bond                
3 2 'Structure model' pdbx_initial_refinement_model 
4 3 'Structure model' pdbx_entry_details            
5 3 'Structure model' pdbx_modification_feature     
# 
_pdbx_database_status.status_code                     REL 
_pdbx_database_status.status_code_sf                  REL 
_pdbx_database_status.status_code_mr                  ? 
_pdbx_database_status.entry_id                        7MQZ 
_pdbx_database_status.recvd_initial_deposition_date   2021-05-07 
_pdbx_database_status.SG_entry                        N 
_pdbx_database_status.deposit_site                    RCSB 
_pdbx_database_status.process_site                    RCSB 
_pdbx_database_status.status_code_cs                  ? 
_pdbx_database_status.status_code_nmr_data            ? 
_pdbx_database_status.methods_development_category    ? 
_pdbx_database_status.pdb_format_compatible           Y 
# 
loop_
_audit_author.name 
_audit_author.pdbx_ordinal 
_audit_author.identifier_ORCID 
'Maghool, S.' 1 0000-0001-7788-9061 
'Maher, M.J.' 2 0000-0003-0848-9640 
# 
_citation.abstract                  ? 
_citation.abstract_id_CAS           ? 
_citation.book_id_ISBN              ? 
_citation.book_publisher            ? 
_citation.book_publisher_city       ? 
_citation.book_title                ? 
_citation.coordinate_linkage        ? 
_citation.country                   US 
_citation.database_id_Medline       ? 
_citation.details                   ? 
_citation.id                        primary 
_citation.journal_abbrev            Proc.Natl.Acad.Sci.USA 
_citation.journal_id_ASTM           PNASA6 
_citation.journal_id_CSD            0040 
_citation.journal_id_ISSN           1091-6490 
_citation.journal_full              ? 
_citation.journal_issue             ? 
_citation.journal_volume            119 
_citation.language                  ? 
_citation.page_first                ? 
_citation.page_last                 ? 
_citation.title                     
;Mitochondrial COA7 is a heme-binding protein with disulfide reductase activity, which acts in the early stages of complex IV assembly.
;
_citation.year                      2022 
_citation.database_id_CSD           ? 
_citation.pdbx_database_id_DOI      10.1073/pnas.2110357119 
_citation.pdbx_database_id_PubMed   35210360 
_citation.pdbx_database_id_patent   ? 
_citation.unpublished_flag          ? 
# 
loop_
_citation_author.citation_id 
_citation_author.name 
_citation_author.ordinal 
_citation_author.identifier_ORCID 
primary 'Formosa, L.E.'     1 0000-0002-7740-6151 
primary 'Maghool, S.'       2 ?                   
primary 'Sharpe, A.J.'      3 0000-0002-4162-2303 
primary 'Reljic, B.'        4 0000-0002-4655-8478 
primary 'Muellner-Wong, L.' 5 0000-0003-0348-6408 
primary 'Stroud, D.A.'      6 0000-0002-2048-3383 
primary 'Ryan, M.T.'        7 0000-0003-2586-8829 
primary 'Maher, M.J.'       8 0000-0003-0848-9640 
# 
loop_
_entity.id 
_entity.type 
_entity.src_method 
_entity.pdbx_description 
_entity.formula_weight 
_entity.pdbx_number_of_molecules 
_entity.pdbx_ec 
_entity.pdbx_mutation 
_entity.pdbx_fragment 
_entity.details 
1 polymer man 'Cytochrome c oxidase assembly factor 7' 26155.592 1 ? ? ? ? 
2 water   nat water                                    18.015    5 ? ? ? ? 
# 
_entity_name_com.entity_id   1 
_entity_name_com.name        'Beta-lactamase hcp-like protein,Respiratory chain assembly factor 1,Sel1 repeat-containing protein 1' 
# 
_entity_poly.entity_id                      1 
_entity_poly.type                           'polypeptide(L)' 
_entity_poly.nstd_linkage                   no 
_entity_poly.nstd_monomer                   no 
_entity_poly.pdbx_seq_one_letter_code       
;GPLGSMAGMVDFQDEEQVKSFLENMEVECNYHCYHEKDPDGCYRLVDYLEGIRKNFDEAAKVLKFNCEENQHSDSCYKLG
AYYVTGKGGLTQDLKAAARCFLMACEKPGKKSIAACHNVGLLAHDGQVNEDGQPDLGKARDYYTRACDGGYTSSCFNLSA
MFLQGAPGFPKDMDLACKYSMKACDLGHIWACANASRMYKLGDGVDKDEAKAEVLKNRAQQLHKEQQKGVQPLTFG
;
_entity_poly.pdbx_seq_one_letter_code_can   
;GPLGSMAGMVDFQDEEQVKSFLENMEVECNYHCYHEKDPDGCYRLVDYLEGIRKNFDEAAKVLKFNCEENQHSDSCYKLG
AYYVTGKGGLTQDLKAAARCFLMACEKPGKKSIAACHNVGLLAHDGQVNEDGQPDLGKARDYYTRACDGGYTSSCFNLSA
MFLQGAPGFPKDMDLACKYSMKACDLGHIWACANASRMYKLGDGVDKDEAKAEVLKNRAQQLHKEQQKGVQPLTFG
;
_entity_poly.pdbx_strand_id                 A 
_entity_poly.pdbx_target_identifier         ? 
# 
_pdbx_entity_nonpoly.entity_id   2 
_pdbx_entity_nonpoly.name        water 
_pdbx_entity_nonpoly.comp_id     HOH 
# 
loop_
_entity_poly_seq.entity_id 
_entity_poly_seq.num 
_entity_poly_seq.mon_id 
_entity_poly_seq.hetero 
1 1   GLY n 
1 2   PRO n 
1 3   LEU n 
1 4   GLY n 
1 5   SER n 
1 6   MET n 
1 7   ALA n 
1 8   GLY n 
1 9   MET n 
1 10  VAL n 
1 11  ASP n 
1 12  PHE n 
1 13  GLN n 
1 14  ASP n 
1 15  GLU n 
1 16  GLU n 
1 17  GLN n 
1 18  VAL n 
1 19  LYS n 
1 20  SER n 
1 21  PHE n 
1 22  LEU n 
1 23  GLU n 
1 24  ASN n 
1 25  MET n 
1 26  GLU n 
1 27  VAL n 
1 28  GLU n 
1 29  CYS n 
1 30  ASN n 
1 31  TYR n 
1 32  HIS n 
1 33  CYS n 
1 34  TYR n 
1 35  HIS n 
1 36  GLU n 
1 37  LYS n 
1 38  ASP n 
1 39  PRO n 
1 40  ASP n 
1 41  GLY n 
1 42  CYS n 
1 43  TYR n 
1 44  ARG n 
1 45  LEU n 
1 46  VAL n 
1 47  ASP n 
1 48  TYR n 
1 49  LEU n 
1 50  GLU n 
1 51  GLY n 
1 52  ILE n 
1 53  ARG n 
1 54  LYS n 
1 55  ASN n 
1 56  PHE n 
1 57  ASP n 
1 58  GLU n 
1 59  ALA n 
1 60  ALA n 
1 61  LYS n 
1 62  VAL n 
1 63  LEU n 
1 64  LYS n 
1 65  PHE n 
1 66  ASN n 
1 67  CYS n 
1 68  GLU n 
1 69  GLU n 
1 70  ASN n 
1 71  GLN n 
1 72  HIS n 
1 73  SER n 
1 74  ASP n 
1 75  SER n 
1 76  CYS n 
1 77  TYR n 
1 78  LYS n 
1 79  LEU n 
1 80  GLY n 
1 81  ALA n 
1 82  TYR n 
1 83  TYR n 
1 84  VAL n 
1 85  THR n 
1 86  GLY n 
1 87  LYS n 
1 88  GLY n 
1 89  GLY n 
1 90  LEU n 
1 91  THR n 
1 92  GLN n 
1 93  ASP n 
1 94  LEU n 
1 95  LYS n 
1 96  ALA n 
1 97  ALA n 
1 98  ALA n 
1 99  ARG n 
1 100 CYS n 
1 101 PHE n 
1 102 LEU n 
1 103 MET n 
1 104 ALA n 
1 105 CYS n 
1 106 GLU n 
1 107 LYS n 
1 108 PRO n 
1 109 GLY n 
1 110 LYS n 
1 111 LYS n 
1 112 SER n 
1 113 ILE n 
1 114 ALA n 
1 115 ALA n 
1 116 CYS n 
1 117 HIS n 
1 118 ASN n 
1 119 VAL n 
1 120 GLY n 
1 121 LEU n 
1 122 LEU n 
1 123 ALA n 
1 124 HIS n 
1 125 ASP n 
1 126 GLY n 
1 127 GLN n 
1 128 VAL n 
1 129 ASN n 
1 130 GLU n 
1 131 ASP n 
1 132 GLY n 
1 133 GLN n 
1 134 PRO n 
1 135 ASP n 
1 136 LEU n 
1 137 GLY n 
1 138 LYS n 
1 139 ALA n 
1 140 ARG n 
1 141 ASP n 
1 142 TYR n 
1 143 TYR n 
1 144 THR n 
1 145 ARG n 
1 146 ALA n 
1 147 CYS n 
1 148 ASP n 
1 149 GLY n 
1 150 GLY n 
1 151 TYR n 
1 152 THR n 
1 153 SER n 
1 154 SER n 
1 155 CYS n 
1 156 PHE n 
1 157 ASN n 
1 158 LEU n 
1 159 SER n 
1 160 ALA n 
1 161 MET n 
1 162 PHE n 
1 163 LEU n 
1 164 GLN n 
1 165 GLY n 
1 166 ALA n 
1 167 PRO n 
1 168 GLY n 
1 169 PHE n 
1 170 PRO n 
1 171 LYS n 
1 172 ASP n 
1 173 MET n 
1 174 ASP n 
1 175 LEU n 
1 176 ALA n 
1 177 CYS n 
1 178 LYS n 
1 179 TYR n 
1 180 SER n 
1 181 MET n 
1 182 LYS n 
1 183 ALA n 
1 184 CYS n 
1 185 ASP n 
1 186 LEU n 
1 187 GLY n 
1 188 HIS n 
1 189 ILE n 
1 190 TRP n 
1 191 ALA n 
1 192 CYS n 
1 193 ALA n 
1 194 ASN n 
1 195 ALA n 
1 196 SER n 
1 197 ARG n 
1 198 MET n 
1 199 TYR n 
1 200 LYS n 
1 201 LEU n 
1 202 GLY n 
1 203 ASP n 
1 204 GLY n 
1 205 VAL n 
1 206 ASP n 
1 207 LYS n 
1 208 ASP n 
1 209 GLU n 
1 210 ALA n 
1 211 LYS n 
1 212 ALA n 
1 213 GLU n 
1 214 VAL n 
1 215 LEU n 
1 216 LYS n 
1 217 ASN n 
1 218 ARG n 
1 219 ALA n 
1 220 GLN n 
1 221 GLN n 
1 222 LEU n 
1 223 HIS n 
1 224 LYS n 
1 225 GLU n 
1 226 GLN n 
1 227 GLN n 
1 228 LYS n 
1 229 GLY n 
1 230 VAL n 
1 231 GLN n 
1 232 PRO n 
1 233 LEU n 
1 234 THR n 
1 235 PHE n 
1 236 GLY n 
# 
_entity_src_gen.entity_id                          1 
_entity_src_gen.pdbx_src_id                        1 
_entity_src_gen.pdbx_alt_source_flag               sample 
_entity_src_gen.pdbx_seq_type                      'Biological sequence' 
_entity_src_gen.pdbx_beg_seq_num                   1 
_entity_src_gen.pdbx_end_seq_num                   236 
_entity_src_gen.gene_src_common_name               Human 
_entity_src_gen.gene_src_genus                     ? 
_entity_src_gen.pdbx_gene_src_gene                 'COA7, C1orf163, RESA1, SELRC1' 
_entity_src_gen.gene_src_species                   ? 
_entity_src_gen.gene_src_strain                    ? 
_entity_src_gen.gene_src_tissue                    ? 
_entity_src_gen.gene_src_tissue_fraction           ? 
_entity_src_gen.gene_src_details                   ? 
_entity_src_gen.pdbx_gene_src_fragment             ? 
_entity_src_gen.pdbx_gene_src_scientific_name      'Homo sapiens' 
_entity_src_gen.pdbx_gene_src_ncbi_taxonomy_id     9606 
_entity_src_gen.pdbx_gene_src_variant              ? 
_entity_src_gen.pdbx_gene_src_cell_line            ? 
_entity_src_gen.pdbx_gene_src_atcc                 ? 
_entity_src_gen.pdbx_gene_src_organ                ? 
_entity_src_gen.pdbx_gene_src_organelle            ? 
_entity_src_gen.pdbx_gene_src_cell                 ? 
_entity_src_gen.pdbx_gene_src_cellular_location    ? 
_entity_src_gen.host_org_common_name               ? 
_entity_src_gen.pdbx_host_org_scientific_name      'Escherichia coli K-12' 
_entity_src_gen.pdbx_host_org_ncbi_taxonomy_id     83333 
_entity_src_gen.host_org_genus                     ? 
_entity_src_gen.pdbx_host_org_gene                 ? 
_entity_src_gen.pdbx_host_org_organ                ? 
_entity_src_gen.host_org_species                   ? 
_entity_src_gen.pdbx_host_org_tissue               ? 
_entity_src_gen.pdbx_host_org_tissue_fraction      ? 
_entity_src_gen.pdbx_host_org_strain               ? 
_entity_src_gen.pdbx_host_org_variant              ? 
_entity_src_gen.pdbx_host_org_cell_line            ? 
_entity_src_gen.pdbx_host_org_atcc                 ? 
_entity_src_gen.pdbx_host_org_culture_collection   ? 
_entity_src_gen.pdbx_host_org_cell                 ? 
_entity_src_gen.pdbx_host_org_organelle            ? 
_entity_src_gen.pdbx_host_org_cellular_location    ? 
_entity_src_gen.pdbx_host_org_vector_type          ? 
_entity_src_gen.pdbx_host_org_vector               ? 
_entity_src_gen.host_org_details                   ? 
_entity_src_gen.expression_system_id               ? 
_entity_src_gen.plasmid_name                       ? 
_entity_src_gen.plasmid_details                    ? 
_entity_src_gen.pdbx_description                   ? 
# 
loop_
_chem_comp.id 
_chem_comp.type 
_chem_comp.mon_nstd_flag 
_chem_comp.name 
_chem_comp.pdbx_synonyms 
_chem_comp.formula 
_chem_comp.formula_weight 
ALA 'L-peptide linking' y ALANINE         ? 'C3 H7 N O2'     89.093  
ARG 'L-peptide linking' y ARGININE        ? 'C6 H15 N4 O2 1' 175.209 
ASN 'L-peptide linking' y ASPARAGINE      ? 'C4 H8 N2 O3'    132.118 
ASP 'L-peptide linking' y 'ASPARTIC ACID' ? 'C4 H7 N O4'     133.103 
CYS 'L-peptide linking' y CYSTEINE        ? 'C3 H7 N O2 S'   121.158 
GLN 'L-peptide linking' y GLUTAMINE       ? 'C5 H10 N2 O3'   146.144 
GLU 'L-peptide linking' y 'GLUTAMIC ACID' ? 'C5 H9 N O4'     147.129 
GLY 'peptide linking'   y GLYCINE         ? 'C2 H5 N O2'     75.067  
HIS 'L-peptide linking' y HISTIDINE       ? 'C6 H10 N3 O2 1' 156.162 
HOH non-polymer         . WATER           ? 'H2 O'           18.015  
ILE 'L-peptide linking' y ISOLEUCINE      ? 'C6 H13 N O2'    131.173 
LEU 'L-peptide linking' y LEUCINE         ? 'C6 H13 N O2'    131.173 
LYS 'L-peptide linking' y LYSINE          ? 'C6 H15 N2 O2 1' 147.195 
MET 'L-peptide linking' y METHIONINE      ? 'C5 H11 N O2 S'  149.211 
PHE 'L-peptide linking' y PHENYLALANINE   ? 'C9 H11 N O2'    165.189 
PRO 'L-peptide linking' y PROLINE         ? 'C5 H9 N O2'     115.130 
SER 'L-peptide linking' y SERINE          ? 'C3 H7 N O3'     105.093 
THR 'L-peptide linking' y THREONINE       ? 'C4 H9 N O3'     119.119 
TRP 'L-peptide linking' y TRYPTOPHAN      ? 'C11 H12 N2 O2'  204.225 
TYR 'L-peptide linking' y TYROSINE        ? 'C9 H11 N O3'    181.189 
VAL 'L-peptide linking' y VALINE          ? 'C5 H11 N O2'    117.146 
# 
loop_
_pdbx_poly_seq_scheme.asym_id 
_pdbx_poly_seq_scheme.entity_id 
_pdbx_poly_seq_scheme.seq_id 
_pdbx_poly_seq_scheme.mon_id 
_pdbx_poly_seq_scheme.ndb_seq_num 
_pdbx_poly_seq_scheme.pdb_seq_num 
_pdbx_poly_seq_scheme.auth_seq_num 
_pdbx_poly_seq_scheme.pdb_mon_id 
_pdbx_poly_seq_scheme.auth_mon_id 
_pdbx_poly_seq_scheme.pdb_strand_id 
_pdbx_poly_seq_scheme.pdb_ins_code 
_pdbx_poly_seq_scheme.hetero 
A 1 1   GLY 1   -4  ?   ?   ?   A . n 
A 1 2   PRO 2   -3  ?   ?   ?   A . n 
A 1 3   LEU 3   -2  ?   ?   ?   A . n 
A 1 4   GLY 4   -1  ?   ?   ?   A . n 
A 1 5   SER 5   0   ?   ?   ?   A . n 
A 1 6   MET 6   1   ?   ?   ?   A . n 
A 1 7   ALA 7   2   ?   ?   ?   A . n 
A 1 8   GLY 8   3   ?   ?   ?   A . n 
A 1 9   MET 9   4   ?   ?   ?   A . n 
A 1 10  VAL 10  5   ?   ?   ?   A . n 
A 1 11  ASP 11  6   ?   ?   ?   A . n 
A 1 12  PHE 12  7   ?   ?   ?   A . n 
A 1 13  GLN 13  8   ?   ?   ?   A . n 
A 1 14  ASP 14  9   ?   ?   ?   A . n 
A 1 15  GLU 15  10  10  GLU GLU A . n 
A 1 16  GLU 16  11  11  GLU GLU A . n 
A 1 17  GLN 17  12  12  GLN GLN A . n 
A 1 18  VAL 18  13  13  VAL VAL A . n 
A 1 19  LYS 19  14  14  LYS LYS A . n 
A 1 20  SER 20  15  15  SER SER A . n 
A 1 21  PHE 21  16  16  PHE PHE A . n 
A 1 22  LEU 22  17  17  LEU LEU A . n 
A 1 23  GLU 23  18  18  GLU GLU A . n 
A 1 24  ASN 24  19  19  ASN ASN A . n 
A 1 25  MET 25  20  20  MET MET A . n 
A 1 26  GLU 26  21  21  GLU GLU A . n 
A 1 27  VAL 27  22  22  VAL VAL A . n 
A 1 28  GLU 28  23  23  GLU GLU A . n 
A 1 29  CYS 29  24  24  CYS CYS A . n 
A 1 30  ASN 30  25  25  ASN ASN A . n 
A 1 31  TYR 31  26  26  TYR TYR A . n 
A 1 32  HIS 32  27  27  HIS HIS A . n 
A 1 33  CYS 33  28  28  CYS CYS A . n 
A 1 34  TYR 34  29  29  TYR TYR A . n 
A 1 35  HIS 35  30  30  HIS HIS A . n 
A 1 36  GLU 36  31  31  GLU GLU A . n 
A 1 37  LYS 37  32  32  LYS LYS A . n 
A 1 38  ASP 38  33  33  ASP ASP A . n 
A 1 39  PRO 39  34  34  PRO PRO A . n 
A 1 40  ASP 40  35  35  ASP ASP A . n 
A 1 41  GLY 41  36  36  GLY GLY A . n 
A 1 42  CYS 42  37  37  CYS CYS A . n 
A 1 43  TYR 43  38  38  TYR TYR A . n 
A 1 44  ARG 44  39  39  ARG ARG A . n 
A 1 45  LEU 45  40  40  LEU LEU A . n 
A 1 46  VAL 46  41  41  VAL VAL A . n 
A 1 47  ASP 47  42  42  ASP ASP A . n 
A 1 48  TYR 48  43  43  TYR TYR A . n 
A 1 49  LEU 49  44  44  LEU LEU A . n 
A 1 50  GLU 50  45  45  GLU GLU A . n 
A 1 51  GLY 51  46  46  GLY GLY A . n 
A 1 52  ILE 52  47  47  ILE ILE A . n 
A 1 53  ARG 53  48  48  ARG ARG A . n 
A 1 54  LYS 54  49  49  LYS LYS A . n 
A 1 55  ASN 55  50  50  ASN ASN A . n 
A 1 56  PHE 56  51  51  PHE PHE A . n 
A 1 57  ASP 57  52  52  ASP ASP A . n 
A 1 58  GLU 58  53  53  GLU GLU A . n 
A 1 59  ALA 59  54  54  ALA ALA A . n 
A 1 60  ALA 60  55  55  ALA ALA A . n 
A 1 61  LYS 61  56  56  LYS LYS A . n 
A 1 62  VAL 62  57  57  VAL VAL A . n 
A 1 63  LEU 63  58  58  LEU LEU A . n 
A 1 64  LYS 64  59  59  LYS LYS A . n 
A 1 65  PHE 65  60  60  PHE PHE A . n 
A 1 66  ASN 66  61  61  ASN ASN A . n 
A 1 67  CYS 67  62  62  CYS CYS A . n 
A 1 68  GLU 68  63  63  GLU GLU A . n 
A 1 69  GLU 69  64  64  GLU GLU A . n 
A 1 70  ASN 70  65  65  ASN ASN A . n 
A 1 71  GLN 71  66  66  GLN GLN A . n 
A 1 72  HIS 72  67  67  HIS HIS A . n 
A 1 73  SER 73  68  68  SER SER A . n 
A 1 74  ASP 74  69  69  ASP ASP A . n 
A 1 75  SER 75  70  70  SER SER A . n 
A 1 76  CYS 76  71  71  CYS CYS A . n 
A 1 77  TYR 77  72  72  TYR TYR A . n 
A 1 78  LYS 78  73  73  LYS LYS A . n 
A 1 79  LEU 79  74  74  LEU LEU A . n 
A 1 80  GLY 80  75  75  GLY GLY A . n 
A 1 81  ALA 81  76  76  ALA ALA A . n 
A 1 82  TYR 82  77  77  TYR TYR A . n 
A 1 83  TYR 83  78  78  TYR TYR A . n 
A 1 84  VAL 84  79  79  VAL VAL A . n 
A 1 85  THR 85  80  80  THR THR A . n 
A 1 86  GLY 86  81  81  GLY GLY A . n 
A 1 87  LYS 87  82  82  LYS LYS A . n 
A 1 88  GLY 88  83  83  GLY GLY A . n 
A 1 89  GLY 89  84  84  GLY GLY A . n 
A 1 90  LEU 90  85  85  LEU LEU A . n 
A 1 91  THR 91  86  86  THR THR A . n 
A 1 92  GLN 92  87  87  GLN GLN A . n 
A 1 93  ASP 93  88  88  ASP ASP A . n 
A 1 94  LEU 94  89  89  LEU LEU A . n 
A 1 95  LYS 95  90  90  LYS LYS A . n 
A 1 96  ALA 96  91  91  ALA ALA A . n 
A 1 97  ALA 97  92  92  ALA ALA A . n 
A 1 98  ALA 98  93  93  ALA ALA A . n 
A 1 99  ARG 99  94  94  ARG ARG A . n 
A 1 100 CYS 100 95  95  CYS CYS A . n 
A 1 101 PHE 101 96  96  PHE PHE A . n 
A 1 102 LEU 102 97  97  LEU LEU A . n 
A 1 103 MET 103 98  98  MET MET A . n 
A 1 104 ALA 104 99  99  ALA ALA A . n 
A 1 105 CYS 105 100 100 CYS CYS A . n 
A 1 106 GLU 106 101 101 GLU GLU A . n 
A 1 107 LYS 107 102 102 LYS LYS A . n 
A 1 108 PRO 108 103 103 PRO PRO A . n 
A 1 109 GLY 109 104 104 GLY GLY A . n 
A 1 110 LYS 110 105 105 LYS LYS A . n 
A 1 111 LYS 111 106 106 LYS LYS A . n 
A 1 112 SER 112 107 107 SER SER A . n 
A 1 113 ILE 113 108 108 ILE ILE A . n 
A 1 114 ALA 114 109 109 ALA ALA A . n 
A 1 115 ALA 115 110 110 ALA ALA A . n 
A 1 116 CYS 116 111 111 CYS CYS A . n 
A 1 117 HIS 117 112 112 HIS HIS A . n 
A 1 118 ASN 118 113 113 ASN ASN A . n 
A 1 119 VAL 119 114 114 VAL VAL A . n 
A 1 120 GLY 120 115 115 GLY GLY A . n 
A 1 121 LEU 121 116 116 LEU LEU A . n 
A 1 122 LEU 122 117 117 LEU LEU A . n 
A 1 123 ALA 123 118 118 ALA ALA A . n 
A 1 124 HIS 124 119 119 HIS HIS A . n 
A 1 125 ASP 125 120 120 ASP ASP A . n 
A 1 126 GLY 126 121 121 GLY GLY A . n 
A 1 127 GLN 127 122 122 GLN GLN A . n 
A 1 128 VAL 128 123 123 VAL VAL A . n 
A 1 129 ASN 129 124 124 ASN ASN A . n 
A 1 130 GLU 130 125 125 GLU GLU A . n 
A 1 131 ASP 131 126 126 ASP ASP A . n 
A 1 132 GLY 132 127 127 GLY GLY A . n 
A 1 133 GLN 133 128 128 GLN GLN A . n 
A 1 134 PRO 134 129 129 PRO PRO A . n 
A 1 135 ASP 135 130 130 ASP ASP A . n 
A 1 136 LEU 136 131 131 LEU LEU A . n 
A 1 137 GLY 137 132 132 GLY GLY A . n 
A 1 138 LYS 138 133 133 LYS LYS A . n 
A 1 139 ALA 139 134 134 ALA ALA A . n 
A 1 140 ARG 140 135 135 ARG ARG A . n 
A 1 141 ASP 141 136 136 ASP ASP A . n 
A 1 142 TYR 142 137 137 TYR TYR A . n 
A 1 143 TYR 143 138 138 TYR TYR A . n 
A 1 144 THR 144 139 139 THR THR A . n 
A 1 145 ARG 145 140 140 ARG ARG A . n 
A 1 146 ALA 146 141 141 ALA ALA A . n 
A 1 147 CYS 147 142 142 CYS CYS A . n 
A 1 148 ASP 148 143 143 ASP ASP A . n 
A 1 149 GLY 149 144 144 GLY GLY A . n 
A 1 150 GLY 150 145 145 GLY GLY A . n 
A 1 151 TYR 151 146 146 TYR TYR A . n 
A 1 152 THR 152 147 147 THR THR A . n 
A 1 153 SER 153 148 148 SER SER A . n 
A 1 154 SER 154 149 149 SER SER A . n 
A 1 155 CYS 155 150 150 CYS CYS A . n 
A 1 156 PHE 156 151 151 PHE PHE A . n 
A 1 157 ASN 157 152 152 ASN ASN A . n 
A 1 158 LEU 158 153 153 LEU LEU A . n 
A 1 159 SER 159 154 154 SER SER A . n 
A 1 160 ALA 160 155 155 ALA ALA A . n 
A 1 161 MET 161 156 156 MET MET A . n 
A 1 162 PHE 162 157 157 PHE PHE A . n 
A 1 163 LEU 163 158 158 LEU LEU A . n 
A 1 164 GLN 164 159 159 GLN GLN A . n 
A 1 165 GLY 165 160 160 GLY GLY A . n 
A 1 166 ALA 166 161 161 ALA ALA A . n 
A 1 167 PRO 167 162 162 PRO PRO A . n 
A 1 168 GLY 168 163 163 GLY GLY A . n 
A 1 169 PHE 169 164 164 PHE PHE A . n 
A 1 170 PRO 170 165 165 PRO PRO A . n 
A 1 171 LYS 171 166 166 LYS LYS A . n 
A 1 172 ASP 172 167 167 ASP ASP A . n 
A 1 173 MET 173 168 168 MET MET A . n 
A 1 174 ASP 174 169 169 ASP ASP A . n 
A 1 175 LEU 175 170 170 LEU LEU A . n 
A 1 176 ALA 176 171 171 ALA ALA A . n 
A 1 177 CYS 177 172 172 CYS CYS A . n 
A 1 178 LYS 178 173 173 LYS LYS A . n 
A 1 179 TYR 179 174 174 TYR TYR A . n 
A 1 180 SER 180 175 175 SER SER A . n 
A 1 181 MET 181 176 176 MET MET A . n 
A 1 182 LYS 182 177 177 LYS LYS A . n 
A 1 183 ALA 183 178 178 ALA ALA A . n 
A 1 184 CYS 184 179 179 CYS CYS A . n 
A 1 185 ASP 185 180 180 ASP ASP A . n 
A 1 186 LEU 186 181 181 LEU LEU A . n 
A 1 187 GLY 187 182 182 GLY GLY A . n 
A 1 188 HIS 188 183 183 HIS HIS A . n 
A 1 189 ILE 189 184 184 ILE ILE A . n 
A 1 190 TRP 190 185 185 TRP TRP A . n 
A 1 191 ALA 191 186 186 ALA ALA A . n 
A 1 192 CYS 192 187 187 CYS CYS A . n 
A 1 193 ALA 193 188 188 ALA ALA A . n 
A 1 194 ASN 194 189 189 ASN ASN A . n 
A 1 195 ALA 195 190 190 ALA ALA A . n 
A 1 196 SER 196 191 191 SER SER A . n 
A 1 197 ARG 197 192 192 ARG ARG A . n 
A 1 198 MET 198 193 193 MET MET A . n 
A 1 199 TYR 199 194 194 TYR TYR A . n 
A 1 200 LYS 200 195 195 LYS LYS A . n 
A 1 201 LEU 201 196 196 LEU LEU A . n 
A 1 202 GLY 202 197 197 GLY GLY A . n 
A 1 203 ASP 203 198 198 ASP ASP A . n 
A 1 204 GLY 204 199 199 GLY GLY A . n 
A 1 205 VAL 205 200 200 VAL VAL A . n 
A 1 206 ASP 206 201 201 ASP ASP A . n 
A 1 207 LYS 207 202 202 LYS LYS A . n 
A 1 208 ASP 208 203 203 ASP ASP A . n 
A 1 209 GLU 209 204 204 GLU GLU A . n 
A 1 210 ALA 210 205 205 ALA ALA A . n 
A 1 211 LYS 211 206 206 LYS LYS A . n 
A 1 212 ALA 212 207 207 ALA ALA A . n 
A 1 213 GLU 213 208 208 GLU GLU A . n 
A 1 214 VAL 214 209 209 VAL VAL A . n 
A 1 215 LEU 215 210 210 LEU LEU A . n 
A 1 216 LYS 216 211 211 LYS LYS A . n 
A 1 217 ASN 217 212 212 ASN ASN A . n 
A 1 218 ARG 218 213 213 ARG ARG A . n 
A 1 219 ALA 219 214 214 ALA ALA A . n 
A 1 220 GLN 220 215 215 GLN GLN A . n 
A 1 221 GLN 221 216 216 GLN GLN A . n 
A 1 222 LEU 222 217 217 LEU LEU A . n 
A 1 223 HIS 223 218 218 HIS HIS A . n 
A 1 224 LYS 224 219 ?   ?   ?   A . n 
A 1 225 GLU 225 220 ?   ?   ?   A . n 
A 1 226 GLN 226 221 ?   ?   ?   A . n 
A 1 227 GLN 227 222 ?   ?   ?   A . n 
A 1 228 LYS 228 223 ?   ?   ?   A . n 
A 1 229 GLY 229 224 ?   ?   ?   A . n 
A 1 230 VAL 230 225 ?   ?   ?   A . n 
A 1 231 GLN 231 226 ?   ?   ?   A . n 
A 1 232 PRO 232 227 ?   ?   ?   A . n 
A 1 233 LEU 233 228 ?   ?   ?   A . n 
A 1 234 THR 234 229 ?   ?   ?   A . n 
A 1 235 PHE 235 230 ?   ?   ?   A . n 
A 1 236 GLY 236 231 ?   ?   ?   A . n 
# 
loop_
_pdbx_nonpoly_scheme.asym_id 
_pdbx_nonpoly_scheme.entity_id 
_pdbx_nonpoly_scheme.mon_id 
_pdbx_nonpoly_scheme.ndb_seq_num 
_pdbx_nonpoly_scheme.pdb_seq_num 
_pdbx_nonpoly_scheme.auth_seq_num 
_pdbx_nonpoly_scheme.pdb_mon_id 
_pdbx_nonpoly_scheme.auth_mon_id 
_pdbx_nonpoly_scheme.pdb_strand_id 
_pdbx_nonpoly_scheme.pdb_ins_code 
B 2 HOH 1 301 301 HOH HOH A . 
B 2 HOH 2 302 302 HOH HOH A . 
B 2 HOH 3 303 303 HOH HOH A . 
B 2 HOH 4 304 304 HOH HOH A . 
B 2 HOH 5 305 305 HOH HOH A . 
# 
loop_
_pdbx_unobs_or_zero_occ_atoms.id 
_pdbx_unobs_or_zero_occ_atoms.PDB_model_num 
_pdbx_unobs_or_zero_occ_atoms.polymer_flag 
_pdbx_unobs_or_zero_occ_atoms.occupancy_flag 
_pdbx_unobs_or_zero_occ_atoms.auth_asym_id 
_pdbx_unobs_or_zero_occ_atoms.auth_comp_id 
_pdbx_unobs_or_zero_occ_atoms.auth_seq_id 
_pdbx_unobs_or_zero_occ_atoms.PDB_ins_code 
_pdbx_unobs_or_zero_occ_atoms.auth_atom_id 
_pdbx_unobs_or_zero_occ_atoms.label_alt_id 
_pdbx_unobs_or_zero_occ_atoms.label_asym_id 
_pdbx_unobs_or_zero_occ_atoms.label_comp_id 
_pdbx_unobs_or_zero_occ_atoms.label_seq_id 
_pdbx_unobs_or_zero_occ_atoms.label_atom_id 
1  1 Y 1 A ARG 192 ? CG  ? A ARG 197 CG  
2  1 Y 1 A ARG 192 ? CD  ? A ARG 197 CD  
3  1 Y 1 A ARG 192 ? NE  ? A ARG 197 NE  
4  1 Y 1 A ARG 192 ? CZ  ? A ARG 197 CZ  
5  1 Y 1 A ARG 192 ? NH1 ? A ARG 197 NH1 
6  1 Y 1 A ARG 192 ? NH2 ? A ARG 197 NH2 
7  1 Y 1 A LYS 206 ? CD  ? A LYS 211 CD  
8  1 Y 1 A LYS 206 ? CE  ? A LYS 211 CE  
9  1 Y 1 A LYS 206 ? NZ  ? A LYS 211 NZ  
10 1 Y 1 A GLU 208 ? CD  ? A GLU 213 CD  
11 1 Y 1 A GLU 208 ? OE1 ? A GLU 213 OE1 
12 1 Y 1 A GLU 208 ? OE2 ? A GLU 213 OE2 
# 
loop_
_software.citation_id 
_software.classification 
_software.compiler_name 
_software.compiler_version 
_software.contact_author 
_software.contact_author_email 
_software.date 
_software.description 
_software.dependencies 
_software.hardware 
_software.language 
_software.location 
_software.mods 
_software.name 
_software.os 
_software.os_version 
_software.type 
_software.version 
_software.pdbx_ordinal 
? 'data scaling'    ? ? ? ? ? ? ? ? ? ? ? Aimless     ? ? ? 0.7.1    1 
? refinement        ? ? ? ? ? ? ? ? ? ? ? REFMAC      ? ? ? 5.8.0158 2 
? 'data extraction' ? ? ? ? ? ? ? ? ? ? ? PDB_EXTRACT ? ? ? 3.25     3 
? 'data reduction'  ? ? ? ? ? ? ? ? ? ? ? XDS         ? ? ? .        4 
? phasing           ? ? ? ? ? ? ? ? ? ? ? PHASER      ? ? ? .        5 
# 
_cell.angle_alpha                  90.000 
_cell.angle_alpha_esd              ? 
_cell.angle_beta                   90.000 
_cell.angle_beta_esd               ? 
_cell.angle_gamma                  90.000 
_cell.angle_gamma_esd              ? 
_cell.entry_id                     7MQZ 
_cell.details                      ? 
_cell.formula_units_Z              ? 
_cell.length_a                     100.010 
_cell.length_a_esd                 ? 
_cell.length_b                     100.010 
_cell.length_b_esd                 ? 
_cell.length_c                     50.343 
_cell.length_c_esd                 ? 
_cell.volume                       ? 
_cell.volume_esd                   ? 
_cell.Z_PDB                        8 
_cell.reciprocal_angle_alpha       ? 
_cell.reciprocal_angle_beta        ? 
_cell.reciprocal_angle_gamma       ? 
_cell.reciprocal_angle_alpha_esd   ? 
_cell.reciprocal_angle_beta_esd    ? 
_cell.reciprocal_angle_gamma_esd   ? 
_cell.reciprocal_length_a          ? 
_cell.reciprocal_length_b          ? 
_cell.reciprocal_length_c          ? 
_cell.reciprocal_length_a_esd      ? 
_cell.reciprocal_length_b_esd      ? 
_cell.reciprocal_length_c_esd      ? 
_cell.pdbx_unique_axis             ? 
# 
_symmetry.entry_id                         7MQZ 
_symmetry.cell_setting                     ? 
_symmetry.Int_Tables_number                80 
_symmetry.space_group_name_Hall            ? 
_symmetry.space_group_name_H-M             'I 41' 
_symmetry.pdbx_full_space_group_name_H-M   ? 
# 
_exptl.absorpt_coefficient_mu     ? 
_exptl.absorpt_correction_T_max   ? 
_exptl.absorpt_correction_T_min   ? 
_exptl.absorpt_correction_type    ? 
_exptl.absorpt_process_details    ? 
_exptl.entry_id                   7MQZ 
_exptl.crystals_number            1 
_exptl.details                    ? 
_exptl.method                     'X-RAY DIFFRACTION' 
_exptl.method_details             ? 
# 
_exptl_crystal.colour                      ? 
_exptl_crystal.density_diffrn              ? 
_exptl_crystal.density_Matthews            2.44 
_exptl_crystal.density_method              ? 
_exptl_crystal.density_percent_sol         49.69 
_exptl_crystal.description                 ? 
_exptl_crystal.F_000                       ? 
_exptl_crystal.id                          1 
_exptl_crystal.preparation                 ? 
_exptl_crystal.size_max                    ? 
_exptl_crystal.size_mid                    ? 
_exptl_crystal.size_min                    ? 
_exptl_crystal.size_rad                    ? 
_exptl_crystal.colour_lustre               ? 
_exptl_crystal.colour_modifier             ? 
_exptl_crystal.colour_primary              ? 
_exptl_crystal.density_meas                ? 
_exptl_crystal.density_meas_esd            ? 
_exptl_crystal.density_meas_gt             ? 
_exptl_crystal.density_meas_lt             ? 
_exptl_crystal.density_meas_temp           ? 
_exptl_crystal.density_meas_temp_esd       ? 
_exptl_crystal.density_meas_temp_gt        ? 
_exptl_crystal.density_meas_temp_lt        ? 
_exptl_crystal.pdbx_crystal_image_url      ? 
_exptl_crystal.pdbx_crystal_image_format   ? 
_exptl_crystal.pdbx_mosaicity              ? 
_exptl_crystal.pdbx_mosaicity_esd          ? 
# 
_exptl_crystal_grow.apparatus       ? 
_exptl_crystal_grow.atmosphere      ? 
_exptl_crystal_grow.crystal_id      1 
_exptl_crystal_grow.details         ? 
_exptl_crystal_grow.method          'VAPOR DIFFUSION, HANGING DROP' 
_exptl_crystal_grow.method_ref      ? 
_exptl_crystal_grow.pH              ? 
_exptl_crystal_grow.pressure        ? 
_exptl_crystal_grow.pressure_esd    ? 
_exptl_crystal_grow.seeding         ? 
_exptl_crystal_grow.seeding_ref     ? 
_exptl_crystal_grow.temp            293 
_exptl_crystal_grow.temp_details    ? 
_exptl_crystal_grow.temp_esd        ? 
_exptl_crystal_grow.time            ? 
_exptl_crystal_grow.pdbx_details    
'0.23 M MES sodium, pH 6.72, 2.35 M ammonium sulfate, 8.2% v/v ethanol, 4% v/v pentaerythritol ethoxylate (3/4 EO/OH)' 
_exptl_crystal_grow.pdbx_pH_range   ? 
# 
_diffrn.ambient_environment              ? 
_diffrn.ambient_temp                     100 
_diffrn.ambient_temp_details             ? 
_diffrn.ambient_temp_esd                 ? 
_diffrn.crystal_id                       1 
_diffrn.crystal_support                  ? 
_diffrn.crystal_treatment                ? 
_diffrn.details                          ? 
_diffrn.id                               1 
_diffrn.ambient_pressure                 ? 
_diffrn.ambient_pressure_esd             ? 
_diffrn.ambient_pressure_gt              ? 
_diffrn.ambient_pressure_lt              ? 
_diffrn.ambient_temp_gt                  ? 
_diffrn.ambient_temp_lt                  ? 
_diffrn.pdbx_serial_crystal_experiment   N 
# 
_diffrn_detector.details                      ? 
_diffrn_detector.detector                     PIXEL 
_diffrn_detector.diffrn_id                    1 
_diffrn_detector.type                         'DECTRIS EIGER X 16M' 
_diffrn_detector.area_resol_mean              ? 
_diffrn_detector.dtime                        ? 
_diffrn_detector.pdbx_frames_total            ? 
_diffrn_detector.pdbx_collection_time_total   ? 
_diffrn_detector.pdbx_collection_date         2018-09-12 
_diffrn_detector.pdbx_frequency               ? 
# 
_diffrn_radiation.collimation                      ? 
_diffrn_radiation.diffrn_id                        1 
_diffrn_radiation.filter_edge                      ? 
_diffrn_radiation.inhomogeneity                    ? 
_diffrn_radiation.monochromator                    ? 
_diffrn_radiation.polarisn_norm                    ? 
_diffrn_radiation.polarisn_ratio                   ? 
_diffrn_radiation.probe                            ? 
_diffrn_radiation.type                             ? 
_diffrn_radiation.xray_symbol                      ? 
_diffrn_radiation.wavelength_id                    1 
_diffrn_radiation.pdbx_monochromatic_or_laue_m_l   M 
_diffrn_radiation.pdbx_wavelength_list             ? 
_diffrn_radiation.pdbx_wavelength                  ? 
_diffrn_radiation.pdbx_diffrn_protocol             'SINGLE WAVELENGTH' 
_diffrn_radiation.pdbx_analyzer                    ? 
_diffrn_radiation.pdbx_scattering_type             x-ray 
# 
_diffrn_radiation_wavelength.id           1 
_diffrn_radiation_wavelength.wavelength   0.9536 
_diffrn_radiation_wavelength.wt           1.0 
# 
_diffrn_source.current                     ? 
_diffrn_source.details                     ? 
_diffrn_source.diffrn_id                   1 
_diffrn_source.power                       ? 
_diffrn_source.size                        ? 
_diffrn_source.source                      SYNCHROTRON 
_diffrn_source.target                      ? 
_diffrn_source.type                        'AUSTRALIAN SYNCHROTRON BEAMLINE MX2' 
_diffrn_source.voltage                     ? 
_diffrn_source.take-off_angle              ? 
_diffrn_source.pdbx_wavelength_list        0.9536 
_diffrn_source.pdbx_wavelength             ? 
_diffrn_source.pdbx_synchrotron_beamline   MX2 
_diffrn_source.pdbx_synchrotron_site       'Australian Synchrotron' 
# 
_reflns.B_iso_Wilson_estimate                          ? 
_reflns.entry_id                                       7MQZ 
_reflns.data_reduction_details                         ? 
_reflns.data_reduction_method                          ? 
_reflns.d_resolution_high                              2.390 
_reflns.d_resolution_low                               44.970 
_reflns.details                                        ? 
_reflns.limit_h_max                                    ? 
_reflns.limit_h_min                                    ? 
_reflns.limit_k_max                                    ? 
_reflns.limit_k_min                                    ? 
_reflns.limit_l_max                                    ? 
_reflns.limit_l_min                                    ? 
_reflns.number_all                                     ? 
_reflns.number_obs                                     10025 
_reflns.observed_criterion                             ? 
_reflns.observed_criterion_F_max                       ? 
_reflns.observed_criterion_F_min                       ? 
_reflns.observed_criterion_I_max                       ? 
_reflns.observed_criterion_I_min                       ? 
_reflns.observed_criterion_sigma_F                     ? 
_reflns.observed_criterion_sigma_I                     ? 
_reflns.percent_possible_obs                           99.700 
_reflns.R_free_details                                 ? 
_reflns.Rmerge_F_all                                   ? 
_reflns.Rmerge_F_obs                                   ? 
_reflns.Friedel_coverage                               ? 
_reflns.number_gt                                      ? 
_reflns.threshold_expression                           ? 
_reflns.pdbx_redundancy                                6.800 
_reflns.pdbx_Rmerge_I_obs                              0.093 
_reflns.pdbx_Rmerge_I_all                              ? 
_reflns.pdbx_Rsym_value                                ? 
_reflns.pdbx_netI_over_av_sigmaI                       ? 
_reflns.pdbx_netI_over_sigmaI                          10.500 
_reflns.pdbx_res_netI_over_av_sigmaI_2                 ? 
_reflns.pdbx_res_netI_over_sigmaI_2                    ? 
_reflns.pdbx_chi_squared                               ? 
_reflns.pdbx_scaling_rejects                           4 
_reflns.pdbx_d_res_high_opt                            ? 
_reflns.pdbx_d_res_low_opt                             ? 
_reflns.pdbx_d_res_opt_method                          ? 
_reflns.phase_calculation_details                      ? 
_reflns.pdbx_Rrim_I_all                                0.101 
_reflns.pdbx_Rpim_I_all                                0.039 
_reflns.pdbx_d_opt                                     ? 
_reflns.pdbx_number_measured_all                       68093 
_reflns.pdbx_diffrn_id                                 1 
_reflns.pdbx_ordinal                                   1 
_reflns.pdbx_CC_half                                   0.998 
_reflns.pdbx_CC_star                                   ? 
_reflns.pdbx_R_split                                   ? 
_reflns.pdbx_aniso_diffraction_limit_axis_1_ortho[1]   ? 
_reflns.pdbx_aniso_diffraction_limit_axis_1_ortho[2]   ? 
_reflns.pdbx_aniso_diffraction_limit_axis_1_ortho[3]   ? 
_reflns.pdbx_aniso_diffraction_limit_axis_2_ortho[1]   ? 
_reflns.pdbx_aniso_diffraction_limit_axis_2_ortho[2]   ? 
_reflns.pdbx_aniso_diffraction_limit_axis_2_ortho[3]   ? 
_reflns.pdbx_aniso_diffraction_limit_axis_3_ortho[1]   ? 
_reflns.pdbx_aniso_diffraction_limit_axis_3_ortho[2]   ? 
_reflns.pdbx_aniso_diffraction_limit_axis_3_ortho[3]   ? 
_reflns.pdbx_aniso_diffraction_limit_1                 ? 
_reflns.pdbx_aniso_diffraction_limit_2                 ? 
_reflns.pdbx_aniso_diffraction_limit_3                 ? 
_reflns.pdbx_aniso_B_tensor_eigenvector_1_ortho[1]     ? 
_reflns.pdbx_aniso_B_tensor_eigenvector_1_ortho[2]     ? 
_reflns.pdbx_aniso_B_tensor_eigenvector_1_ortho[3]     ? 
_reflns.pdbx_aniso_B_tensor_eigenvector_2_ortho[1]     ? 
_reflns.pdbx_aniso_B_tensor_eigenvector_2_ortho[2]     ? 
_reflns.pdbx_aniso_B_tensor_eigenvector_2_ortho[3]     ? 
_reflns.pdbx_aniso_B_tensor_eigenvector_3_ortho[1]     ? 
_reflns.pdbx_aniso_B_tensor_eigenvector_3_ortho[2]     ? 
_reflns.pdbx_aniso_B_tensor_eigenvector_3_ortho[3]     ? 
_reflns.pdbx_aniso_B_tensor_eigenvalue_1               ? 
_reflns.pdbx_aniso_B_tensor_eigenvalue_2               ? 
_reflns.pdbx_aniso_B_tensor_eigenvalue_3               ? 
_reflns.pdbx_orthogonalization_convention              ? 
_reflns.pdbx_percent_possible_ellipsoidal              ? 
_reflns.pdbx_percent_possible_spherical                ? 
_reflns.pdbx_percent_possible_ellipsoidal_anomalous    ? 
_reflns.pdbx_percent_possible_spherical_anomalous      ? 
_reflns.pdbx_redundancy_anomalous                      ? 
_reflns.pdbx_CC_half_anomalous                         ? 
_reflns.pdbx_absDiff_over_sigma_anomalous              ? 
_reflns.pdbx_percent_possible_anomalous                ? 
_reflns.pdbx_observed_signal_threshold                 ? 
_reflns.pdbx_signal_type                               ? 
_reflns.pdbx_signal_details                            ? 
_reflns.pdbx_signal_software_id                        ? 
# 
_reflns_shell.d_res_high                                    2.390 
_reflns_shell.d_res_low                                     2.480 
_reflns_shell.meanI_over_sigI_all                           ? 
_reflns_shell.meanI_over_sigI_obs                           ? 
_reflns_shell.number_measured_all                           ? 
_reflns_shell.number_measured_obs                           ? 
_reflns_shell.number_possible                               ? 
_reflns_shell.number_unique_all                             ? 
_reflns_shell.number_unique_obs                             1012 
_reflns_shell.percent_possible_all                          96.900 
_reflns_shell.percent_possible_obs                          ? 
_reflns_shell.Rmerge_F_all                                  ? 
_reflns_shell.Rmerge_F_obs                                  ? 
_reflns_shell.Rmerge_I_all                                  ? 
_reflns_shell.Rmerge_I_obs                                  0.730 
_reflns_shell.meanI_over_sigI_gt                            ? 
_reflns_shell.meanI_over_uI_all                             ? 
_reflns_shell.meanI_over_uI_gt                              ? 
_reflns_shell.number_measured_gt                            ? 
_reflns_shell.number_unique_gt                              ? 
_reflns_shell.percent_possible_gt                           ? 
_reflns_shell.Rmerge_F_gt                                   ? 
_reflns_shell.Rmerge_I_gt                                   ? 
_reflns_shell.pdbx_redundancy                               6.700 
_reflns_shell.pdbx_Rsym_value                               ? 
_reflns_shell.pdbx_chi_squared                              ? 
_reflns_shell.pdbx_netI_over_sigmaI_all                     ? 
_reflns_shell.pdbx_netI_over_sigmaI_obs                     ? 
_reflns_shell.pdbx_Rrim_I_all                               0.791 
_reflns_shell.pdbx_Rpim_I_all                               0.301 
_reflns_shell.pdbx_rejects                                  ? 
_reflns_shell.pdbx_ordinal                                  1 
_reflns_shell.pdbx_diffrn_id                                1 
_reflns_shell.pdbx_CC_half                                  0.816 
_reflns_shell.pdbx_CC_star                                  ? 
_reflns_shell.pdbx_R_split                                  ? 
_reflns_shell.pdbx_percent_possible_ellipsoidal             ? 
_reflns_shell.pdbx_percent_possible_spherical               ? 
_reflns_shell.pdbx_percent_possible_ellipsoidal_anomalous   ? 
_reflns_shell.pdbx_percent_possible_spherical_anomalous     ? 
_reflns_shell.pdbx_redundancy_anomalous                     ? 
_reflns_shell.pdbx_CC_half_anomalous                        ? 
_reflns_shell.pdbx_absDiff_over_sigma_anomalous             ? 
_reflns_shell.pdbx_percent_possible_anomalous               ? 
# 
_refine.aniso_B[1][1]                            -2.0900 
_refine.aniso_B[1][2]                            0.0000 
_refine.aniso_B[1][3]                            0.0000 
_refine.aniso_B[2][2]                            -2.0900 
_refine.aniso_B[2][3]                            0.0000 
_refine.aniso_B[3][3]                            4.1900 
_refine.B_iso_max                                109.800 
_refine.B_iso_mean                               56.7990 
_refine.B_iso_min                                31.260 
_refine.correlation_coeff_Fo_to_Fc               0.9490 
_refine.correlation_coeff_Fo_to_Fc_free          0.9160 
_refine.details                                  
'HYDROGENS HAVE BEEN ADDED IN THE RIDING POSITIONS U VALUES      : REFINED INDIVIDUALLY' 
_refine.diff_density_max                         ? 
_refine.diff_density_max_esd                     ? 
_refine.diff_density_min                         ? 
_refine.diff_density_min_esd                     ? 
_refine.diff_density_rms                         ? 
_refine.diff_density_rms_esd                     ? 
_refine.entry_id                                 7MQZ 
_refine.pdbx_refine_id                           'X-RAY DIFFRACTION' 
_refine.ls_abs_structure_details                 ? 
_refine.ls_abs_structure_Flack                   ? 
_refine.ls_abs_structure_Flack_esd               ? 
_refine.ls_abs_structure_Rogers                  ? 
_refine.ls_abs_structure_Rogers_esd              ? 
_refine.ls_d_res_high                            2.3900 
_refine.ls_d_res_low                             44.97 
_refine.ls_extinction_coef                       ? 
_refine.ls_extinction_coef_esd                   ? 
_refine.ls_extinction_expression                 ? 
_refine.ls_extinction_method                     ? 
_refine.ls_goodness_of_fit_all                   ? 
_refine.ls_goodness_of_fit_all_esd               ? 
_refine.ls_goodness_of_fit_obs                   ? 
_refine.ls_goodness_of_fit_obs_esd               ? 
_refine.ls_hydrogen_treatment                    ? 
_refine.ls_matrix_type                           ? 
_refine.ls_number_constraints                    ? 
_refine.ls_number_parameters                     ? 
_refine.ls_number_reflns_all                     ? 
_refine.ls_number_reflns_obs                     10025 
_refine.ls_number_reflns_R_free                  521 
_refine.ls_number_reflns_R_work                  ? 
_refine.ls_number_restraints                     ? 
_refine.ls_percent_reflns_obs                    99.6400 
_refine.ls_percent_reflns_R_free                 5.2000 
_refine.ls_R_factor_all                          ? 
_refine.ls_R_factor_obs                          0.2077 
_refine.ls_R_factor_R_free                       0.2548 
_refine.ls_R_factor_R_free_error                 ? 
_refine.ls_R_factor_R_free_error_details         ? 
_refine.ls_R_factor_R_work                       0.2052 
_refine.ls_R_Fsqd_factor_obs                     ? 
_refine.ls_R_I_factor_obs                        ? 
_refine.ls_redundancy_reflns_all                 ? 
_refine.ls_redundancy_reflns_obs                 ? 
_refine.ls_restrained_S_all                      ? 
_refine.ls_restrained_S_obs                      ? 
_refine.ls_shift_over_esd_max                    ? 
_refine.ls_shift_over_esd_mean                   ? 
_refine.ls_structure_factor_coef                 ? 
_refine.ls_weighting_details                     ? 
_refine.ls_weighting_scheme                      ? 
_refine.ls_wR_factor_all                         ? 
_refine.ls_wR_factor_obs                         ? 
_refine.ls_wR_factor_R_free                      ? 
_refine.ls_wR_factor_R_work                      ? 
_refine.occupancy_max                            ? 
_refine.occupancy_min                            ? 
_refine.solvent_model_details                    ? 
_refine.solvent_model_param_bsol                 ? 
_refine.solvent_model_param_ksol                 ? 
_refine.pdbx_R_complete                          ? 
_refine.ls_R_factor_gt                           ? 
_refine.ls_goodness_of_fit_gt                    ? 
_refine.ls_goodness_of_fit_ref                   ? 
_refine.ls_shift_over_su_max                     ? 
_refine.ls_shift_over_su_max_lt                  ? 
_refine.ls_shift_over_su_mean                    ? 
_refine.ls_shift_over_su_mean_lt                 ? 
_refine.pdbx_ls_sigma_I                          ? 
_refine.pdbx_ls_sigma_F                          0.000 
_refine.pdbx_ls_sigma_Fsqd                       ? 
_refine.pdbx_data_cutoff_high_absF               ? 
_refine.pdbx_data_cutoff_high_rms_absF           ? 
_refine.pdbx_data_cutoff_low_absF                ? 
_refine.pdbx_isotropic_thermal_model             ? 
_refine.pdbx_ls_cross_valid_method               THROUGHOUT 
_refine.pdbx_method_to_determine_struct          'MOLECULAR REPLACEMENT' 
_refine.pdbx_starting_model                      'PDB entry 1OUV' 
_refine.pdbx_stereochemistry_target_values       ? 
_refine.pdbx_R_Free_selection_details            RANDOM 
_refine.pdbx_stereochem_target_val_spec_case     ? 
_refine.pdbx_overall_ESU_R                       0.3640 
_refine.pdbx_overall_ESU_R_Free                  0.2560 
_refine.pdbx_solvent_vdw_probe_radii             1.2000 
_refine.pdbx_solvent_ion_probe_radii             0.8000 
_refine.pdbx_solvent_shrinkage_radii             0.8000 
_refine.pdbx_real_space_R                        ? 
_refine.pdbx_density_correlation                 ? 
_refine.pdbx_pd_number_of_powder_patterns        ? 
_refine.pdbx_pd_number_of_points                 ? 
_refine.pdbx_pd_meas_number_of_points            ? 
_refine.pdbx_pd_proc_ls_prof_R_factor            ? 
_refine.pdbx_pd_proc_ls_prof_wR_factor           ? 
_refine.pdbx_pd_Marquardt_correlation_coeff      ? 
_refine.pdbx_pd_Fsqrd_R_factor                   ? 
_refine.pdbx_pd_ls_matrix_band_width             ? 
_refine.pdbx_overall_phase_error                 ? 
_refine.pdbx_overall_SU_R_free_Cruickshank_DPI   ? 
_refine.pdbx_overall_SU_R_free_Blow_DPI          ? 
_refine.pdbx_overall_SU_R_Blow_DPI               ? 
_refine.pdbx_TLS_residual_ADP_flag               ? 
_refine.pdbx_diffrn_id                           1 
_refine.overall_SU_B                             10.2940 
_refine.overall_SU_ML                            0.2300 
_refine.overall_SU_R_Cruickshank_DPI             ? 
_refine.overall_SU_R_free                        ? 
_refine.overall_FOM_free_R_set                   ? 
_refine.overall_FOM_work_R_set                   ? 
_refine.pdbx_average_fsc_overall                 ? 
_refine.pdbx_average_fsc_work                    ? 
_refine.pdbx_average_fsc_free                    ? 
# 
_refine_hist.pdbx_refine_id                   'X-RAY DIFFRACTION' 
_refine_hist.cycle_id                         final 
_refine_hist.details                          ? 
_refine_hist.d_res_high                       2.3900 
_refine_hist.d_res_low                        44.97 
_refine_hist.number_atoms_solvent             5 
_refine_hist.number_atoms_total               1616 
_refine_hist.number_reflns_all                ? 
_refine_hist.number_reflns_obs                ? 
_refine_hist.number_reflns_R_free             ? 
_refine_hist.number_reflns_R_work             ? 
_refine_hist.R_factor_all                     ? 
_refine_hist.R_factor_obs                     ? 
_refine_hist.R_factor_R_free                  ? 
_refine_hist.R_factor_R_work                  ? 
_refine_hist.pdbx_number_residues_total       209 
_refine_hist.pdbx_B_iso_mean_ligand           ? 
_refine_hist.pdbx_B_iso_mean_solvent          48.43 
_refine_hist.pdbx_number_atoms_protein        1611 
_refine_hist.pdbx_number_atoms_nucleic_acid   0 
_refine_hist.pdbx_number_atoms_ligand         0 
_refine_hist.pdbx_number_atoms_lipid          ? 
_refine_hist.pdbx_number_atoms_carb           ? 
_refine_hist.pdbx_pseudo_atom_details         ? 
# 
loop_
_refine_ls_restr.pdbx_refine_id 
_refine_ls_restr.criterion 
_refine_ls_restr.dev_ideal 
_refine_ls_restr.dev_ideal_target 
_refine_ls_restr.number 
_refine_ls_restr.rejects 
_refine_ls_restr.type 
_refine_ls_restr.weight 
_refine_ls_restr.pdbx_restraint_function 
'X-RAY DIFFRACTION' ? 0.010  0.019  1648 ? r_bond_refined_d       ? ? 
'X-RAY DIFFRACTION' ? 0.001  0.020  1451 ? r_bond_other_d         ? ? 
'X-RAY DIFFRACTION' ? 1.301  1.952  2218 ? r_angle_refined_deg    ? ? 
'X-RAY DIFFRACTION' ? 0.913  3.000  3389 ? r_angle_other_deg      ? ? 
'X-RAY DIFFRACTION' ? 5.845  5.000  208  ? r_dihedral_angle_1_deg ? ? 
'X-RAY DIFFRACTION' ? 36.724 25.185 81   ? r_dihedral_angle_2_deg ? ? 
'X-RAY DIFFRACTION' ? 17.219 15.000 283  ? r_dihedral_angle_3_deg ? ? 
'X-RAY DIFFRACTION' ? 17.447 15.000 6    ? r_dihedral_angle_4_deg ? ? 
'X-RAY DIFFRACTION' ? 0.069  0.200  225  ? r_chiral_restr         ? ? 
'X-RAY DIFFRACTION' ? 0.005  0.020  1880 ? r_gen_planes_refined   ? ? 
'X-RAY DIFFRACTION' ? 0.001  0.020  330  ? r_gen_planes_other     ? ? 
# 
_refine_ls_shell.pdbx_refine_id                   'X-RAY DIFFRACTION' 
_refine_ls_shell.d_res_high                       2.4 
_refine_ls_shell.d_res_low                        2.4480 
_refine_ls_shell.number_reflns_all                ? 
_refine_ls_shell.number_reflns_obs                ? 
_refine_ls_shell.number_reflns_R_free             34 
_refine_ls_shell.number_reflns_R_work             658 
_refine_ls_shell.percent_reflns_obs               95.4500 
_refine_ls_shell.percent_reflns_R_free            ? 
_refine_ls_shell.R_factor_all                     ? 
_refine_ls_shell.R_factor_obs                     ? 
_refine_ls_shell.R_factor_R_free                  0.3590 
_refine_ls_shell.R_factor_R_free_error            0.0000 
_refine_ls_shell.R_factor_R_work                  0.2910 
_refine_ls_shell.redundancy_reflns_all            ? 
_refine_ls_shell.redundancy_reflns_obs            ? 
_refine_ls_shell.wR_factor_all                    ? 
_refine_ls_shell.wR_factor_obs                    ? 
_refine_ls_shell.wR_factor_R_free                 ? 
_refine_ls_shell.wR_factor_R_work                 ? 
_refine_ls_shell.pdbx_R_complete                  ? 
_refine_ls_shell.pdbx_total_number_of_bins_used   ? 
_refine_ls_shell.pdbx_phase_error                 ? 
_refine_ls_shell.pdbx_fsc_work                    ? 
_refine_ls_shell.pdbx_fsc_free                    ? 
# 
_struct.entry_id                     7MQZ 
_struct.title                        'Cytochrome c oxidase assembly factor 7' 
_struct.pdbx_model_details           ? 
_struct.pdbx_formula_weight          ? 
_struct.pdbx_formula_weight_method   ? 
_struct.pdbx_model_type_details      ? 
_struct.pdbx_CASP_flag               N 
# 
_struct_keywords.entry_id        7MQZ 
_struct_keywords.text            'Mitochondria, Complex IV assembly factor, ELECTRON TRANSPORT' 
_struct_keywords.pdbx_keywords   'ELECTRON TRANSPORT' 
# 
loop_
_struct_asym.id 
_struct_asym.pdbx_blank_PDB_chainid_flag 
_struct_asym.pdbx_modified 
_struct_asym.entity_id 
_struct_asym.details 
A N N 1 ? 
B N N 2 ? 
# 
_struct_ref.id                         1 
_struct_ref.db_name                    UNP 
_struct_ref.db_code                    COA7_HUMAN 
_struct_ref.pdbx_db_accession          Q96BR5 
_struct_ref.pdbx_db_isoform            ? 
_struct_ref.entity_id                  1 
_struct_ref.pdbx_seq_one_letter_code   
;MAGMVDFQDEEQVKSFLENMEVECNYHCYHEKDPDGCYRLVDYLEGIRKNFDEAAKVLKFNCEENQHSDSCYKLGAYYVT
GKGGLTQDLKAAARCFLMACEKPGKKSIAACHNVGLLAHDGQVNEDGQPDLGKARDYYTRACDGGYTSSCFNLSAMFLQG
APGFPKDMDLACKYSMKACDLGHIWACANASRMYKLGDGVDKDEAKAEVLKNRAQQLHKEQQKGVQPLTFG
;
_struct_ref.pdbx_align_begin           1 
# 
_struct_ref_seq.align_id                      1 
_struct_ref_seq.ref_id                        1 
_struct_ref_seq.pdbx_PDB_id_code              7MQZ 
_struct_ref_seq.pdbx_strand_id                A 
_struct_ref_seq.seq_align_beg                 6 
_struct_ref_seq.pdbx_seq_align_beg_ins_code   ? 
_struct_ref_seq.seq_align_end                 236 
_struct_ref_seq.pdbx_seq_align_end_ins_code   ? 
_struct_ref_seq.pdbx_db_accession             Q96BR5 
_struct_ref_seq.db_align_beg                  1 
_struct_ref_seq.pdbx_db_align_beg_ins_code    ? 
_struct_ref_seq.db_align_end                  231 
_struct_ref_seq.pdbx_db_align_end_ins_code    ? 
_struct_ref_seq.pdbx_auth_seq_align_beg       1 
_struct_ref_seq.pdbx_auth_seq_align_end       231 
# 
loop_
_struct_ref_seq_dif.align_id 
_struct_ref_seq_dif.pdbx_pdb_id_code 
_struct_ref_seq_dif.mon_id 
_struct_ref_seq_dif.pdbx_pdb_strand_id 
_struct_ref_seq_dif.seq_num 
_struct_ref_seq_dif.pdbx_pdb_ins_code 
_struct_ref_seq_dif.pdbx_seq_db_name 
_struct_ref_seq_dif.pdbx_seq_db_accession_code 
_struct_ref_seq_dif.db_mon_id 
_struct_ref_seq_dif.pdbx_seq_db_seq_num 
_struct_ref_seq_dif.details 
_struct_ref_seq_dif.pdbx_auth_seq_num 
_struct_ref_seq_dif.pdbx_ordinal 
1 7MQZ GLY A 1 ? UNP Q96BR5 ? ? 'expression tag' -4 1 
1 7MQZ PRO A 2 ? UNP Q96BR5 ? ? 'expression tag' -3 2 
1 7MQZ LEU A 3 ? UNP Q96BR5 ? ? 'expression tag' -2 3 
1 7MQZ GLY A 4 ? UNP Q96BR5 ? ? 'expression tag' -1 4 
1 7MQZ SER A 5 ? UNP Q96BR5 ? ? 'expression tag' 0  5 
# 
_pdbx_struct_assembly.id                   1 
_pdbx_struct_assembly.details              author_and_software_defined_assembly 
_pdbx_struct_assembly.method_details       PISA 
_pdbx_struct_assembly.oligomeric_details   monomeric 
_pdbx_struct_assembly.oligomeric_count     1 
# 
loop_
_pdbx_struct_assembly_prop.biol_id 
_pdbx_struct_assembly_prop.type 
_pdbx_struct_assembly_prop.value 
_pdbx_struct_assembly_prop.details 
1 'ABSA (A^2)' 0     ? 
1 MORE         0     ? 
1 'SSA (A^2)'  11480 ? 
# 
_pdbx_struct_assembly_gen.assembly_id       1 
_pdbx_struct_assembly_gen.oper_expression   1 
_pdbx_struct_assembly_gen.asym_id_list      A,B 
# 
_pdbx_struct_assembly_auth_evidence.id                     1 
_pdbx_struct_assembly_auth_evidence.assembly_id            1 
_pdbx_struct_assembly_auth_evidence.experimental_support   'gel filtration' 
_pdbx_struct_assembly_auth_evidence.details                ? 
# 
_pdbx_struct_oper_list.id                   1 
_pdbx_struct_oper_list.type                 'identity operation' 
_pdbx_struct_oper_list.name                 1_555 
_pdbx_struct_oper_list.symmetry_operation   x,y,z 
_pdbx_struct_oper_list.matrix[1][1]         1.0000000000 
_pdbx_struct_oper_list.matrix[1][2]         0.0000000000 
_pdbx_struct_oper_list.matrix[1][3]         0.0000000000 
_pdbx_struct_oper_list.vector[1]            0.0000000000 
_pdbx_struct_oper_list.matrix[2][1]         0.0000000000 
_pdbx_struct_oper_list.matrix[2][2]         1.0000000000 
_pdbx_struct_oper_list.matrix[2][3]         0.0000000000 
_pdbx_struct_oper_list.vector[2]            0.0000000000 
_pdbx_struct_oper_list.matrix[3][1]         0.0000000000 
_pdbx_struct_oper_list.matrix[3][2]         0.0000000000 
_pdbx_struct_oper_list.matrix[3][3]         1.0000000000 
_pdbx_struct_oper_list.vector[3]            0.0000000000 
# 
loop_
_struct_conf.conf_type_id 
_struct_conf.id 
_struct_conf.pdbx_PDB_helix_id 
_struct_conf.beg_label_comp_id 
_struct_conf.beg_label_asym_id 
_struct_conf.beg_label_seq_id 
_struct_conf.pdbx_beg_PDB_ins_code 
_struct_conf.end_label_comp_id 
_struct_conf.end_label_asym_id 
_struct_conf.end_label_seq_id 
_struct_conf.pdbx_end_PDB_ins_code 
_struct_conf.beg_auth_comp_id 
_struct_conf.beg_auth_asym_id 
_struct_conf.beg_auth_seq_id 
_struct_conf.end_auth_comp_id 
_struct_conf.end_auth_asym_id 
_struct_conf.end_auth_seq_id 
_struct_conf.pdbx_PDB_helix_class 
_struct_conf.details 
_struct_conf.pdbx_PDB_helix_length 
HELX_P HELX_P1  AA1 GLU A 15  ? HIS A 35  ? GLU A 10  HIS A 30  1 ? 21 
HELX_P HELX_P2  AA2 ASP A 38  ? ILE A 52  ? ASP A 33  ILE A 47  1 ? 15 
HELX_P HELX_P3  AA3 ASN A 55  ? GLU A 69  ? ASN A 50  GLU A 64  1 ? 15 
HELX_P HELX_P4  AA4 HIS A 72  ? GLY A 86  ? HIS A 67  GLY A 81  1 ? 15 
HELX_P HELX_P5  AA5 LYS A 87  ? LEU A 90  ? LYS A 82  LEU A 85  5 ? 4  
HELX_P HELX_P6  AA6 ASP A 93  ? LYS A 107 ? ASP A 88  LYS A 102 1 ? 15 
HELX_P HELX_P7  AA7 LYS A 111 ? GLY A 126 ? LYS A 106 GLY A 121 1 ? 16 
HELX_P HELX_P8  AA8 ASP A 135 ? GLY A 149 ? ASP A 130 GLY A 144 1 ? 15 
HELX_P HELX_P9  AA9 TYR A 151 ? GLY A 165 ? TYR A 146 GLY A 160 1 ? 15 
HELX_P HELX_P10 AB1 ASP A 172 ? GLY A 187 ? ASP A 167 GLY A 182 1 ? 16 
HELX_P HELX_P11 AB2 HIS A 188 ? LYS A 200 ? HIS A 183 LYS A 195 1 ? 13 
HELX_P HELX_P12 AB3 ASP A 208 ? LEU A 222 ? ASP A 203 LEU A 217 1 ? 15 
# 
_struct_conf_type.id          HELX_P 
_struct_conf_type.criteria    ? 
_struct_conf_type.reference   ? 
# 
loop_
_struct_conn.id 
_struct_conn.conn_type_id 
_struct_conn.pdbx_leaving_atom_flag 
_struct_conn.pdbx_PDB_id 
_struct_conn.ptnr1_label_asym_id 
_struct_conn.ptnr1_label_comp_id 
_struct_conn.ptnr1_label_seq_id 
_struct_conn.ptnr1_label_atom_id 
_struct_conn.pdbx_ptnr1_label_alt_id 
_struct_conn.pdbx_ptnr1_PDB_ins_code 
_struct_conn.pdbx_ptnr1_standard_comp_id 
_struct_conn.ptnr1_symmetry 
_struct_conn.ptnr2_label_asym_id 
_struct_conn.ptnr2_label_comp_id 
_struct_conn.ptnr2_label_seq_id 
_struct_conn.ptnr2_label_atom_id 
_struct_conn.pdbx_ptnr2_label_alt_id 
_struct_conn.pdbx_ptnr2_PDB_ins_code 
_struct_conn.ptnr1_auth_asym_id 
_struct_conn.ptnr1_auth_comp_id 
_struct_conn.ptnr1_auth_seq_id 
_struct_conn.ptnr2_auth_asym_id 
_struct_conn.ptnr2_auth_comp_id 
_struct_conn.ptnr2_auth_seq_id 
_struct_conn.ptnr2_symmetry 
_struct_conn.pdbx_ptnr3_label_atom_id 
_struct_conn.pdbx_ptnr3_label_seq_id 
_struct_conn.pdbx_ptnr3_label_comp_id 
_struct_conn.pdbx_ptnr3_label_asym_id 
_struct_conn.pdbx_ptnr3_label_alt_id 
_struct_conn.pdbx_ptnr3_PDB_ins_code 
_struct_conn.details 
_struct_conn.pdbx_dist_value 
_struct_conn.pdbx_value_order 
_struct_conn.pdbx_role 
disulf1 disulf ? ? A CYS 33  SG ? ? ? 1_555 A CYS 42  SG ? ? A CYS 28  A CYS 37  1_555 ? ? ? ? ? ? ? 2.077 ? ? 
disulf2 disulf ? ? A CYS 67  SG ? ? ? 1_555 A CYS 76  SG ? ? A CYS 62  A CYS 71  1_555 ? ? ? ? ? ? ? 2.090 ? ? 
disulf3 disulf ? ? A CYS 105 SG ? ? ? 1_555 A CYS 116 SG ? ? A CYS 100 A CYS 111 1_555 ? ? ? ? ? ? ? 2.055 ? ? 
disulf4 disulf ? ? A CYS 147 SG ? ? ? 1_555 A CYS 155 SG ? ? A CYS 142 A CYS 150 1_555 ? ? ? ? ? ? ? 2.107 ? ? 
disulf5 disulf ? ? A CYS 184 SG ? ? ? 1_555 A CYS 192 SG ? ? A CYS 179 A CYS 187 1_555 ? ? ? ? ? ? ? 2.046 ? ? 
# 
_struct_conn_type.id          disulf 
_struct_conn_type.criteria    ? 
_struct_conn_type.reference   ? 
# 
loop_
_pdbx_modification_feature.ordinal 
_pdbx_modification_feature.label_comp_id 
_pdbx_modification_feature.label_asym_id 
_pdbx_modification_feature.label_seq_id 
_pdbx_modification_feature.label_alt_id 
_pdbx_modification_feature.modified_residue_label_comp_id 
_pdbx_modification_feature.modified_residue_label_asym_id 
_pdbx_modification_feature.modified_residue_label_seq_id 
_pdbx_modification_feature.modified_residue_label_alt_id 
_pdbx_modification_feature.auth_comp_id 
_pdbx_modification_feature.auth_asym_id 
_pdbx_modification_feature.auth_seq_id 
_pdbx_modification_feature.PDB_ins_code 
_pdbx_modification_feature.symmetry 
_pdbx_modification_feature.modified_residue_auth_comp_id 
_pdbx_modification_feature.modified_residue_auth_asym_id 
_pdbx_modification_feature.modified_residue_auth_seq_id 
_pdbx_modification_feature.modified_residue_PDB_ins_code 
_pdbx_modification_feature.modified_residue_symmetry 
_pdbx_modification_feature.comp_id_linking_atom 
_pdbx_modification_feature.modified_residue_id_linking_atom 
_pdbx_modification_feature.modified_residue_id 
_pdbx_modification_feature.ref_pcm_id 
_pdbx_modification_feature.ref_comp_id 
_pdbx_modification_feature.type 
_pdbx_modification_feature.category 
1 CYS A 33  ? CYS A 42  ? CYS A 28  ? 1_555 CYS A 37  ? 1_555 SG SG . . . None 'Disulfide bridge' 
2 CYS A 67  ? CYS A 76  ? CYS A 62  ? 1_555 CYS A 71  ? 1_555 SG SG . . . None 'Disulfide bridge' 
3 CYS A 105 ? CYS A 116 ? CYS A 100 ? 1_555 CYS A 111 ? 1_555 SG SG . . . None 'Disulfide bridge' 
4 CYS A 147 ? CYS A 155 ? CYS A 142 ? 1_555 CYS A 150 ? 1_555 SG SG . . . None 'Disulfide bridge' 
5 CYS A 184 ? CYS A 192 ? CYS A 179 ? 1_555 CYS A 187 ? 1_555 SG SG . . . None 'Disulfide bridge' 
# 
_pdbx_entry_details.entry_id                   7MQZ 
_pdbx_entry_details.compound_details           ? 
_pdbx_entry_details.source_details             ? 
_pdbx_entry_details.nonpolymer_details         ? 
_pdbx_entry_details.sequence_details           ? 
_pdbx_entry_details.has_ligand_of_interest     ? 
_pdbx_entry_details.has_protein_modification   Y 
# 
_pdbx_validate_close_contact.id               1 
_pdbx_validate_close_contact.PDB_model_num    1 
_pdbx_validate_close_contact.auth_atom_id_1   O 
_pdbx_validate_close_contact.auth_asym_id_1   A 
_pdbx_validate_close_contact.auth_comp_id_1   HOH 
_pdbx_validate_close_contact.auth_seq_id_1    302 
_pdbx_validate_close_contact.PDB_ins_code_1   ? 
_pdbx_validate_close_contact.label_alt_id_1   ? 
_pdbx_validate_close_contact.auth_atom_id_2   O 
_pdbx_validate_close_contact.auth_asym_id_2   A 
_pdbx_validate_close_contact.auth_comp_id_2   HOH 
_pdbx_validate_close_contact.auth_seq_id_2    303 
_pdbx_validate_close_contact.PDB_ins_code_2   ? 
_pdbx_validate_close_contact.label_alt_id_2   ? 
_pdbx_validate_close_contact.dist             2.08 
# 
loop_
_pdbx_validate_torsion.id 
_pdbx_validate_torsion.PDB_model_num 
_pdbx_validate_torsion.auth_comp_id 
_pdbx_validate_torsion.auth_asym_id 
_pdbx_validate_torsion.auth_seq_id 
_pdbx_validate_torsion.PDB_ins_code 
_pdbx_validate_torsion.label_alt_id 
_pdbx_validate_torsion.phi 
_pdbx_validate_torsion.psi 
1 1 ILE A 47 ? ? -121.22 -61.22 
2 1 ASP A 88 ? ? -160.53 100.96 
# 
loop_
_pdbx_unobs_or_zero_occ_residues.id 
_pdbx_unobs_or_zero_occ_residues.PDB_model_num 
_pdbx_unobs_or_zero_occ_residues.polymer_flag 
_pdbx_unobs_or_zero_occ_residues.occupancy_flag 
_pdbx_unobs_or_zero_occ_residues.auth_asym_id 
_pdbx_unobs_or_zero_occ_residues.auth_comp_id 
_pdbx_unobs_or_zero_occ_residues.auth_seq_id 
_pdbx_unobs_or_zero_occ_residues.PDB_ins_code 
_pdbx_unobs_or_zero_occ_residues.label_asym_id 
_pdbx_unobs_or_zero_occ_residues.label_comp_id 
_pdbx_unobs_or_zero_occ_residues.label_seq_id 
1  1 Y 1 A GLY -4  ? A GLY 1   
2  1 Y 1 A PRO -3  ? A PRO 2   
3  1 Y 1 A LEU -2  ? A LEU 3   
4  1 Y 1 A GLY -1  ? A GLY 4   
5  1 Y 1 A SER 0   ? A SER 5   
6  1 Y 1 A MET 1   ? A MET 6   
7  1 Y 1 A ALA 2   ? A ALA 7   
8  1 Y 1 A GLY 3   ? A GLY 8   
9  1 Y 1 A MET 4   ? A MET 9   
10 1 Y 1 A VAL 5   ? A VAL 10  
11 1 Y 1 A ASP 6   ? A ASP 11  
12 1 Y 1 A PHE 7   ? A PHE 12  
13 1 Y 1 A GLN 8   ? A GLN 13  
14 1 Y 1 A ASP 9   ? A ASP 14  
15 1 Y 1 A LYS 219 ? A LYS 224 
16 1 Y 1 A GLU 220 ? A GLU 225 
17 1 Y 1 A GLN 221 ? A GLN 226 
18 1 Y 1 A GLN 222 ? A GLN 227 
19 1 Y 1 A LYS 223 ? A LYS 228 
20 1 Y 1 A GLY 224 ? A GLY 229 
21 1 Y 1 A VAL 225 ? A VAL 230 
22 1 Y 1 A GLN 226 ? A GLN 231 
23 1 Y 1 A PRO 227 ? A PRO 232 
24 1 Y 1 A LEU 228 ? A LEU 233 
25 1 Y 1 A THR 229 ? A THR 234 
26 1 Y 1 A PHE 230 ? A PHE 235 
27 1 Y 1 A GLY 231 ? A GLY 236 
# 
loop_
_chem_comp_atom.comp_id 
_chem_comp_atom.atom_id 
_chem_comp_atom.type_symbol 
_chem_comp_atom.pdbx_aromatic_flag 
_chem_comp_atom.pdbx_stereo_config 
_chem_comp_atom.pdbx_ordinal 
ALA N    N N N 1   
ALA CA   C N S 2   
ALA C    C N N 3   
ALA O    O N N 4   
ALA CB   C N N 5   
ALA OXT  O N N 6   
ALA H    H N N 7   
ALA H2   H N N 8   
ALA HA   H N N 9   
ALA HB1  H N N 10  
ALA HB2  H N N 11  
ALA HB3  H N N 12  
ALA HXT  H N N 13  
ARG N    N N N 14  
ARG CA   C N S 15  
ARG C    C N N 16  
ARG O    O N N 17  
ARG CB   C N N 18  
ARG CG   C N N 19  
ARG CD   C N N 20  
ARG NE   N N N 21  
ARG CZ   C N N 22  
ARG NH1  N N N 23  
ARG NH2  N N N 24  
ARG OXT  O N N 25  
ARG H    H N N 26  
ARG H2   H N N 27  
ARG HA   H N N 28  
ARG HB2  H N N 29  
ARG HB3  H N N 30  
ARG HG2  H N N 31  
ARG HG3  H N N 32  
ARG HD2  H N N 33  
ARG HD3  H N N 34  
ARG HE   H N N 35  
ARG HH11 H N N 36  
ARG HH12 H N N 37  
ARG HH21 H N N 38  
ARG HH22 H N N 39  
ARG HXT  H N N 40  
ASN N    N N N 41  
ASN CA   C N S 42  
ASN C    C N N 43  
ASN O    O N N 44  
ASN CB   C N N 45  
ASN CG   C N N 46  
ASN OD1  O N N 47  
ASN ND2  N N N 48  
ASN OXT  O N N 49  
ASN H    H N N 50  
ASN H2   H N N 51  
ASN HA   H N N 52  
ASN HB2  H N N 53  
ASN HB3  H N N 54  
ASN HD21 H N N 55  
ASN HD22 H N N 56  
ASN HXT  H N N 57  
ASP N    N N N 58  
ASP CA   C N S 59  
ASP C    C N N 60  
ASP O    O N N 61  
ASP CB   C N N 62  
ASP CG   C N N 63  
ASP OD1  O N N 64  
ASP OD2  O N N 65  
ASP OXT  O N N 66  
ASP H    H N N 67  
ASP H2   H N N 68  
ASP HA   H N N 69  
ASP HB2  H N N 70  
ASP HB3  H N N 71  
ASP HD2  H N N 72  
ASP HXT  H N N 73  
CYS N    N N N 74  
CYS CA   C N R 75  
CYS C    C N N 76  
CYS O    O N N 77  
CYS CB   C N N 78  
CYS SG   S N N 79  
CYS OXT  O N N 80  
CYS H    H N N 81  
CYS H2   H N N 82  
CYS HA   H N N 83  
CYS HB2  H N N 84  
CYS HB3  H N N 85  
CYS HG   H N N 86  
CYS HXT  H N N 87  
GLN N    N N N 88  
GLN CA   C N S 89  
GLN C    C N N 90  
GLN O    O N N 91  
GLN CB   C N N 92  
GLN CG   C N N 93  
GLN CD   C N N 94  
GLN OE1  O N N 95  
GLN NE2  N N N 96  
GLN OXT  O N N 97  
GLN H    H N N 98  
GLN H2   H N N 99  
GLN HA   H N N 100 
GLN HB2  H N N 101 
GLN HB3  H N N 102 
GLN HG2  H N N 103 
GLN HG3  H N N 104 
GLN HE21 H N N 105 
GLN HE22 H N N 106 
GLN HXT  H N N 107 
GLU N    N N N 108 
GLU CA   C N S 109 
GLU C    C N N 110 
GLU O    O N N 111 
GLU CB   C N N 112 
GLU CG   C N N 113 
GLU CD   C N N 114 
GLU OE1  O N N 115 
GLU OE2  O N N 116 
GLU OXT  O N N 117 
GLU H    H N N 118 
GLU H2   H N N 119 
GLU HA   H N N 120 
GLU HB2  H N N 121 
GLU HB3  H N N 122 
GLU HG2  H N N 123 
GLU HG3  H N N 124 
GLU HE2  H N N 125 
GLU HXT  H N N 126 
GLY N    N N N 127 
GLY CA   C N N 128 
GLY C    C N N 129 
GLY O    O N N 130 
GLY OXT  O N N 131 
GLY H    H N N 132 
GLY H2   H N N 133 
GLY HA2  H N N 134 
GLY HA3  H N N 135 
GLY HXT  H N N 136 
HIS N    N N N 137 
HIS CA   C N S 138 
HIS C    C N N 139 
HIS O    O N N 140 
HIS CB   C N N 141 
HIS CG   C Y N 142 
HIS ND1  N Y N 143 
HIS CD2  C Y N 144 
HIS CE1  C Y N 145 
HIS NE2  N Y N 146 
HIS OXT  O N N 147 
HIS H    H N N 148 
HIS H2   H N N 149 
HIS HA   H N N 150 
HIS HB2  H N N 151 
HIS HB3  H N N 152 
HIS HD1  H N N 153 
HIS HD2  H N N 154 
HIS HE1  H N N 155 
HIS HE2  H N N 156 
HIS HXT  H N N 157 
HOH O    O N N 158 
HOH H1   H N N 159 
HOH H2   H N N 160 
ILE N    N N N 161 
ILE CA   C N S 162 
ILE C    C N N 163 
ILE O    O N N 164 
ILE CB   C N S 165 
ILE CG1  C N N 166 
ILE CG2  C N N 167 
ILE CD1  C N N 168 
ILE OXT  O N N 169 
ILE H    H N N 170 
ILE H2   H N N 171 
ILE HA   H N N 172 
ILE HB   H N N 173 
ILE HG12 H N N 174 
ILE HG13 H N N 175 
ILE HG21 H N N 176 
ILE HG22 H N N 177 
ILE HG23 H N N 178 
ILE HD11 H N N 179 
ILE HD12 H N N 180 
ILE HD13 H N N 181 
ILE HXT  H N N 182 
LEU N    N N N 183 
LEU CA   C N S 184 
LEU C    C N N 185 
LEU O    O N N 186 
LEU CB   C N N 187 
LEU CG   C N N 188 
LEU CD1  C N N 189 
LEU CD2  C N N 190 
LEU OXT  O N N 191 
LEU H    H N N 192 
LEU H2   H N N 193 
LEU HA   H N N 194 
LEU HB2  H N N 195 
LEU HB3  H N N 196 
LEU HG   H N N 197 
LEU HD11 H N N 198 
LEU HD12 H N N 199 
LEU HD13 H N N 200 
LEU HD21 H N N 201 
LEU HD22 H N N 202 
LEU HD23 H N N 203 
LEU HXT  H N N 204 
LYS N    N N N 205 
LYS CA   C N S 206 
LYS C    C N N 207 
LYS O    O N N 208 
LYS CB   C N N 209 
LYS CG   C N N 210 
LYS CD   C N N 211 
LYS CE   C N N 212 
LYS NZ   N N N 213 
LYS OXT  O N N 214 
LYS H    H N N 215 
LYS H2   H N N 216 
LYS HA   H N N 217 
LYS HB2  H N N 218 
LYS HB3  H N N 219 
LYS HG2  H N N 220 
LYS HG3  H N N 221 
LYS HD2  H N N 222 
LYS HD3  H N N 223 
LYS HE2  H N N 224 
LYS HE3  H N N 225 
LYS HZ1  H N N 226 
LYS HZ2  H N N 227 
LYS HZ3  H N N 228 
LYS HXT  H N N 229 
MET N    N N N 230 
MET CA   C N S 231 
MET C    C N N 232 
MET O    O N N 233 
MET CB   C N N 234 
MET CG   C N N 235 
MET SD   S N N 236 
MET CE   C N N 237 
MET OXT  O N N 238 
MET H    H N N 239 
MET H2   H N N 240 
MET HA   H N N 241 
MET HB2  H N N 242 
MET HB3  H N N 243 
MET HG2  H N N 244 
MET HG3  H N N 245 
MET HE1  H N N 246 
MET HE2  H N N 247 
MET HE3  H N N 248 
MET HXT  H N N 249 
PHE N    N N N 250 
PHE CA   C N S 251 
PHE C    C N N 252 
PHE O    O N N 253 
PHE CB   C N N 254 
PHE CG   C Y N 255 
PHE CD1  C Y N 256 
PHE CD2  C Y N 257 
PHE CE1  C Y N 258 
PHE CE2  C Y N 259 
PHE CZ   C Y N 260 
PHE OXT  O N N 261 
PHE H    H N N 262 
PHE H2   H N N 263 
PHE HA   H N N 264 
PHE HB2  H N N 265 
PHE HB3  H N N 266 
PHE HD1  H N N 267 
PHE HD2  H N N 268 
PHE HE1  H N N 269 
PHE HE2  H N N 270 
PHE HZ   H N N 271 
PHE HXT  H N N 272 
PRO N    N N N 273 
PRO CA   C N S 274 
PRO C    C N N 275 
PRO O    O N N 276 
PRO CB   C N N 277 
PRO CG   C N N 278 
PRO CD   C N N 279 
PRO OXT  O N N 280 
PRO H    H N N 281 
PRO HA   H N N 282 
PRO HB2  H N N 283 
PRO HB3  H N N 284 
PRO HG2  H N N 285 
PRO HG3  H N N 286 
PRO HD2  H N N 287 
PRO HD3  H N N 288 
PRO HXT  H N N 289 
SER N    N N N 290 
SER CA   C N S 291 
SER C    C N N 292 
SER O    O N N 293 
SER CB   C N N 294 
SER OG   O N N 295 
SER OXT  O N N 296 
SER H    H N N 297 
SER H2   H N N 298 
SER HA   H N N 299 
SER HB2  H N N 300 
SER HB3  H N N 301 
SER HG   H N N 302 
SER HXT  H N N 303 
THR N    N N N 304 
THR CA   C N S 305 
THR C    C N N 306 
THR O    O N N 307 
THR CB   C N R 308 
THR OG1  O N N 309 
THR CG2  C N N 310 
THR OXT  O N N 311 
THR H    H N N 312 
THR H2   H N N 313 
THR HA   H N N 314 
THR HB   H N N 315 
THR HG1  H N N 316 
THR HG21 H N N 317 
THR HG22 H N N 318 
THR HG23 H N N 319 
THR HXT  H N N 320 
TRP N    N N N 321 
TRP CA   C N S 322 
TRP C    C N N 323 
TRP O    O N N 324 
TRP CB   C N N 325 
TRP CG   C Y N 326 
TRP CD1  C Y N 327 
TRP CD2  C Y N 328 
TRP NE1  N Y N 329 
TRP CE2  C Y N 330 
TRP CE3  C Y N 331 
TRP CZ2  C Y N 332 
TRP CZ3  C Y N 333 
TRP CH2  C Y N 334 
TRP OXT  O N N 335 
TRP H    H N N 336 
TRP H2   H N N 337 
TRP HA   H N N 338 
TRP HB2  H N N 339 
TRP HB3  H N N 340 
TRP HD1  H N N 341 
TRP HE1  H N N 342 
TRP HE3  H N N 343 
TRP HZ2  H N N 344 
TRP HZ3  H N N 345 
TRP HH2  H N N 346 
TRP HXT  H N N 347 
TYR N    N N N 348 
TYR CA   C N S 349 
TYR C    C N N 350 
TYR O    O N N 351 
TYR CB   C N N 352 
TYR CG   C Y N 353 
TYR CD1  C Y N 354 
TYR CD2  C Y N 355 
TYR CE1  C Y N 356 
TYR CE2  C Y N 357 
TYR CZ   C Y N 358 
TYR OH   O N N 359 
TYR OXT  O N N 360 
TYR H    H N N 361 
TYR H2   H N N 362 
TYR HA   H N N 363 
TYR HB2  H N N 364 
TYR HB3  H N N 365 
TYR HD1  H N N 366 
TYR HD2  H N N 367 
TYR HE1  H N N 368 
TYR HE2  H N N 369 
TYR HH   H N N 370 
TYR HXT  H N N 371 
VAL N    N N N 372 
VAL CA   C N S 373 
VAL C    C N N 374 
VAL O    O N N 375 
VAL CB   C N N 376 
VAL CG1  C N N 377 
VAL CG2  C N N 378 
VAL OXT  O N N 379 
VAL H    H N N 380 
VAL H2   H N N 381 
VAL HA   H N N 382 
VAL HB   H N N 383 
VAL HG11 H N N 384 
VAL HG12 H N N 385 
VAL HG13 H N N 386 
VAL HG21 H N N 387 
VAL HG22 H N N 388 
VAL HG23 H N N 389 
VAL HXT  H N N 390 
# 
loop_
_chem_comp_bond.comp_id 
_chem_comp_bond.atom_id_1 
_chem_comp_bond.atom_id_2 
_chem_comp_bond.value_order 
_chem_comp_bond.pdbx_aromatic_flag 
_chem_comp_bond.pdbx_stereo_config 
_chem_comp_bond.pdbx_ordinal 
ALA N   CA   sing N N 1   
ALA N   H    sing N N 2   
ALA N   H2   sing N N 3   
ALA CA  C    sing N N 4   
ALA CA  CB   sing N N 5   
ALA CA  HA   sing N N 6   
ALA C   O    doub N N 7   
ALA C   OXT  sing N N 8   
ALA CB  HB1  sing N N 9   
ALA CB  HB2  sing N N 10  
ALA CB  HB3  sing N N 11  
ALA OXT HXT  sing N N 12  
ARG N   CA   sing N N 13  
ARG N   H    sing N N 14  
ARG N   H2   sing N N 15  
ARG CA  C    sing N N 16  
ARG CA  CB   sing N N 17  
ARG CA  HA   sing N N 18  
ARG C   O    doub N N 19  
ARG C   OXT  sing N N 20  
ARG CB  CG   sing N N 21  
ARG CB  HB2  sing N N 22  
ARG CB  HB3  sing N N 23  
ARG CG  CD   sing N N 24  
ARG CG  HG2  sing N N 25  
ARG CG  HG3  sing N N 26  
ARG CD  NE   sing N N 27  
ARG CD  HD2  sing N N 28  
ARG CD  HD3  sing N N 29  
ARG NE  CZ   sing N N 30  
ARG NE  HE   sing N N 31  
ARG CZ  NH1  sing N N 32  
ARG CZ  NH2  doub N N 33  
ARG NH1 HH11 sing N N 34  
ARG NH1 HH12 sing N N 35  
ARG NH2 HH21 sing N N 36  
ARG NH2 HH22 sing N N 37  
ARG OXT HXT  sing N N 38  
ASN N   CA   sing N N 39  
ASN N   H    sing N N 40  
ASN N   H2   sing N N 41  
ASN CA  C    sing N N 42  
ASN CA  CB   sing N N 43  
ASN CA  HA   sing N N 44  
ASN C   O    doub N N 45  
ASN C   OXT  sing N N 46  
ASN CB  CG   sing N N 47  
ASN CB  HB2  sing N N 48  
ASN CB  HB3  sing N N 49  
ASN CG  OD1  doub N N 50  
ASN CG  ND2  sing N N 51  
ASN ND2 HD21 sing N N 52  
ASN ND2 HD22 sing N N 53  
ASN OXT HXT  sing N N 54  
ASP N   CA   sing N N 55  
ASP N   H    sing N N 56  
ASP N   H2   sing N N 57  
ASP CA  C    sing N N 58  
ASP CA  CB   sing N N 59  
ASP CA  HA   sing N N 60  
ASP C   O    doub N N 61  
ASP C   OXT  sing N N 62  
ASP CB  CG   sing N N 63  
ASP CB  HB2  sing N N 64  
ASP CB  HB3  sing N N 65  
ASP CG  OD1  doub N N 66  
ASP CG  OD2  sing N N 67  
ASP OD2 HD2  sing N N 68  
ASP OXT HXT  sing N N 69  
CYS N   CA   sing N N 70  
CYS N   H    sing N N 71  
CYS N   H2   sing N N 72  
CYS CA  C    sing N N 73  
CYS CA  CB   sing N N 74  
CYS CA  HA   sing N N 75  
CYS C   O    doub N N 76  
CYS C   OXT  sing N N 77  
CYS CB  SG   sing N N 78  
CYS CB  HB2  sing N N 79  
CYS CB  HB3  sing N N 80  
CYS SG  HG   sing N N 81  
CYS OXT HXT  sing N N 82  
GLN N   CA   sing N N 83  
GLN N   H    sing N N 84  
GLN N   H2   sing N N 85  
GLN CA  C    sing N N 86  
GLN CA  CB   sing N N 87  
GLN CA  HA   sing N N 88  
GLN C   O    doub N N 89  
GLN C   OXT  sing N N 90  
GLN CB  CG   sing N N 91  
GLN CB  HB2  sing N N 92  
GLN CB  HB3  sing N N 93  
GLN CG  CD   sing N N 94  
GLN CG  HG2  sing N N 95  
GLN CG  HG3  sing N N 96  
GLN CD  OE1  doub N N 97  
GLN CD  NE2  sing N N 98  
GLN NE2 HE21 sing N N 99  
GLN NE2 HE22 sing N N 100 
GLN OXT HXT  sing N N 101 
GLU N   CA   sing N N 102 
GLU N   H    sing N N 103 
GLU N   H2   sing N N 104 
GLU CA  C    sing N N 105 
GLU CA  CB   sing N N 106 
GLU CA  HA   sing N N 107 
GLU C   O    doub N N 108 
GLU C   OXT  sing N N 109 
GLU CB  CG   sing N N 110 
GLU CB  HB2  sing N N 111 
GLU CB  HB3  sing N N 112 
GLU CG  CD   sing N N 113 
GLU CG  HG2  sing N N 114 
GLU CG  HG3  sing N N 115 
GLU CD  OE1  doub N N 116 
GLU CD  OE2  sing N N 117 
GLU OE2 HE2  sing N N 118 
GLU OXT HXT  sing N N 119 
GLY N   CA   sing N N 120 
GLY N   H    sing N N 121 
GLY N   H2   sing N N 122 
GLY CA  C    sing N N 123 
GLY CA  HA2  sing N N 124 
GLY CA  HA3  sing N N 125 
GLY C   O    doub N N 126 
GLY C   OXT  sing N N 127 
GLY OXT HXT  sing N N 128 
HIS N   CA   sing N N 129 
HIS N   H    sing N N 130 
HIS N   H2   sing N N 131 
HIS CA  C    sing N N 132 
HIS CA  CB   sing N N 133 
HIS CA  HA   sing N N 134 
HIS C   O    doub N N 135 
HIS C   OXT  sing N N 136 
HIS CB  CG   sing N N 137 
HIS CB  HB2  sing N N 138 
HIS CB  HB3  sing N N 139 
HIS CG  ND1  sing Y N 140 
HIS CG  CD2  doub Y N 141 
HIS ND1 CE1  doub Y N 142 
HIS ND1 HD1  sing N N 143 
HIS CD2 NE2  sing Y N 144 
HIS CD2 HD2  sing N N 145 
HIS CE1 NE2  sing Y N 146 
HIS CE1 HE1  sing N N 147 
HIS NE2 HE2  sing N N 148 
HIS OXT HXT  sing N N 149 
HOH O   H1   sing N N 150 
HOH O   H2   sing N N 151 
ILE N   CA   sing N N 152 
ILE N   H    sing N N 153 
ILE N   H2   sing N N 154 
ILE CA  C    sing N N 155 
ILE CA  CB   sing N N 156 
ILE CA  HA   sing N N 157 
ILE C   O    doub N N 158 
ILE C   OXT  sing N N 159 
ILE CB  CG1  sing N N 160 
ILE CB  CG2  sing N N 161 
ILE CB  HB   sing N N 162 
ILE CG1 CD1  sing N N 163 
ILE CG1 HG12 sing N N 164 
ILE CG1 HG13 sing N N 165 
ILE CG2 HG21 sing N N 166 
ILE CG2 HG22 sing N N 167 
ILE CG2 HG23 sing N N 168 
ILE CD1 HD11 sing N N 169 
ILE CD1 HD12 sing N N 170 
ILE CD1 HD13 sing N N 171 
ILE OXT HXT  sing N N 172 
LEU N   CA   sing N N 173 
LEU N   H    sing N N 174 
LEU N   H2   sing N N 175 
LEU CA  C    sing N N 176 
LEU CA  CB   sing N N 177 
LEU CA  HA   sing N N 178 
LEU C   O    doub N N 179 
LEU C   OXT  sing N N 180 
LEU CB  CG   sing N N 181 
LEU CB  HB2  sing N N 182 
LEU CB  HB3  sing N N 183 
LEU CG  CD1  sing N N 184 
LEU CG  CD2  sing N N 185 
LEU CG  HG   sing N N 186 
LEU CD1 HD11 sing N N 187 
LEU CD1 HD12 sing N N 188 
LEU CD1 HD13 sing N N 189 
LEU CD2 HD21 sing N N 190 
LEU CD2 HD22 sing N N 191 
LEU CD2 HD23 sing N N 192 
LEU OXT HXT  sing N N 193 
LYS N   CA   sing N N 194 
LYS N   H    sing N N 195 
LYS N   H2   sing N N 196 
LYS CA  C    sing N N 197 
LYS CA  CB   sing N N 198 
LYS CA  HA   sing N N 199 
LYS C   O    doub N N 200 
LYS C   OXT  sing N N 201 
LYS CB  CG   sing N N 202 
LYS CB  HB2  sing N N 203 
LYS CB  HB3  sing N N 204 
LYS CG  CD   sing N N 205 
LYS CG  HG2  sing N N 206 
LYS CG  HG3  sing N N 207 
LYS CD  CE   sing N N 208 
LYS CD  HD2  sing N N 209 
LYS CD  HD3  sing N N 210 
LYS CE  NZ   sing N N 211 
LYS CE  HE2  sing N N 212 
LYS CE  HE3  sing N N 213 
LYS NZ  HZ1  sing N N 214 
LYS NZ  HZ2  sing N N 215 
LYS NZ  HZ3  sing N N 216 
LYS OXT HXT  sing N N 217 
MET N   CA   sing N N 218 
MET N   H    sing N N 219 
MET N   H2   sing N N 220 
MET CA  C    sing N N 221 
MET CA  CB   sing N N 222 
MET CA  HA   sing N N 223 
MET C   O    doub N N 224 
MET C   OXT  sing N N 225 
MET CB  CG   sing N N 226 
MET CB  HB2  sing N N 227 
MET CB  HB3  sing N N 228 
MET CG  SD   sing N N 229 
MET CG  HG2  sing N N 230 
MET CG  HG3  sing N N 231 
MET SD  CE   sing N N 232 
MET CE  HE1  sing N N 233 
MET CE  HE2  sing N N 234 
MET CE  HE3  sing N N 235 
MET OXT HXT  sing N N 236 
PHE N   CA   sing N N 237 
PHE N   H    sing N N 238 
PHE N   H2   sing N N 239 
PHE CA  C    sing N N 240 
PHE CA  CB   sing N N 241 
PHE CA  HA   sing N N 242 
PHE C   O    doub N N 243 
PHE C   OXT  sing N N 244 
PHE CB  CG   sing N N 245 
PHE CB  HB2  sing N N 246 
PHE CB  HB3  sing N N 247 
PHE CG  CD1  doub Y N 248 
PHE CG  CD2  sing Y N 249 
PHE CD1 CE1  sing Y N 250 
PHE CD1 HD1  sing N N 251 
PHE CD2 CE2  doub Y N 252 
PHE CD2 HD2  sing N N 253 
PHE CE1 CZ   doub Y N 254 
PHE CE1 HE1  sing N N 255 
PHE CE2 CZ   sing Y N 256 
PHE CE2 HE2  sing N N 257 
PHE CZ  HZ   sing N N 258 
PHE OXT HXT  sing N N 259 
PRO N   CA   sing N N 260 
PRO N   CD   sing N N 261 
PRO N   H    sing N N 262 
PRO CA  C    sing N N 263 
PRO CA  CB   sing N N 264 
PRO CA  HA   sing N N 265 
PRO C   O    doub N N 266 
PRO C   OXT  sing N N 267 
PRO CB  CG   sing N N 268 
PRO CB  HB2  sing N N 269 
PRO CB  HB3  sing N N 270 
PRO CG  CD   sing N N 271 
PRO CG  HG2  sing N N 272 
PRO CG  HG3  sing N N 273 
PRO CD  HD2  sing N N 274 
PRO CD  HD3  sing N N 275 
PRO OXT HXT  sing N N 276 
SER N   CA   sing N N 277 
SER N   H    sing N N 278 
SER N   H2   sing N N 279 
SER CA  C    sing N N 280 
SER CA  CB   sing N N 281 
SER CA  HA   sing N N 282 
SER C   O    doub N N 283 
SER C   OXT  sing N N 284 
SER CB  OG   sing N N 285 
SER CB  HB2  sing N N 286 
SER CB  HB3  sing N N 287 
SER OG  HG   sing N N 288 
SER OXT HXT  sing N N 289 
THR N   CA   sing N N 290 
THR N   H    sing N N 291 
THR N   H2   sing N N 292 
THR CA  C    sing N N 293 
THR CA  CB   sing N N 294 
THR CA  HA   sing N N 295 
THR C   O    doub N N 296 
THR C   OXT  sing N N 297 
THR CB  OG1  sing N N 298 
THR CB  CG2  sing N N 299 
THR CB  HB   sing N N 300 
THR OG1 HG1  sing N N 301 
THR CG2 HG21 sing N N 302 
THR CG2 HG22 sing N N 303 
THR CG2 HG23 sing N N 304 
THR OXT HXT  sing N N 305 
TRP N   CA   sing N N 306 
TRP N   H    sing N N 307 
TRP N   H2   sing N N 308 
TRP CA  C    sing N N 309 
TRP CA  CB   sing N N 310 
TRP CA  HA   sing N N 311 
TRP C   O    doub N N 312 
TRP C   OXT  sing N N 313 
TRP CB  CG   sing N N 314 
TRP CB  HB2  sing N N 315 
TRP CB  HB3  sing N N 316 
TRP CG  CD1  doub Y N 317 
TRP CG  CD2  sing Y N 318 
TRP CD1 NE1  sing Y N 319 
TRP CD1 HD1  sing N N 320 
TRP CD2 CE2  doub Y N 321 
TRP CD2 CE3  sing Y N 322 
TRP NE1 CE2  sing Y N 323 
TRP NE1 HE1  sing N N 324 
TRP CE2 CZ2  sing Y N 325 
TRP CE3 CZ3  doub Y N 326 
TRP CE3 HE3  sing N N 327 
TRP CZ2 CH2  doub Y N 328 
TRP CZ2 HZ2  sing N N 329 
TRP CZ3 CH2  sing Y N 330 
TRP CZ3 HZ3  sing N N 331 
TRP CH2 HH2  sing N N 332 
TRP OXT HXT  sing N N 333 
TYR N   CA   sing N N 334 
TYR N   H    sing N N 335 
TYR N   H2   sing N N 336 
TYR CA  C    sing N N 337 
TYR CA  CB   sing N N 338 
TYR CA  HA   sing N N 339 
TYR C   O    doub N N 340 
TYR C   OXT  sing N N 341 
TYR CB  CG   sing N N 342 
TYR CB  HB2  sing N N 343 
TYR CB  HB3  sing N N 344 
TYR CG  CD1  doub Y N 345 
TYR CG  CD2  sing Y N 346 
TYR CD1 CE1  sing Y N 347 
TYR CD1 HD1  sing N N 348 
TYR CD2 CE2  doub Y N 349 
TYR CD2 HD2  sing N N 350 
TYR CE1 CZ   doub Y N 351 
TYR CE1 HE1  sing N N 352 
TYR CE2 CZ   sing Y N 353 
TYR CE2 HE2  sing N N 354 
TYR CZ  OH   sing N N 355 
TYR OH  HH   sing N N 356 
TYR OXT HXT  sing N N 357 
VAL N   CA   sing N N 358 
VAL N   H    sing N N 359 
VAL N   H2   sing N N 360 
VAL CA  C    sing N N 361 
VAL CA  CB   sing N N 362 
VAL CA  HA   sing N N 363 
VAL C   O    doub N N 364 
VAL C   OXT  sing N N 365 
VAL CB  CG1  sing N N 366 
VAL CB  CG2  sing N N 367 
VAL CB  HB   sing N N 368 
VAL CG1 HG11 sing N N 369 
VAL CG1 HG12 sing N N 370 
VAL CG1 HG13 sing N N 371 
VAL CG2 HG21 sing N N 372 
VAL CG2 HG22 sing N N 373 
VAL CG2 HG23 sing N N 374 
VAL OXT HXT  sing N N 375 
# 
_pdbx_initial_refinement_model.id               1 
_pdbx_initial_refinement_model.entity_id_list   ? 
_pdbx_initial_refinement_model.type             'experimental model' 
_pdbx_initial_refinement_model.source_name      PDB 
_pdbx_initial_refinement_model.accession_code   1OUV 
_pdbx_initial_refinement_model.details          'PDB entry 1OUV' 
# 
_atom_sites.entry_id                    7MQZ 
_atom_sites.Cartn_transf_matrix[1][1]   ? 
_atom_sites.Cartn_transf_matrix[1][2]   ? 
_atom_sites.Cartn_transf_matrix[1][3]   ? 
_atom_sites.Cartn_transf_matrix[2][1]   ? 
_atom_sites.Cartn_transf_matrix[2][2]   ? 
_atom_sites.Cartn_transf_matrix[2][3]   ? 
_atom_sites.Cartn_transf_matrix[3][1]   ? 
_atom_sites.Cartn_transf_matrix[3][2]   ? 
_atom_sites.Cartn_transf_matrix[3][3]   ? 
_atom_sites.Cartn_transf_vector[1]      ? 
_atom_sites.Cartn_transf_vector[2]      ? 
_atom_sites.Cartn_transf_vector[3]      ? 
_atom_sites.fract_transf_matrix[1][1]   -0.00802338 
_atom_sites.fract_transf_matrix[1][2]   -0.00567564 
_atom_sites.fract_transf_matrix[1][3]   0.00184188 
_atom_sites.fract_transf_matrix[2][1]   0.00012687 
_atom_sites.fract_transf_matrix[2][2]   -0.00324803 
_atom_sites.fract_transf_matrix[2][3]   -0.00945591 
_atom_sites.fract_transf_matrix[3][1]   0.01185141 
_atom_sites.fract_transf_matrix[3][2]   -0.01502707 
_atom_sites.fract_transf_matrix[3][3]   0.00532069 
_atom_sites.fract_transf_vector[1]      0.113972 
_atom_sites.fract_transf_vector[2]      0.023937 
_atom_sites.fract_transf_vector[3]      0.146520 
_atom_sites.solution_primary            ? 
_atom_sites.solution_secondary          ? 
_atom_sites.solution_hydrogens          ? 
_atom_sites.special_details             ? 
# 
loop_
_atom_type.symbol 
C 
N 
O 
S 
# 
loop_
_atom_site.group_PDB 
_atom_site.id 
_atom_site.type_symbol 
_atom_site.label_atom_id 
_atom_site.label_alt_id 
_atom_site.label_comp_id 
_atom_site.label_asym_id 
_atom_site.label_entity_id 
_atom_site.label_seq_id 
_atom_site.pdbx_PDB_ins_code 
_atom_site.Cartn_x 
_atom_site.Cartn_y 
_atom_site.Cartn_z 
_atom_site.occupancy 
_atom_site.B_iso_or_equiv 
_atom_site.pdbx_formal_charge 
_atom_site.auth_seq_id 
_atom_site.auth_comp_id 
_atom_site.auth_asym_id 
_atom_site.auth_atom_id 
_atom_site.pdbx_PDB_model_num 
ATOM   1    N N   . GLU A 1 15  ? -1.832  -16.774 -37.329 1.00 89.26  ? 10  GLU A N   1 
ATOM   2    C CA  . GLU A 1 15  ? -0.510  -16.944 -38.005 1.00 85.70  ? 10  GLU A CA  1 
ATOM   3    C C   . GLU A 1 15  ? 0.489   -17.597 -37.054 1.00 82.64  ? 10  GLU A C   1 
ATOM   4    O O   . GLU A 1 15  ? 0.601   -17.212 -35.884 1.00 74.17  ? 10  GLU A O   1 
ATOM   5    C CB  . GLU A 1 15  ? 0.015   -15.584 -38.501 1.00 86.07  ? 10  GLU A CB  1 
ATOM   6    C CG  . GLU A 1 15  ? 1.258   -15.636 -39.374 1.00 85.30  ? 10  GLU A CG  1 
ATOM   7    C CD  . GLU A 1 15  ? 1.146   -16.651 -40.497 1.00 88.50  ? 10  GLU A CD  1 
ATOM   8    O OE1 . GLU A 1 15  ? 0.472   -16.322 -41.499 1.00 88.00  ? 10  GLU A OE1 1 
ATOM   9    O OE2 . GLU A 1 15  ? 1.719   -17.767 -40.370 1.00 77.57  ? 10  GLU A OE2 1 
ATOM   10   N N   . GLU A 1 16  ? 1.210   -18.592 -37.561 1.00 84.25  ? 11  GLU A N   1 
ATOM   11   C CA  . GLU A 1 16  ? 2.185   -19.314 -36.750 1.00 80.76  ? 11  GLU A CA  1 
ATOM   12   C C   . GLU A 1 16  ? 3.499   -18.568 -36.518 1.00 74.95  ? 11  GLU A C   1 
ATOM   13   O O   . GLU A 1 16  ? 4.237   -18.933 -35.600 1.00 72.67  ? 11  GLU A O   1 
ATOM   14   C CB  . GLU A 1 16  ? 2.451   -20.693 -37.333 1.00 80.37  ? 11  GLU A CB  1 
ATOM   15   C CG  . GLU A 1 16  ? 1.247   -21.607 -37.189 1.00 84.07  ? 11  GLU A CG  1 
ATOM   16   C CD  . GLU A 1 16  ? 1.645   -23.035 -36.887 1.00 86.89  ? 11  GLU A CD  1 
ATOM   17   O OE1 . GLU A 1 16  ? 1.359   -23.513 -35.766 1.00 83.03  ? 11  GLU A OE1 1 
ATOM   18   O OE2 . GLU A 1 16  ? 2.262   -23.666 -37.770 1.00 87.87  ? 11  GLU A OE2 1 
ATOM   19   N N   . GLN A 1 17  ? 3.798   -17.554 -37.333 1.00 71.19  ? 12  GLN A N   1 
ATOM   20   C CA  . GLN A 1 17  ? 4.920   -16.644 -37.055 1.00 72.50  ? 12  GLN A CA  1 
ATOM   21   C C   . GLN A 1 17  ? 4.616   -15.725 -35.881 1.00 69.98  ? 12  GLN A C   1 
ATOM   22   O O   . GLN A 1 17  ? 5.481   -15.513 -35.045 1.00 72.58  ? 12  GLN A O   1 
ATOM   23   C CB  . GLN A 1 17  ? 5.323   -15.808 -38.283 1.00 74.40  ? 12  GLN A CB  1 
ATOM   24   C CG  . GLN A 1 17  ? 5.873   -16.597 -39.473 1.00 81.42  ? 12  GLN A CG  1 
ATOM   25   C CD  . GLN A 1 17  ? 7.025   -17.562 -39.135 1.00 84.56  ? 12  GLN A CD  1 
ATOM   26   O OE1 . GLN A 1 17  ? 6.804   -18.683 -38.624 1.00 74.17  ? 12  GLN A OE1 1 
ATOM   27   N NE2 . GLN A 1 17  ? 8.258   -17.142 -39.450 1.00 76.85  ? 12  GLN A NE2 1 
ATOM   28   N N   . VAL A 1 18  ? 3.403   -15.182 -35.816 1.00 68.99  ? 13  VAL A N   1 
ATOM   29   C CA  . VAL A 1 18  ? 3.012   -14.302 -34.698 1.00 67.70  ? 13  VAL A CA  1 
ATOM   30   C C   . VAL A 1 18  ? 3.041   -15.066 -33.357 1.00 63.75  ? 13  VAL A C   1 
ATOM   31   O O   . VAL A 1 18  ? 3.504   -14.524 -32.347 1.00 60.12  ? 13  VAL A O   1 
ATOM   32   C CB  . VAL A 1 18  ? 1.641   -13.590 -34.965 1.00 67.08  ? 13  VAL A CB  1 
ATOM   33   C CG1 . VAL A 1 18  ? 0.931   -13.162 -33.677 1.00 63.62  ? 13  VAL A CG1 1 
ATOM   34   C CG2 . VAL A 1 18  ? 1.846   -12.379 -35.868 1.00 65.50  ? 13  VAL A CG2 1 
ATOM   35   N N   . LYS A 1 19  ? 2.540   -16.301 -33.362 1.00 60.72  ? 14  LYS A N   1 
ATOM   36   C CA  . LYS A 1 19  ? 2.669   -17.203 -32.215 1.00 60.16  ? 14  LYS A CA  1 
ATOM   37   C C   . LYS A 1 19  ? 4.143   -17.386 -31.880 1.00 56.87  ? 14  LYS A C   1 
ATOM   38   O O   . LYS A 1 19  ? 4.542   -17.211 -30.734 1.00 59.82  ? 14  LYS A O   1 
ATOM   39   C CB  . LYS A 1 19  ? 2.006   -18.573 -32.487 1.00 64.34  ? 14  LYS A CB  1 
ATOM   40   C CG  . LYS A 1 19  ? 2.365   -19.697 -31.498 1.00 66.29  ? 14  LYS A CG  1 
ATOM   41   C CD  . LYS A 1 19  ? 1.466   -20.927 -31.633 1.00 68.25  ? 14  LYS A CD  1 
ATOM   42   C CE  . LYS A 1 19  ? 1.839   -21.815 -32.824 1.00 77.11  ? 14  LYS A CE  1 
ATOM   43   N NZ  . LYS A 1 19  ? 2.771   -22.944 -32.497 1.00 79.84  ? 14  LYS A NZ  1 
ATOM   44   N N   . SER A 1 20  ? 4.948   -17.721 -32.886 1.00 52.92  ? 15  SER A N   1 
ATOM   45   C CA  . SER A 1 20  ? 6.373   -17.976 -32.665 1.00 49.88  ? 15  SER A CA  1 
ATOM   46   C C   . SER A 1 20  ? 7.096   -16.756 -32.122 1.00 45.05  ? 15  SER A C   1 
ATOM   47   O O   . SER A 1 20  ? 7.938   -16.903 -31.252 1.00 43.41  ? 15  SER A O   1 
ATOM   48   C CB  . SER A 1 20  ? 7.078   -18.483 -33.936 1.00 52.77  ? 15  SER A CB  1 
ATOM   49   O OG  . SER A 1 20  ? 7.669   -17.431 -34.678 1.00 56.97  ? 15  SER A OG  1 
ATOM   50   N N   . PHE A 1 21  ? 6.767   -15.564 -32.624 1.00 44.83  ? 16  PHE A N   1 
ATOM   51   C CA  . PHE A 1 21  ? 7.422   -14.334 -32.174 1.00 47.05  ? 16  PHE A CA  1 
ATOM   52   C C   . PHE A 1 21  ? 7.012   -14.035 -30.739 1.00 48.53  ? 16  PHE A C   1 
ATOM   53   O O   . PHE A 1 21  ? 7.834   -13.611 -29.936 1.00 47.75  ? 16  PHE A O   1 
ATOM   54   C CB  . PHE A 1 21  ? 7.071   -13.141 -33.067 1.00 50.86  ? 16  PHE A CB  1 
ATOM   55   C CG  . PHE A 1 21  ? 7.753   -13.126 -34.420 1.00 52.95  ? 16  PHE A CG  1 
ATOM   56   C CD1 . PHE A 1 21  ? 8.350   -14.264 -34.980 1.00 54.98  ? 16  PHE A CD1 1 
ATOM   57   C CD2 . PHE A 1 21  ? 7.753   -11.955 -35.161 1.00 52.06  ? 16  PHE A CD2 1 
ATOM   58   C CE1 . PHE A 1 21  ? 8.952   -14.211 -36.230 1.00 56.37  ? 16  PHE A CE1 1 
ATOM   59   C CE2 . PHE A 1 21  ? 8.354   -11.897 -36.406 1.00 56.48  ? 16  PHE A CE2 1 
ATOM   60   C CZ  . PHE A 1 21  ? 8.954   -13.028 -36.946 1.00 56.33  ? 16  PHE A CZ  1 
ATOM   61   N N   . LEU A 1 22  ? 5.732   -14.246 -30.445 1.00 49.63  ? 17  LEU A N   1 
ATOM   62   C CA  . LEU A 1 22  ? 5.195   -14.164 -29.088 1.00 48.42  ? 17  LEU A CA  1 
ATOM   63   C C   . LEU A 1 22  ? 5.870   -15.153 -28.138 1.00 45.65  ? 17  LEU A C   1 
ATOM   64   O O   . LEU A 1 22  ? 6.342   -14.756 -27.085 1.00 42.53  ? 17  LEU A O   1 
ATOM   65   C CB  . LEU A 1 22  ? 3.677   -14.437 -29.088 1.00 51.65  ? 17  LEU A CB  1 
ATOM   66   C CG  . LEU A 1 22  ? 2.929   -14.237 -27.758 1.00 52.36  ? 17  LEU A CG  1 
ATOM   67   C CD1 . LEU A 1 22  ? 2.889   -12.754 -27.425 1.00 52.32  ? 17  LEU A CD1 1 
ATOM   68   C CD2 . LEU A 1 22  ? 1.526   -14.813 -27.823 1.00 52.31  ? 17  LEU A CD2 1 
ATOM   69   N N   . GLU A 1 23  ? 5.919   -16.438 -28.485 1.00 46.42  ? 18  GLU A N   1 
ATOM   70   C CA  . GLU A 1 23  ? 6.548   -17.407 -27.574 1.00 48.98  ? 18  GLU A CA  1 
ATOM   71   C C   . GLU A 1 23  ? 8.059   -17.146 -27.393 1.00 44.83  ? 18  GLU A C   1 
ATOM   72   O O   . GLU A 1 23  ? 8.619   -17.465 -26.351 1.00 40.95  ? 18  GLU A O   1 
ATOM   73   C CB  . GLU A 1 23  ? 6.225   -18.852 -27.961 1.00 54.66  ? 18  GLU A CB  1 
ATOM   74   C CG  . GLU A 1 23  ? 7.155   -19.500 -28.980 1.00 69.19  ? 18  GLU A CG  1 
ATOM   75   C CD  . GLU A 1 23  ? 6.595   -20.781 -29.620 1.00 77.30  ? 18  GLU A CD  1 
ATOM   76   O OE1 . GLU A 1 23  ? 5.445   -21.203 -29.312 1.00 88.83  ? 18  GLU A OE1 1 
ATOM   77   O OE2 . GLU A 1 23  ? 7.326   -21.373 -30.442 1.00 75.13  ? 18  GLU A OE2 1 
ATOM   78   N N   . ASN A 1 24  ? 8.706   -16.526 -28.386 1.00 44.36  ? 19  ASN A N   1 
ATOM   79   C CA  . ASN A 1 24  ? 10.117  -16.202 -28.257 1.00 41.74  ? 19  ASN A CA  1 
ATOM   80   C C   . ASN A 1 24  ? 10.415  -15.083 -27.269 1.00 42.56  ? 19  ASN A C   1 
ATOM   81   O O   . ASN A 1 24  ? 11.542  -14.992 -26.765 1.00 38.73  ? 19  ASN A O   1 
ATOM   82   C CB  . ASN A 1 24  ? 10.762  -15.877 -29.595 1.00 38.96  ? 19  ASN A CB  1 
ATOM   83   C CG  . ASN A 1 24  ? 12.272  -16.090 -29.560 1.00 38.38  ? 19  ASN A CG  1 
ATOM   84   O OD1 . ASN A 1 24  ? 12.730  -17.213 -29.271 1.00 33.50  ? 19  ASN A OD1 1 
ATOM   85   N ND2 . ASN A 1 24  ? 13.052  -15.017 -29.824 1.00 32.29  ? 19  ASN A ND2 1 
ATOM   86   N N   . MET A 1 25  ? 9.430   -14.239 -26.985 1.00 46.75  ? 20  MET A N   1 
ATOM   87   C CA  . MET A 1 25  ? 9.579   -13.228 -25.936 1.00 53.37  ? 20  MET A CA  1 
ATOM   88   C C   . MET A 1 25  ? 9.897   -13.878 -24.586 1.00 48.48  ? 20  MET A C   1 
ATOM   89   O O   . MET A 1 25  ? 10.745  -13.387 -23.853 1.00 52.13  ? 20  MET A O   1 
ATOM   90   C CB  . MET A 1 25  ? 8.350   -12.304 -25.863 1.00 61.20  ? 20  MET A CB  1 
ATOM   91   C CG  . MET A 1 25  ? 8.301   -11.298 -27.024 1.00 71.37  ? 20  MET A CG  1 
ATOM   92   S SD  . MET A 1 25  ? 6.801   -10.269 -27.146 1.00 84.82  ? 20  MET A SD  1 
ATOM   93   C CE  . MET A 1 25  ? 7.355   -8.951  -28.245 1.00 81.70  ? 20  MET A CE  1 
ATOM   94   N N   . GLU A 1 26  ? 9.256   -15.000 -24.291 1.00 45.36  ? 21  GLU A N   1 
ATOM   95   C CA  . GLU A 1 26  ? 9.570   -15.772 -23.099 1.00 47.28  ? 21  GLU A CA  1 
ATOM   96   C C   . GLU A 1 26  ? 11.019  -16.254 -23.067 1.00 43.95  ? 21  GLU A C   1 
ATOM   97   O O   . GLU A 1 26  ? 11.675  -16.181 -22.033 1.00 41.49  ? 21  GLU A O   1 
ATOM   98   C CB  . GLU A 1 26  ? 8.648   -16.993 -22.987 1.00 50.97  ? 21  GLU A CB  1 
ATOM   99   C CG  . GLU A 1 26  ? 8.739   -17.719 -21.640 1.00 55.45  ? 21  GLU A CG  1 
ATOM   100  C CD  . GLU A 1 26  ? 7.663   -18.781 -21.444 1.00 59.78  ? 21  GLU A CD  1 
ATOM   101  O OE1 . GLU A 1 26  ? 6.955   -19.127 -22.419 1.00 69.15  ? 21  GLU A OE1 1 
ATOM   102  O OE2 . GLU A 1 26  ? 7.528   -19.282 -20.310 1.00 60.26  ? 21  GLU A OE2 1 
ATOM   103  N N   . VAL A 1 27  ? 11.502  -16.778 -24.188 1.00 40.62  ? 22  VAL A N   1 
ATOM   104  C CA  . VAL A 1 27  ? 12.881  -17.225 -24.253 1.00 41.50  ? 22  VAL A CA  1 
ATOM   105  C C   . VAL A 1 27  ? 13.824  -16.071 -23.950 1.00 38.23  ? 22  VAL A C   1 
ATOM   106  O O   . VAL A 1 27  ? 14.715  -16.180 -23.123 1.00 39.56  ? 22  VAL A O   1 
ATOM   107  C CB  . VAL A 1 27  ? 13.239  -17.834 -25.616 1.00 42.91  ? 22  VAL A CB  1 
ATOM   108  C CG1 . VAL A 1 27  ? 14.707  -18.229 -25.624 1.00 44.58  ? 22  VAL A CG1 1 
ATOM   109  C CG2 . VAL A 1 27  ? 12.374  -19.058 -25.909 1.00 43.19  ? 22  VAL A CG2 1 
ATOM   110  N N   . GLU A 1 28  ? 13.588  -14.948 -24.595 1.00 38.87  ? 23  GLU A N   1 
ATOM   111  C CA  . GLU A 1 28  ? 14.423  -13.782 -24.398 1.00 41.49  ? 23  GLU A CA  1 
ATOM   112  C C   . GLU A 1 28  ? 14.366  -13.263 -22.963 1.00 38.82  ? 23  GLU A C   1 
ATOM   113  O O   . GLU A 1 28  ? 15.386  -12.851 -22.414 1.00 36.81  ? 23  GLU A O   1 
ATOM   114  C CB  . GLU A 1 28  ? 14.044  -12.681 -25.380 1.00 44.64  ? 23  GLU A CB  1 
ATOM   115  C CG  . GLU A 1 28  ? 15.198  -11.744 -25.659 1.00 50.54  ? 23  GLU A CG  1 
ATOM   116  C CD  . GLU A 1 28  ? 14.874  -10.657 -26.666 1.00 55.97  ? 23  GLU A CD  1 
ATOM   117  O OE1 . GLU A 1 28  ? 13.926  -10.825 -27.487 1.00 59.94  ? 23  GLU A OE1 1 
ATOM   118  O OE2 . GLU A 1 28  ? 15.591  -9.630  -26.621 1.00 54.46  ? 23  GLU A OE2 1 
ATOM   119  N N   . CYS A 1 29  ? 13.183  -13.295 -22.358 1.00 39.86  ? 24  CYS A N   1 
ATOM   120  C CA  . CYS A 1 29  ? 13.024  -12.859 -20.961 1.00 40.18  ? 24  CYS A CA  1 
ATOM   121  C C   . CYS A 1 29  ? 13.705  -13.848 -20.033 1.00 39.24  ? 24  CYS A C   1 
ATOM   122  O O   . CYS A 1 29  ? 14.346  -13.445 -19.069 1.00 38.94  ? 24  CYS A O   1 
ATOM   123  C CB  . CYS A 1 29  ? 11.559  -12.666 -20.578 1.00 40.83  ? 24  CYS A CB  1 
ATOM   124  S SG  . CYS A 1 29  ? 10.737  -11.206 -21.306 1.00 45.35  ? 24  CYS A SG  1 
ATOM   125  N N   . ASN A 1 30  ? 13.612  -15.136 -20.337 1.00 39.54  ? 25  ASN A N   1 
ATOM   126  C CA  . ASN A 1 30  ? 14.380  -16.129 -19.579 1.00 40.12  ? 25  ASN A CA  1 
ATOM   127  C C   . ASN A 1 30  ? 15.874  -15.872 -19.656 1.00 39.53  ? 25  ASN A C   1 
ATOM   128  O O   . ASN A 1 30  ? 16.562  -15.972 -18.663 1.00 39.76  ? 25  ASN A O   1 
ATOM   129  C CB  . ASN A 1 30  ? 14.096  -17.528 -20.073 1.00 41.83  ? 25  ASN A CB  1 
ATOM   130  C CG  . ASN A 1 30  ? 12.779  -18.042 -19.599 1.00 42.77  ? 25  ASN A CG  1 
ATOM   131  O OD1 . ASN A 1 30  ? 12.391  -17.805 -18.459 1.00 42.55  ? 25  ASN A OD1 1 
ATOM   132  N ND2 . ASN A 1 30  ? 12.084  -18.766 -20.459 1.00 42.09  ? 25  ASN A ND2 1 
ATOM   133  N N   . TYR A 1 31  ? 16.370  -15.513 -20.831 1.00 39.81  ? 26  TYR A N   1 
ATOM   134  C CA  . TYR A 1 31  ? 17.797  -15.205 -20.983 1.00 39.71  ? 26  TYR A CA  1 
ATOM   135  C C   . TYR A 1 31  ? 18.202  -14.037 -20.094 1.00 40.70  ? 26  TYR A C   1 
ATOM   136  O O   . TYR A 1 31  ? 19.120  -14.142 -19.276 1.00 41.14  ? 26  TYR A O   1 
ATOM   137  C CB  . TYR A 1 31  ? 18.122  -14.923 -22.446 1.00 37.32  ? 26  TYR A CB  1 
ATOM   138  C CG  . TYR A 1 31  ? 19.439  -14.274 -22.647 1.00 35.98  ? 26  TYR A CG  1 
ATOM   139  C CD1 . TYR A 1 31  ? 20.604  -14.935 -22.308 1.00 37.71  ? 26  TYR A CD1 1 
ATOM   140  C CD2 . TYR A 1 31  ? 19.529  -12.992 -23.159 1.00 34.38  ? 26  TYR A CD2 1 
ATOM   141  C CE1 . TYR A 1 31  ? 21.839  -14.331 -22.486 1.00 38.16  ? 26  TYR A CE1 1 
ATOM   142  C CE2 . TYR A 1 31  ? 20.745  -12.384 -23.344 1.00 35.18  ? 26  TYR A CE2 1 
ATOM   143  C CZ  . TYR A 1 31  ? 21.907  -13.053 -23.006 1.00 36.85  ? 26  TYR A CZ  1 
ATOM   144  O OH  . TYR A 1 31  ? 23.143  -12.447 -23.172 1.00 39.42  ? 26  TYR A OH  1 
ATOM   145  N N   . HIS A 1 32  ? 17.470  -12.941 -20.224 1.00 40.26  ? 27  HIS A N   1 
ATOM   146  C CA  . HIS A 1 32  ? 17.784  -11.736 -19.465 1.00 41.14  ? 27  HIS A CA  1 
ATOM   147  C C   . HIS A 1 32  ? 17.679  -11.965 -17.955 1.00 43.90  ? 27  HIS A C   1 
ATOM   148  O O   . HIS A 1 32  ? 18.473  -11.415 -17.190 1.00 43.38  ? 27  HIS A O   1 
ATOM   149  C CB  . HIS A 1 32  ? 16.877  -10.578 -19.885 1.00 39.66  ? 27  HIS A CB  1 
ATOM   150  C CG  . HIS A 1 32  ? 17.106  -10.102 -21.284 1.00 38.93  ? 27  HIS A CG  1 
ATOM   151  N ND1 . HIS A 1 32  ? 18.354  -9.772  -21.761 1.00 41.45  ? 27  HIS A ND1 1 
ATOM   152  C CD2 . HIS A 1 32  ? 16.243  -9.867  -22.298 1.00 41.65  ? 27  HIS A CD2 1 
ATOM   153  C CE1 . HIS A 1 32  ? 18.253  -9.359  -23.010 1.00 43.55  ? 27  HIS A CE1 1 
ATOM   154  N NE2 . HIS A 1 32  ? 16.983  -9.417  -23.366 1.00 45.11  ? 27  HIS A NE2 1 
ATOM   155  N N   . CYS A 1 33  ? 16.714  -12.794 -17.540 1.00 47.38  ? 28  CYS A N   1 
ATOM   156  C CA  . CYS A 1 33  ? 16.461  -13.056 -16.130 1.00 47.51  ? 28  CYS A CA  1 
ATOM   157  C C   . CYS A 1 33  ? 17.403  -14.110 -15.566 1.00 49.42  ? 28  CYS A C   1 
ATOM   158  O O   . CYS A 1 33  ? 18.122  -13.862 -14.595 1.00 48.80  ? 28  CYS A O   1 
ATOM   159  C CB  . CYS A 1 33  ? 14.999  -13.471 -15.923 1.00 50.10  ? 28  CYS A CB  1 
ATOM   160  S SG  . CYS A 1 33  ? 14.492  -13.721 -14.207 1.00 51.26  ? 28  CYS A SG  1 
ATOM   161  N N   . TYR A 1 34  ? 17.409  -15.288 -16.169 1.00 53.02  ? 29  TYR A N   1 
ATOM   162  C CA  . TYR A 1 34  ? 18.163  -16.410 -15.606 1.00 55.93  ? 29  TYR A CA  1 
ATOM   163  C C   . TYR A 1 34  ? 19.676  -16.286 -15.751 1.00 55.02  ? 29  TYR A C   1 
ATOM   164  O O   . TYR A 1 34  ? 20.386  -16.939 -14.998 1.00 62.80  ? 29  TYR A O   1 
ATOM   165  C CB  . TYR A 1 34  ? 17.701  -17.753 -16.198 1.00 61.55  ? 29  TYR A CB  1 
ATOM   166  C CG  . TYR A 1 34  ? 16.436  -18.319 -15.570 1.00 66.28  ? 29  TYR A CG  1 
ATOM   167  C CD1 . TYR A 1 34  ? 15.182  -17.767 -15.852 1.00 70.12  ? 29  TYR A CD1 1 
ATOM   168  C CD2 . TYR A 1 34  ? 16.492  -19.420 -14.698 1.00 67.57  ? 29  TYR A CD2 1 
ATOM   169  C CE1 . TYR A 1 34  ? 14.019  -18.286 -15.279 1.00 72.79  ? 29  TYR A CE1 1 
ATOM   170  C CE2 . TYR A 1 34  ? 15.339  -19.945 -14.125 1.00 72.13  ? 29  TYR A CE2 1 
ATOM   171  C CZ  . TYR A 1 34  ? 14.104  -19.375 -14.414 1.00 72.02  ? 29  TYR A CZ  1 
ATOM   172  O OH  . TYR A 1 34  ? 12.960  -19.890 -13.859 1.00 73.81  ? 29  TYR A OH  1 
ATOM   173  N N   . HIS A 1 35  ? 20.167  -15.470 -16.694 1.00 54.05  ? 30  HIS A N   1 
ATOM   174  C CA  . HIS A 1 35  ? 21.608  -15.458 -17.062 1.00 51.92  ? 30  HIS A CA  1 
ATOM   175  C C   . HIS A 1 35  ? 22.288  -14.126 -16.858 1.00 50.93  ? 30  HIS A C   1 
ATOM   176  O O   . HIS A 1 35  ? 23.371  -14.077 -16.297 1.00 56.17  ? 30  HIS A O   1 
ATOM   177  C CB  . HIS A 1 35  ? 21.808  -15.911 -18.514 1.00 48.19  ? 30  HIS A CB  1 
ATOM   178  C CG  . HIS A 1 35  ? 21.427  -17.335 -18.745 1.00 46.78  ? 30  HIS A CG  1 
ATOM   179  N ND1 . HIS A 1 35  ? 22.339  -18.369 -18.683 1.00 44.52  ? 30  HIS A ND1 1 
ATOM   180  C CD2 . HIS A 1 35  ? 20.227  -17.905 -19.015 1.00 46.96  ? 30  HIS A CD2 1 
ATOM   181  C CE1 . HIS A 1 35  ? 21.719  -19.515 -18.907 1.00 43.94  ? 30  HIS A CE1 1 
ATOM   182  N NE2 . HIS A 1 35  ? 20.435  -19.264 -19.103 1.00 45.55  ? 30  HIS A NE2 1 
ATOM   183  N N   . GLU A 1 36  ? 21.675  -13.055 -17.342 1.00 51.21  ? 31  GLU A N   1 
ATOM   184  C CA  . GLU A 1 36  ? 22.127  -11.710 -17.015 1.00 49.43  ? 31  GLU A CA  1 
ATOM   185  C C   . GLU A 1 36  ? 21.670  -11.259 -15.613 1.00 52.12  ? 31  GLU A C   1 
ATOM   186  O O   . GLU A 1 36  ? 22.279  -10.351 -15.053 1.00 51.16  ? 31  GLU A O   1 
ATOM   187  C CB  . GLU A 1 36  ? 21.609  -10.716 -18.030 1.00 46.97  ? 31  GLU A CB  1 
ATOM   188  C CG  . GLU A 1 36  ? 22.154  -10.884 -19.423 1.00 48.91  ? 31  GLU A CG  1 
ATOM   189  C CD  . GLU A 1 36  ? 21.622  -9.820  -20.366 1.00 54.14  ? 31  GLU A CD  1 
ATOM   190  O OE1 . GLU A 1 36  ? 20.432  -9.440  -20.238 1.00 58.02  ? 31  GLU A OE1 1 
ATOM   191  O OE2 . GLU A 1 36  ? 22.388  -9.353  -21.235 1.00 56.39  ? 31  GLU A OE2 1 
ATOM   192  N N   . LYS A 1 37  ? 20.594  -11.857 -15.075 1.00 52.70  ? 32  LYS A N   1 
ATOM   193  C CA  . LYS A 1 37  ? 19.963  -11.421 -13.816 1.00 55.40  ? 32  LYS A CA  1 
ATOM   194  C C   . LYS A 1 37  ? 19.440  -9.962  -13.834 1.00 53.57  ? 32  LYS A C   1 
ATOM   195  O O   . LYS A 1 37  ? 19.443  -9.278  -12.813 1.00 52.59  ? 32  LYS A O   1 
ATOM   196  C CB  . LYS A 1 37  ? 20.907  -11.655 -12.621 1.00 59.71  ? 32  LYS A CB  1 
ATOM   197  C CG  . LYS A 1 37  ? 21.327  -13.099 -12.443 1.00 65.41  ? 32  LYS A CG  1 
ATOM   198  C CD  . LYS A 1 37  ? 22.626  -13.220 -11.664 1.00 71.97  ? 32  LYS A CD  1 
ATOM   199  C CE  . LYS A 1 37  ? 22.901  -14.666 -11.291 1.00 76.32  ? 32  LYS A CE  1 
ATOM   200  N NZ  . LYS A 1 37  ? 22.872  -15.566 -12.486 1.00 81.38  ? 32  LYS A NZ  1 
ATOM   201  N N   . ASP A 1 38  ? 18.991  -9.499  -14.993 1.00 49.05  ? 33  ASP A N   1 
ATOM   202  C CA  . ASP A 1 38  ? 18.443  -8.154  -15.117 1.00 52.38  ? 33  ASP A CA  1 
ATOM   203  C C   . ASP A 1 38  ? 17.077  -8.116  -14.403 1.00 53.79  ? 33  ASP A C   1 
ATOM   204  O O   . ASP A 1 38  ? 16.134  -8.808  -14.815 1.00 51.23  ? 33  ASP A O   1 
ATOM   205  C CB  . ASP A 1 38  ? 18.337  -7.746  -16.597 1.00 53.48  ? 33  ASP A CB  1 
ATOM   206  C CG  . ASP A 1 38  ? 17.614  -6.436  -16.811 1.00 56.47  ? 33  ASP A CG  1 
ATOM   207  O OD1 . ASP A 1 38  ? 17.530  -5.622  -15.884 1.00 63.72  ? 33  ASP A OD1 1 
ATOM   208  O OD2 . ASP A 1 38  ? 17.097  -6.225  -17.927 1.00 69.01  ? 33  ASP A OD2 1 
ATOM   209  N N   . PRO A 1 39  ? 16.965  -7.302  -13.333 1.00 55.57  ? 34  PRO A N   1 
ATOM   210  C CA  . PRO A 1 39  ? 15.711  -7.238  -12.570 1.00 53.64  ? 34  PRO A CA  1 
ATOM   211  C C   . PRO A 1 39  ? 14.463  -6.897  -13.387 1.00 50.33  ? 34  PRO A C   1 
ATOM   212  O O   . PRO A 1 39  ? 13.411  -7.491  -13.158 1.00 50.19  ? 34  PRO A O   1 
ATOM   213  C CB  . PRO A 1 39  ? 15.981  -6.133  -11.541 1.00 55.76  ? 34  PRO A CB  1 
ATOM   214  C CG  . PRO A 1 39  ? 17.464  -6.078  -11.414 1.00 56.62  ? 34  PRO A CG  1 
ATOM   215  C CD  . PRO A 1 39  ? 17.979  -6.376  -12.781 1.00 55.50  ? 34  PRO A CD  1 
ATOM   216  N N   . ASP A 1 40  ? 14.577  -5.938  -14.296 1.00 50.26  ? 35  ASP A N   1 
ATOM   217  C CA  . ASP A 1 40  ? 13.494  -5.620  -15.210 1.00 52.90  ? 35  ASP A CA  1 
ATOM   218  C C   . ASP A 1 40  ? 13.199  -6.746  -16.183 1.00 51.33  ? 35  ASP A C   1 
ATOM   219  O O   . ASP A 1 40  ? 12.051  -6.908  -16.584 1.00 53.68  ? 35  ASP A O   1 
ATOM   220  C CB  . ASP A 1 40  ? 13.766  -4.324  -15.973 1.00 58.21  ? 35  ASP A CB  1 
ATOM   221  C CG  . ASP A 1 40  ? 13.346  -3.098  -15.185 1.00 64.94  ? 35  ASP A CG  1 
ATOM   222  O OD1 . ASP A 1 40  ? 12.125  -2.881  -15.018 1.00 77.26  ? 35  ASP A OD1 1 
ATOM   223  O OD2 . ASP A 1 40  ? 14.226  -2.350  -14.728 1.00 68.02  ? 35  ASP A OD2 1 
ATOM   224  N N   . GLY A 1 41  ? 14.215  -7.521  -16.562 1.00 48.95  ? 36  GLY A N   1 
ATOM   225  C CA  . GLY A 1 41  ? 14.004  -8.695  -17.402 1.00 48.55  ? 36  GLY A CA  1 
ATOM   226  C C   . GLY A 1 41  ? 13.158  -9.734  -16.675 1.00 50.62  ? 36  GLY A C   1 
ATOM   227  O O   . GLY A 1 41  ? 12.199  -10.288 -17.233 1.00 45.49  ? 36  GLY A O   1 
ATOM   228  N N   . CYS A 1 42  ? 13.510  -9.990  -15.416 1.00 47.82  ? 37  CYS A N   1 
ATOM   229  C CA  . CYS A 1 42  ? 12.725  -10.879 -14.593 1.00 48.72  ? 37  CYS A CA  1 
ATOM   230  C C   . CYS A 1 42  ? 11.272  -10.407 -14.440 1.00 49.45  ? 37  CYS A C   1 
ATOM   231  O O   . CYS A 1 42  ? 10.349  -11.220 -14.449 1.00 49.03  ? 37  CYS A O   1 
ATOM   232  C CB  . CYS A 1 42  ? 13.364  -11.031 -13.230 1.00 47.17  ? 37  CYS A CB  1 
ATOM   233  S SG  . CYS A 1 42  ? 14.913  -11.925 -13.251 1.00 48.97  ? 37  CYS A SG  1 
ATOM   234  N N   . TYR A 1 43  ? 11.067  -9.105  -14.303 1.00 48.81  ? 38  TYR A N   1 
ATOM   235  C CA  . TYR A 1 43  ? 9.717   -8.572  -14.141 1.00 49.34  ? 38  TYR A CA  1 
ATOM   236  C C   . TYR A 1 43  ? 8.947   -8.692  -15.436 1.00 47.96  ? 38  TYR A C   1 
ATOM   237  O O   . TYR A 1 43  ? 7.762   -8.990  -15.428 1.00 50.60  ? 38  TYR A O   1 
ATOM   238  C CB  . TYR A 1 43  ? 9.755   -7.124  -13.692 1.00 48.27  ? 38  TYR A CB  1 
ATOM   239  C CG  . TYR A 1 43  ? 8.446   -6.600  -13.200 1.00 47.56  ? 38  TYR A CG  1 
ATOM   240  C CD1 . TYR A 1 43  ? 7.924   -7.024  -11.982 1.00 49.43  ? 38  TYR A CD1 1 
ATOM   241  C CD2 . TYR A 1 43  ? 7.734   -5.656  -13.930 1.00 48.08  ? 38  TYR A CD2 1 
ATOM   242  C CE1 . TYR A 1 43  ? 6.717   -6.530  -11.501 1.00 48.73  ? 38  TYR A CE1 1 
ATOM   243  C CE2 . TYR A 1 43  ? 6.521   -5.159  -13.463 1.00 51.36  ? 38  TYR A CE2 1 
ATOM   244  C CZ  . TYR A 1 43  ? 6.023   -5.595  -12.238 1.00 48.18  ? 38  TYR A CZ  1 
ATOM   245  O OH  . TYR A 1 43  ? 4.834   -5.106  -11.770 1.00 50.28  ? 38  TYR A OH  1 
ATOM   246  N N   . ARG A 1 44  ? 9.618   -8.467  -16.551 1.00 48.82  ? 39  ARG A N   1 
ATOM   247  C CA  . ARG A 1 44  ? 8.988   -8.704  -17.850 1.00 49.89  ? 39  ARG A CA  1 
ATOM   248  C C   . ARG A 1 44  ? 8.542   -10.168 -17.973 1.00 44.11  ? 39  ARG A C   1 
ATOM   249  O O   . ARG A 1 44  ? 7.423   -10.451 -18.397 1.00 44.51  ? 39  ARG A O   1 
ATOM   250  C CB  . ARG A 1 44  ? 9.908   -8.268  -19.002 1.00 55.86  ? 39  ARG A CB  1 
ATOM   251  C CG  . ARG A 1 44  ? 9.716   -6.810  -19.432 1.00 66.54  ? 39  ARG A CG  1 
ATOM   252  C CD  . ARG A 1 44  ? 8.350   -6.615  -20.124 1.00 79.25  ? 39  ARG A CD  1 
ATOM   253  N NE  . ARG A 1 44  ? 8.173   -5.336  -20.843 1.00 86.00  ? 39  ARG A NE  1 
ATOM   254  C CZ  . ARG A 1 44  ? 8.442   -5.102  -22.138 1.00 90.10  ? 39  ARG A CZ  1 
ATOM   255  N NH1 . ARG A 1 44  ? 8.949   -6.045  -22.943 1.00 87.01  ? 39  ARG A NH1 1 
ATOM   256  N NH2 . ARG A 1 44  ? 8.210   -3.888  -22.638 1.00 94.44  ? 39  ARG A NH2 1 
ATOM   257  N N   . LEU A 1 45  ? 9.398   -11.088 -17.546 1.00 38.25  ? 40  LEU A N   1 
ATOM   258  C CA  . LEU A 1 45  ? 9.069   -12.502 -17.568 1.00 36.55  ? 40  LEU A CA  1 
ATOM   259  C C   . LEU A 1 45  ? 7.786   -12.799 -16.792 1.00 37.53  ? 40  LEU A C   1 
ATOM   260  O O   . LEU A 1 45  ? 6.981   -13.615 -17.222 1.00 40.22  ? 40  LEU A O   1 
ATOM   261  C CB  . LEU A 1 45  ? 10.247  -13.319 -17.030 1.00 35.50  ? 40  LEU A CB  1 
ATOM   262  C CG  . LEU A 1 45  ? 10.166  -14.847 -17.001 1.00 38.80  ? 40  LEU A CG  1 
ATOM   263  C CD1 . LEU A 1 45  ? 9.901   -15.457 -18.383 1.00 40.64  ? 40  LEU A CD1 1 
ATOM   264  C CD2 . LEU A 1 45  ? 11.452  -15.425 -16.410 1.00 37.76  ? 40  LEU A CD2 1 
ATOM   265  N N   . VAL A 1 46  ? 7.593   -12.120 -15.660 1.00 40.41  ? 41  VAL A N   1 
ATOM   266  C CA  . VAL A 1 46  ? 6.433   -12.323 -14.786 1.00 39.78  ? 41  VAL A CA  1 
ATOM   267  C C   . VAL A 1 46  ? 5.162   -11.880 -15.483 1.00 40.56  ? 41  VAL A C   1 
ATOM   268  O O   . VAL A 1 46  ? 4.171   -12.593 -15.447 1.00 42.55  ? 41  VAL A O   1 
ATOM   269  C CB  . VAL A 1 46  ? 6.604   -11.596 -13.421 1.00 40.24  ? 41  VAL A CB  1 
ATOM   270  C CG1 . VAL A 1 46  ? 5.310   -11.556 -12.623 1.00 39.73  ? 41  VAL A CG1 1 
ATOM   271  C CG2 . VAL A 1 46  ? 7.680   -12.290 -12.592 1.00 42.95  ? 41  VAL A CG2 1 
ATOM   272  N N   . ASP A 1 47  ? 5.208   -10.718 -16.124 1.00 43.30  ? 42  ASP A N   1 
ATOM   273  C CA  . ASP A 1 47  ? 4.073   -10.203 -16.865 1.00 49.59  ? 42  ASP A CA  1 
ATOM   274  C C   . ASP A 1 47  ? 3.693   -11.279 -17.857 1.00 51.92  ? 42  ASP A C   1 
ATOM   275  O O   . ASP A 1 47  ? 2.512   -11.653 -17.973 1.00 47.38  ? 42  ASP A O   1 
ATOM   276  C CB  . ASP A 1 47  ? 4.419   -8.901  -17.614 1.00 56.54  ? 42  ASP A CB  1 
ATOM   277  C CG  . ASP A 1 47  ? 4.711   -7.718  -16.672 1.00 67.27  ? 42  ASP A CG  1 
ATOM   278  O OD1 . ASP A 1 47  ? 4.259   -7.729  -15.501 1.00 77.92  ? 42  ASP A OD1 1 
ATOM   279  O OD2 . ASP A 1 47  ? 5.402   -6.763  -17.103 1.00 75.15  ? 42  ASP A OD2 1 
ATOM   280  N N   . TYR A 1 48  ? 4.714   -11.812 -18.531 1.00 50.50  ? 43  TYR A N   1 
ATOM   281  C CA  . TYR A 1 48  ? 4.502   -12.853 -19.520 1.00 51.63  ? 43  TYR A CA  1 
ATOM   282  C C   . TYR A 1 48  ? 3.896   -14.106 -18.890 1.00 51.24  ? 43  TYR A C   1 
ATOM   283  O O   . TYR A 1 48  ? 2.900   -14.629 -19.387 1.00 47.40  ? 43  TYR A O   1 
ATOM   284  C CB  . TYR A 1 48  ? 5.803   -13.193 -20.258 1.00 52.65  ? 43  TYR A CB  1 
ATOM   285  C CG  . TYR A 1 48  ? 5.576   -14.168 -21.379 1.00 51.82  ? 43  TYR A CG  1 
ATOM   286  C CD1 . TYR A 1 48  ? 5.515   -15.539 -21.125 1.00 48.64  ? 43  TYR A CD1 1 
ATOM   287  C CD2 . TYR A 1 48  ? 5.383   -13.726 -22.694 1.00 52.06  ? 43  TYR A CD2 1 
ATOM   288  C CE1 . TYR A 1 48  ? 5.267   -16.440 -22.136 1.00 49.90  ? 43  TYR A CE1 1 
ATOM   289  C CE2 . TYR A 1 48  ? 5.147   -14.634 -23.721 1.00 50.39  ? 43  TYR A CE2 1 
ATOM   290  C CZ  . TYR A 1 48  ? 5.090   -15.993 -23.431 1.00 49.23  ? 43  TYR A CZ  1 
ATOM   291  O OH  . TYR A 1 48  ? 4.854   -16.923 -24.418 1.00 51.99  ? 43  TYR A OH  1 
ATOM   292  N N   . LEU A 1 49  ? 4.489   -14.589 -17.803 1.00 49.62  ? 44  LEU A N   1 
ATOM   293  C CA  . LEU A 1 49  ? 4.001   -15.824 -17.189 1.00 50.55  ? 44  LEU A CA  1 
ATOM   294  C C   . LEU A 1 49  ? 2.533   -15.677 -16.689 1.00 55.79  ? 44  LEU A C   1 
ATOM   295  O O   . LEU A 1 49  ? 1.743   -16.618 -16.793 1.00 59.81  ? 44  LEU A O   1 
ATOM   296  C CB  . LEU A 1 49  ? 4.953   -16.290 -16.074 1.00 48.31  ? 44  LEU A CB  1 
ATOM   297  C CG  . LEU A 1 49  ? 6.347   -16.840 -16.461 1.00 46.55  ? 44  LEU A CG  1 
ATOM   298  C CD1 . LEU A 1 49  ? 7.249   -17.018 -15.252 1.00 44.72  ? 44  LEU A CD1 1 
ATOM   299  C CD2 . LEU A 1 49  ? 6.265   -18.163 -17.204 1.00 45.56  ? 44  LEU A CD2 1 
ATOM   300  N N   . GLU A 1 50  ? 2.162   -14.494 -16.196 1.00 54.20  ? 45  GLU A N   1 
ATOM   301  C CA  . GLU A 1 50  ? 0.791   -14.249 -15.710 1.00 51.16  ? 45  GLU A CA  1 
ATOM   302  C C   . GLU A 1 50  ? -0.217  -14.013 -16.850 1.00 48.89  ? 45  GLU A C   1 
ATOM   303  O O   . GLU A 1 50  ? -1.232  -14.680 -16.922 1.00 50.39  ? 45  GLU A O   1 
ATOM   304  C CB  . GLU A 1 50  ? 0.764   -13.044 -14.760 1.00 49.62  ? 45  GLU A CB  1 
ATOM   305  C CG  . GLU A 1 50  ? 1.544   -13.217 -13.466 1.00 48.38  ? 45  GLU A CG  1 
ATOM   306  C CD  . GLU A 1 50  ? 1.429   -12.005 -12.550 1.00 48.79  ? 45  GLU A CD  1 
ATOM   307  O OE1 . GLU A 1 50  ? 1.265   -10.862 -13.041 1.00 42.24  ? 45  GLU A OE1 1 
ATOM   308  O OE2 . GLU A 1 50  ? 1.489   -12.201 -11.322 1.00 51.42  ? 45  GLU A OE2 1 
ATOM   309  N N   . GLY A 1 51  ? 0.077   -13.060 -17.730 1.00 49.62  ? 46  GLY A N   1 
ATOM   310  C CA  . GLY A 1 51  ? -0.873  -12.582 -18.732 1.00 53.08  ? 46  GLY A CA  1 
ATOM   311  C C   . GLY A 1 51  ? -0.962  -13.337 -20.057 1.00 59.98  ? 46  GLY A C   1 
ATOM   312  O O   . GLY A 1 51  ? -1.854  -13.054 -20.861 1.00 63.67  ? 46  GLY A O   1 
ATOM   313  N N   . ILE A 1 52  ? -0.047  -14.277 -20.289 1.00 60.71  ? 47  ILE A N   1 
ATOM   314  C CA  . ILE A 1 52  ? 0.019   -15.054 -21.522 1.00 57.32  ? 47  ILE A CA  1 
ATOM   315  C C   . ILE A 1 52  ? -0.109  -16.530 -21.181 1.00 59.87  ? 47  ILE A C   1 
ATOM   316  O O   . ILE A 1 52  ? -1.031  -17.187 -21.643 1.00 70.54  ? 47  ILE A O   1 
ATOM   317  C CB  . ILE A 1 52  ? 1.350   -14.824 -22.281 1.00 59.69  ? 47  ILE A CB  1 
ATOM   318  C CG1 . ILE A 1 52  ? 1.589   -13.328 -22.576 1.00 60.10  ? 47  ILE A CG1 1 
ATOM   319  C CG2 . ILE A 1 52  ? 1.407   -15.667 -23.556 1.00 61.53  ? 47  ILE A CG2 1 
ATOM   320  C CD1 . ILE A 1 52  ? 0.575   -12.663 -23.487 1.00 58.75  ? 47  ILE A CD1 1 
ATOM   321  N N   . ARG A 1 53  ? 0.820   -17.060 -20.399 1.00 61.48  ? 48  ARG A N   1 
ATOM   322  C CA  . ARG A 1 53  ? 0.790   -18.478 -20.038 1.00 63.93  ? 48  ARG A CA  1 
ATOM   323  C C   . ARG A 1 53  ? -0.220  -18.804 -18.928 1.00 61.84  ? 48  ARG A C   1 
ATOM   324  O O   . ARG A 1 53  ? -0.610  -19.953 -18.804 1.00 58.81  ? 48  ARG A O   1 
ATOM   325  C CB  . ARG A 1 53  ? 2.196   -19.000 -19.647 1.00 66.52  ? 48  ARG A CB  1 
ATOM   326  C CG  . ARG A 1 53  ? 3.015   -19.573 -20.808 1.00 72.93  ? 48  ARG A CG  1 
ATOM   327  C CD  . ARG A 1 53  ? 4.227   -20.408 -20.346 1.00 81.89  ? 48  ARG A CD  1 
ATOM   328  N NE  . ARG A 1 53  ? 3.904   -21.574 -19.499 1.00 86.50  ? 48  ARG A NE  1 
ATOM   329  C CZ  . ARG A 1 53  ? 3.354   -22.726 -19.917 1.00 95.45  ? 48  ARG A CZ  1 
ATOM   330  N NH1 . ARG A 1 53  ? 3.025   -22.920 -21.199 1.00 93.27  ? 48  ARG A NH1 1 
ATOM   331  N NH2 . ARG A 1 53  ? 3.113   -23.706 -19.036 1.00 96.14  ? 48  ARG A NH2 1 
ATOM   332  N N   . LYS A 1 54  ? -0.626  -17.813 -18.124 1.00 66.84  ? 49  LYS A N   1 
ATOM   333  C CA  . LYS A 1 54  ? -1.401  -18.038 -16.878 1.00 66.30  ? 49  LYS A CA  1 
ATOM   334  C C   . LYS A 1 54  ? -0.772  -19.083 -15.942 1.00 63.33  ? 49  LYS A C   1 
ATOM   335  O O   . LYS A 1 54  ? -1.483  -19.871 -15.324 1.00 63.73  ? 49  LYS A O   1 
ATOM   336  C CB  . LYS A 1 54  ? -2.862  -18.421 -17.176 1.00 71.42  ? 49  LYS A CB  1 
ATOM   337  C CG  . LYS A 1 54  ? -3.603  -17.465 -18.103 1.00 77.44  ? 49  LYS A CG  1 
ATOM   338  C CD  . LYS A 1 54  ? -4.211  -16.274 -17.374 1.00 78.33  ? 49  LYS A CD  1 
ATOM   339  C CE  . LYS A 1 54  ? -4.586  -15.159 -18.345 1.00 82.19  ? 49  LYS A CE  1 
ATOM   340  N NZ  . LYS A 1 54  ? -5.249  -15.656 -19.592 1.00 78.58  ? 49  LYS A NZ  1 
ATOM   341  N N   . ASN A 1 55  ? 0.559   -19.084 -15.841 1.00 58.89  ? 50  ASN A N   1 
ATOM   342  C CA  . ASN A 1 55  ? 1.280   -19.985 -14.944 1.00 54.34  ? 50  ASN A CA  1 
ATOM   343  C C   . ASN A 1 55  ? 1.788   -19.174 -13.742 1.00 53.01  ? 50  ASN A C   1 
ATOM   344  O O   . ASN A 1 55  ? 2.875   -18.591 -13.759 1.00 54.41  ? 50  ASN A O   1 
ATOM   345  C CB  . ASN A 1 55  ? 2.430   -20.673 -15.676 1.00 55.11  ? 50  ASN A CB  1 
ATOM   346  C CG  . ASN A 1 55  ? 3.106   -21.754 -14.841 1.00 57.48  ? 50  ASN A CG  1 
ATOM   347  O OD1 . ASN A 1 55  ? 2.894   -21.868 -13.633 1.00 60.60  ? 50  ASN A OD1 1 
ATOM   348  N ND2 . ASN A 1 55  ? 3.958   -22.539 -15.489 1.00 65.11  ? 50  ASN A ND2 1 
ATOM   349  N N   . PHE A 1 56  ? 0.977   -19.168 -12.701 1.00 49.22  ? 51  PHE A N   1 
ATOM   350  C CA  . PHE A 1 56  ? 1.251   -18.432 -11.487 1.00 49.87  ? 51  PHE A CA  1 
ATOM   351  C C   . PHE A 1 56  ? 2.263   -19.127 -10.566 1.00 48.04  ? 51  PHE A C   1 
ATOM   352  O O   . PHE A 1 56  ? 2.994   -18.458 -9.837  1.00 46.84  ? 51  PHE A O   1 
ATOM   353  C CB  . PHE A 1 56  ? -0.076  -18.137 -10.788 1.00 51.30  ? 51  PHE A CB  1 
ATOM   354  C CG  . PHE A 1 56  ? -1.028  -17.332 -11.645 1.00 53.67  ? 51  PHE A CG  1 
ATOM   355  C CD1 . PHE A 1 56  ? -0.777  -15.983 -11.908 1.00 52.87  ? 51  PHE A CD1 1 
ATOM   356  C CD2 . PHE A 1 56  ? -2.167  -17.914 -12.197 1.00 57.75  ? 51  PHE A CD2 1 
ATOM   357  C CE1 . PHE A 1 56  ? -1.644  -15.223 -12.684 1.00 53.56  ? 51  PHE A CE1 1 
ATOM   358  C CE2 . PHE A 1 56  ? -3.038  -17.161 -12.986 1.00 57.76  ? 51  PHE A CE2 1 
ATOM   359  C CZ  . PHE A 1 56  ? -2.775  -15.815 -13.230 1.00 57.79  ? 51  PHE A CZ  1 
ATOM   360  N N   . ASP A 1 57  ? 2.353   -20.452 -10.629 1.00 52.17  ? 52  ASP A N   1 
ATOM   361  C CA  . ASP A 1 57  ? 3.364   -21.180 -9.843  1.00 56.36  ? 52  ASP A CA  1 
ATOM   362  C C   . ASP A 1 57  ? 4.777   -20.851 -10.301 1.00 56.23  ? 52  ASP A C   1 
ATOM   363  O O   . ASP A 1 57  ? 5.684   -20.773 -9.473  1.00 54.86  ? 52  ASP A O   1 
ATOM   364  C CB  . ASP A 1 57  ? 3.132   -22.690 -9.861  1.00 60.72  ? 52  ASP A CB  1 
ATOM   365  C CG  . ASP A 1 57  ? 1.805   -23.087 -9.199  1.00 67.53  ? 52  ASP A CG  1 
ATOM   366  O OD1 . ASP A 1 57  ? 0.734   -22.749 -9.760  1.00 73.75  ? 52  ASP A OD1 1 
ATOM   367  O OD2 . ASP A 1 57  ? 1.829   -23.737 -8.126  1.00 70.31  ? 52  ASP A OD2 1 
ATOM   368  N N   . GLU A 1 58  ? 4.948   -20.626 -11.604 1.00 56.73  ? 53  GLU A N   1 
ATOM   369  C CA  . GLU A 1 58  ? 6.240   -20.195 -12.152 1.00 60.15  ? 53  GLU A CA  1 
ATOM   370  C C   . GLU A 1 58  ? 6.460   -18.701 -11.958 1.00 55.33  ? 53  GLU A C   1 
ATOM   371  O O   . GLU A 1 58  ? 7.579   -18.276 -11.698 1.00 52.96  ? 53  GLU A O   1 
ATOM   372  C CB  . GLU A 1 58  ? 6.381   -20.568 -13.636 1.00 64.78  ? 53  GLU A CB  1 
ATOM   373  C CG  . GLU A 1 58  ? 6.983   -21.953 -13.865 1.00 69.85  ? 53  GLU A CG  1 
ATOM   374  C CD  . GLU A 1 58  ? 8.456   -22.039 -13.490 1.00 72.42  ? 53  GLU A CD  1 
ATOM   375  O OE1 . GLU A 1 58  ? 9.192   -21.038 -13.657 1.00 75.50  ? 53  GLU A OE1 1 
ATOM   376  O OE2 . GLU A 1 58  ? 8.884   -23.115 -13.024 1.00 75.44  ? 53  GLU A OE2 1 
ATOM   377  N N   . ALA A 1 59  ? 5.401   -17.915 -12.108 1.00 50.34  ? 54  ALA A N   1 
ATOM   378  C CA  . ALA A 1 59  ? 5.436   -16.495 -11.736 1.00 50.86  ? 54  ALA A CA  1 
ATOM   379  C C   . ALA A 1 59  ? 5.888   -16.307 -10.286 1.00 46.63  ? 54  ALA A C   1 
ATOM   380  O O   . ALA A 1 59  ? 6.692   -15.428 -9.988  1.00 45.12  ? 54  ALA A O   1 
ATOM   381  C CB  . ALA A 1 59  ? 4.079   -15.836 -11.954 1.00 49.09  ? 54  ALA A CB  1 
ATOM   382  N N   . ALA A 1 60  ? 5.382   -17.143 -9.394  1.00 44.50  ? 55  ALA A N   1 
ATOM   383  C CA  . ALA A 1 60  ? 5.787   -17.076 -8.004  1.00 46.01  ? 55  ALA A CA  1 
ATOM   384  C C   . ALA A 1 60  ? 7.290   -17.286 -7.801  1.00 45.13  ? 55  ALA A C   1 
ATOM   385  O O   . ALA A 1 60  ? 7.881   -16.567 -7.016  1.00 43.89  ? 55  ALA A O   1 
ATOM   386  C CB  . ALA A 1 60  ? 4.994   -18.063 -7.173  1.00 47.83  ? 55  ALA A CB  1 
ATOM   387  N N   . LYS A 1 61  ? 7.904   -18.242 -8.501  1.00 48.68  ? 56  LYS A N   1 
ATOM   388  C CA  . LYS A 1 61  ? 9.340   -18.553 -8.287  1.00 52.91  ? 56  LYS A CA  1 
ATOM   389  C C   . LYS A 1 61  ? 10.237  -17.409 -8.731  1.00 47.51  ? 56  LYS A C   1 
ATOM   390  O O   . LYS A 1 61  ? 11.216  -17.074 -8.078  1.00 46.18  ? 56  LYS A O   1 
ATOM   391  C CB  . LYS A 1 61  ? 9.791   -19.839 -9.012  1.00 59.20  ? 56  LYS A CB  1 
ATOM   392  C CG  . LYS A 1 61  ? 9.060   -21.137 -8.645  1.00 69.94  ? 56  LYS A CG  1 
ATOM   393  C CD  . LYS A 1 61  ? 8.803   -21.341 -7.147  1.00 77.81  ? 56  LYS A CD  1 
ATOM   394  C CE  . LYS A 1 61  ? 10.092  -21.432 -6.331  1.00 84.00  ? 56  LYS A CE  1 
ATOM   395  N NZ  . LYS A 1 61  ? 9.826   -21.411 -4.865  1.00 83.16  ? 56  LYS A NZ  1 
ATOM   396  N N   . VAL A 1 62  ? 9.886   -16.820 -9.857  1.00 43.62  ? 57  VAL A N   1 
ATOM   397  C CA  . VAL A 1 62  ? 10.639  -15.727 -10.403 1.00 43.48  ? 57  VAL A CA  1 
ATOM   398  C C   . VAL A 1 62  ? 10.490  -14.531 -9.454  1.00 46.76  ? 57  VAL A C   1 
ATOM   399  O O   . VAL A 1 62  ? 11.495  -13.885 -9.096  1.00 45.03  ? 57  VAL A O   1 
ATOM   400  C CB  . VAL A 1 62  ? 10.141  -15.375 -11.808 1.00 43.77  ? 57  VAL A CB  1 
ATOM   401  C CG1 . VAL A 1 62  ? 10.838  -14.122 -12.328 1.00 46.31  ? 57  VAL A CG1 1 
ATOM   402  C CG2 . VAL A 1 62  ? 10.357  -16.546 -12.772 1.00 44.23  ? 57  VAL A CG2 1 
ATOM   403  N N   . LEU A 1 63  ? 9.244   -14.247 -9.044  1.00 45.41  ? 58  LEU A N   1 
ATOM   404  C CA  . LEU A 1 63  ? 8.974   -13.176 -8.070  1.00 43.32  ? 58  LEU A CA  1 
ATOM   405  C C   . LEU A 1 63  ? 9.796   -13.356 -6.797  1.00 41.15  ? 58  LEU A C   1 
ATOM   406  O O   . LEU A 1 63  ? 10.362  -12.406 -6.296  1.00 39.99  ? 58  LEU A O   1 
ATOM   407  C CB  . LEU A 1 63  ? 7.486   -13.059 -7.762  1.00 40.22  ? 58  LEU A CB  1 
ATOM   408  C CG  . LEU A 1 63  ? 6.662   -12.316 -8.828  1.00 38.32  ? 58  LEU A CG  1 
ATOM   409  C CD1 . LEU A 1 63  ? 5.196   -12.488 -8.505  1.00 38.02  ? 58  LEU A CD1 1 
ATOM   410  C CD2 . LEU A 1 63  ? 6.968   -10.826 -8.902  1.00 37.15  ? 58  LEU A CD2 1 
ATOM   411  N N   . LYS A 1 64  ? 9.931   -14.593 -6.352  1.00 44.00  ? 59  LYS A N   1 
ATOM   412  C CA  . LYS A 1 64  ? 10.716  -14.912 -5.170  1.00 48.39  ? 59  LYS A CA  1 
ATOM   413  C C   . LYS A 1 64  ? 12.197  -14.549 -5.366  1.00 46.19  ? 59  LYS A C   1 
ATOM   414  O O   . LYS A 1 64  ? 12.828  -13.906 -4.513  1.00 44.27  ? 59  LYS A O   1 
ATOM   415  C CB  . LYS A 1 64  ? 10.531  -16.390 -4.802  1.00 52.04  ? 59  LYS A CB  1 
ATOM   416  C CG  . LYS A 1 64  ? 10.633  -16.671 -3.312  1.00 60.49  ? 59  LYS A CG  1 
ATOM   417  C CD  . LYS A 1 64  ? 10.168  -18.088 -2.977  1.00 67.79  ? 59  LYS A CD  1 
ATOM   418  C CE  . LYS A 1 64  ? 9.938   -18.293 -1.483  1.00 71.53  ? 59  LYS A CE  1 
ATOM   419  N NZ  . LYS A 1 64  ? 11.169  -18.089 -0.669  1.00 73.43  ? 59  LYS A NZ  1 
ATOM   420  N N   . PHE A 1 65  ? 12.736  -14.928 -6.511  1.00 48.80  ? 60  PHE A N   1 
ATOM   421  C CA  . PHE A 1 65  ? 14.121  -14.623 -6.845  1.00 51.22  ? 60  PHE A CA  1 
ATOM   422  C C   . PHE A 1 65  ? 14.294  -13.113 -6.943  1.00 48.08  ? 60  PHE A C   1 
ATOM   423  O O   . PHE A 1 65  ? 15.177  -12.533 -6.310  1.00 45.44  ? 60  PHE A O   1 
ATOM   424  C CB  . PHE A 1 65  ? 14.520  -15.297 -8.180  1.00 55.88  ? 60  PHE A CB  1 
ATOM   425  C CG  . PHE A 1 65  ? 15.845  -14.829 -8.725  1.00 63.91  ? 60  PHE A CG  1 
ATOM   426  C CD1 . PHE A 1 65  ? 17.041  -15.180 -8.087  1.00 71.12  ? 60  PHE A CD1 1 
ATOM   427  C CD2 . PHE A 1 65  ? 15.913  -14.030 -9.868  1.00 70.13  ? 60  PHE A CD2 1 
ATOM   428  C CE1 . PHE A 1 65  ? 18.280  -14.748 -8.576  1.00 73.94  ? 60  PHE A CE1 1 
ATOM   429  C CE2 . PHE A 1 65  ? 17.151  -13.592 -10.361 1.00 75.30  ? 60  PHE A CE2 1 
ATOM   430  C CZ  . PHE A 1 65  ? 18.335  -13.951 -9.714  1.00 74.78  ? 60  PHE A CZ  1 
ATOM   431  N N   . ASN A 1 66  ? 13.428  -12.486 -7.736  1.00 44.32  ? 61  ASN A N   1 
ATOM   432  C CA  . ASN A 1 66  ? 13.585  -11.072 -8.062  1.00 44.64  ? 61  ASN A CA  1 
ATOM   433  C C   . ASN A 1 66  ? 13.429  -10.123 -6.864  1.00 44.81  ? 61  ASN A C   1 
ATOM   434  O O   . ASN A 1 66  ? 14.010  -9.027  -6.875  1.00 46.83  ? 61  ASN A O   1 
ATOM   435  C CB  . ASN A 1 66  ? 12.635  -10.645 -9.203  1.00 42.24  ? 61  ASN A CB  1 
ATOM   436  C CG  . ASN A 1 66  ? 13.259  -9.615  -10.111 1.00 40.53  ? 61  ASN A CG  1 
ATOM   437  O OD1 . ASN A 1 66  ? 14.441  -9.681  -10.393 1.00 42.36  ? 61  ASN A OD1 1 
ATOM   438  N ND2 . ASN A 1 66  ? 12.469  -8.673  -10.594 1.00 43.54  ? 61  ASN A ND2 1 
ATOM   439  N N   . CYS A 1 67  ? 12.659  -10.538 -5.853  1.00 44.64  ? 62  CYS A N   1 
ATOM   440  C CA  . CYS A 1 67  ? 12.481  -9.749  -4.639  1.00 44.25  ? 62  CYS A CA  1 
ATOM   441  C C   . CYS A 1 67  ? 13.594  -10.023 -3.648  1.00 44.08  ? 62  CYS A C   1 
ATOM   442  O O   . CYS A 1 67  ? 14.221  -9.092  -3.166  1.00 43.65  ? 62  CYS A O   1 
ATOM   443  C CB  . CYS A 1 67  ? 11.114  -10.004 -3.991  1.00 44.34  ? 62  CYS A CB  1 
ATOM   444  S SG  . CYS A 1 67  ? 10.833  -9.147  -2.410  1.00 43.74  ? 62  CYS A SG  1 
ATOM   445  N N   . GLU A 1 68  ? 13.845  -11.290 -3.353  1.00 45.65  ? 63  GLU A N   1 
ATOM   446  C CA  . GLU A 1 68  ? 14.809  -11.654 -2.315  1.00 49.55  ? 63  GLU A CA  1 
ATOM   447  C C   . GLU A 1 68  ? 16.250  -11.425 -2.771  1.00 51.34  ? 63  GLU A C   1 
ATOM   448  O O   . GLU A 1 68  ? 17.012  -10.789 -2.070  1.00 51.42  ? 63  GLU A O   1 
ATOM   449  C CB  . GLU A 1 68  ? 14.592  -13.094 -1.862  1.00 53.27  ? 63  GLU A CB  1 
ATOM   450  C CG  . GLU A 1 68  ? 13.192  -13.307 -1.266  1.00 58.28  ? 63  GLU A CG  1 
ATOM   451  C CD  . GLU A 1 68  ? 12.900  -14.731 -0.807  1.00 60.40  ? 63  GLU A CD  1 
ATOM   452  O OE1 . GLU A 1 68  ? 13.636  -15.671 -1.164  1.00 68.57  ? 63  GLU A OE1 1 
ATOM   453  O OE2 . GLU A 1 68  ? 11.905  -14.916 -0.085  1.00 70.96  ? 63  GLU A OE2 1 
ATOM   454  N N   . GLU A 1 69  ? 16.610  -11.900 -3.960  1.00 56.71  ? 64  GLU A N   1 
ATOM   455  C CA  . GLU A 1 69  ? 17.973  -11.712 -4.470  1.00 59.16  ? 64  GLU A CA  1 
ATOM   456  C C   . GLU A 1 69  ? 18.155  -10.326 -5.079  1.00 57.20  ? 64  GLU A C   1 
ATOM   457  O O   . GLU A 1 69  ? 19.031  -9.590  -4.650  1.00 63.53  ? 64  GLU A O   1 
ATOM   458  C CB  . GLU A 1 69  ? 18.364  -12.793 -5.484  1.00 63.58  ? 64  GLU A CB  1 
ATOM   459  C CG  . GLU A 1 69  ? 17.997  -14.223 -5.097  1.00 70.93  ? 64  GLU A CG  1 
ATOM   460  C CD  . GLU A 1 69  ? 18.327  -14.580 -3.662  1.00 77.47  ? 64  GLU A CD  1 
ATOM   461  O OE1 . GLU A 1 69  ? 19.503  -14.860 -3.384  1.00 88.41  ? 64  GLU A OE1 1 
ATOM   462  O OE2 . GLU A 1 69  ? 17.408  -14.590 -2.813  1.00 89.63  ? 64  GLU A OE2 1 
ATOM   463  N N   . ASN A 1 70  ? 17.332  -9.954  -6.057  1.00 55.33  ? 65  ASN A N   1 
ATOM   464  C CA  . ASN A 1 70  ? 17.525  -8.670  -6.756  1.00 55.99  ? 65  ASN A CA  1 
ATOM   465  C C   . ASN A 1 70  ? 16.860  -7.455  -6.120  1.00 54.56  ? 65  ASN A C   1 
ATOM   466  O O   . ASN A 1 70  ? 17.043  -6.353  -6.614  1.00 53.39  ? 65  ASN A O   1 
ATOM   467  C CB  . ASN A 1 70  ? 17.083  -8.775  -8.219  1.00 59.03  ? 65  ASN A CB  1 
ATOM   468  C CG  . ASN A 1 70  ? 17.902  -9.778  -9.010  1.00 64.44  ? 65  ASN A CG  1 
ATOM   469  O OD1 . ASN A 1 70  ? 17.354  -10.520 -9.823  1.00 69.85  ? 65  ASN A OD1 1 
ATOM   470  N ND2 . ASN A 1 70  ? 19.220  -9.807  -8.779  1.00 65.68  ? 65  ASN A ND2 1 
ATOM   471  N N   . GLN A 1 71  ? 16.090  -7.631  -5.049  1.00 51.75  ? 66  GLN A N   1 
ATOM   472  C CA  . GLN A 1 71  ? 15.472  -6.492  -4.365  1.00 54.29  ? 66  GLN A CA  1 
ATOM   473  C C   . GLN A 1 71  ? 14.760  -5.512  -5.311  1.00 49.35  ? 66  GLN A C   1 
ATOM   474  O O   . GLN A 1 71  ? 14.905  -4.315  -5.197  1.00 52.51  ? 66  GLN A O   1 
ATOM   475  C CB  . GLN A 1 71  ? 16.521  -5.778  -3.499  1.00 59.44  ? 66  GLN A CB  1 
ATOM   476  C CG  . GLN A 1 71  ? 17.334  -6.752  -2.637  1.00 66.63  ? 66  GLN A CG  1 
ATOM   477  C CD  . GLN A 1 71  ? 17.889  -6.147  -1.349  1.00 74.04  ? 66  GLN A CD  1 
ATOM   478  O OE1 . GLN A 1 71  ? 18.143  -4.937  -1.252  1.00 77.41  ? 66  GLN A OE1 1 
ATOM   479  N NE2 . GLN A 1 71  ? 18.089  -7.002  -0.347  1.00 79.43  ? 66  GLN A NE2 1 
ATOM   480  N N   . HIS A 1 72  ? 13.982  -6.050  -6.237  1.00 44.90  ? 67  HIS A N   1 
ATOM   481  C CA  . HIS A 1 72  ? 13.229  -5.264  -7.195  1.00 40.59  ? 67  HIS A CA  1 
ATOM   482  C C   . HIS A 1 72  ? 11.875  -4.942  -6.570  1.00 39.71  ? 67  HIS A C   1 
ATOM   483  O O   . HIS A 1 72  ? 11.125  -5.839  -6.207  1.00 37.88  ? 67  HIS A O   1 
ATOM   484  C CB  . HIS A 1 72  ? 13.077  -6.081  -8.476  1.00 39.95  ? 67  HIS A CB  1 
ATOM   485  C CG  . HIS A 1 72  ? 12.324  -5.393  -9.564  1.00 37.46  ? 67  HIS A CG  1 
ATOM   486  N ND1 . HIS A 1 72  ? 11.009  -5.685  -9.851  1.00 39.05  ? 67  HIS A ND1 1 
ATOM   487  C CD2 . HIS A 1 72  ? 12.707  -4.472  -10.474 1.00 38.41  ? 67  HIS A CD2 1 
ATOM   488  C CE1 . HIS A 1 72  ? 10.605  -4.958  -10.876 1.00 38.70  ? 67  HIS A CE1 1 
ATOM   489  N NE2 . HIS A 1 72  ? 11.608  -4.193  -11.257 1.00 39.37  ? 67  HIS A NE2 1 
ATOM   490  N N   . SER A 1 73  ? 11.583  -3.653  -6.451  1.00 40.32  ? 68  SER A N   1 
ATOM   491  C CA  . SER A 1 73  ? 10.506  -3.132  -5.610  1.00 38.88  ? 68  SER A CA  1 
ATOM   492  C C   . SER A 1 73  ? 9.165   -3.633  -6.082  1.00 36.11  ? 68  SER A C   1 
ATOM   493  O O   . SER A 1 73  ? 8.375   -4.150  -5.300  1.00 39.17  ? 68  SER A O   1 
ATOM   494  C CB  . SER A 1 73  ? 10.532  -1.589  -5.586  1.00 40.17  ? 68  SER A CB  1 
ATOM   495  O OG  . SER A 1 73  ? 9.310   -1.033  -5.105  1.00 48.70  ? 68  SER A OG  1 
ATOM   496  N N   . ASP A 1 74  ? 8.913   -3.496  -7.365  1.00 35.84  ? 69  ASP A N   1 
ATOM   497  C CA  . ASP A 1 74  ? 7.627   -3.881  -7.925  1.00 38.17  ? 69  ASP A CA  1 
ATOM   498  C C   . ASP A 1 74  ? 7.400   -5.398  -7.866  1.00 39.55  ? 69  ASP A C   1 
ATOM   499  O O   . ASP A 1 74  ? 6.283   -5.860  -7.630  1.00 38.25  ? 69  ASP A O   1 
ATOM   500  C CB  . ASP A 1 74  ? 7.488   -3.302  -9.320  1.00 42.29  ? 69  ASP A CB  1 
ATOM   501  C CG  . ASP A 1 74  ? 7.347   -1.764  -9.305  1.00 47.88  ? 69  ASP A CG  1 
ATOM   502  O OD1 . ASP A 1 74  ? 7.196   -1.135  -8.213  1.00 54.28  ? 69  ASP A OD1 1 
ATOM   503  O OD2 . ASP A 1 74  ? 7.376   -1.186  -10.407 1.00 54.62  ? 69  ASP A OD2 1 
ATOM   504  N N   . SER A 1 75  ? 8.472   -6.167  -7.974  1.00 38.15  ? 70  SER A N   1 
ATOM   505  C CA  . SER A 1 75  ? 8.390   -7.595  -7.766  1.00 37.83  ? 70  SER A CA  1 
ATOM   506  C C   . SER A 1 75  ? 8.018   -7.897  -6.330  1.00 39.81  ? 70  SER A C   1 
ATOM   507  O O   . SER A 1 75  ? 7.168   -8.741  -6.101  1.00 45.79  ? 70  SER A O   1 
ATOM   508  C CB  . SER A 1 75  ? 9.707   -8.293  -8.120  1.00 38.49  ? 70  SER A CB  1 
ATOM   509  O OG  . SER A 1 75  ? 9.880   -8.368  -9.524  1.00 39.94  ? 70  SER A OG  1 
ATOM   510  N N   . CYS A 1 76  ? 8.667   -7.249  -5.364  1.00 40.67  ? 71  CYS A N   1 
ATOM   511  C CA  . CYS A 1 76  ? 8.351   -7.463  -3.927  1.00 37.87  ? 71  CYS A CA  1 
ATOM   512  C C   . CYS A 1 76  ? 6.884   -7.193  -3.625  1.00 34.25  ? 71  CYS A C   1 
ATOM   513  O O   . CYS A 1 76  ? 6.259   -7.962  -2.926  1.00 33.78  ? 71  CYS A O   1 
ATOM   514  C CB  . CYS A 1 76  ? 9.213   -6.575  -3.027  1.00 39.64  ? 71  CYS A CB  1 
ATOM   515  S SG  . CYS A 1 76  ? 10.921  -7.103  -2.839  1.00 43.33  ? 71  CYS A SG  1 
ATOM   516  N N   . TYR A 1 77  ? 6.337   -6.116  -4.185  1.00 32.84  ? 72  TYR A N   1 
ATOM   517  C CA  . TYR A 1 77  ? 4.919   -5.811  -4.057  1.00 33.37  ? 72  TYR A CA  1 
ATOM   518  C C   . TYR A 1 77  ? 4.030   -6.945  -4.545  1.00 34.37  ? 72  TYR A C   1 
ATOM   519  O O   . TYR A 1 77  ? 3.131   -7.396  -3.862  1.00 35.86  ? 72  TYR A O   1 
ATOM   520  C CB  . TYR A 1 77  ? 4.551   -4.546  -4.862  1.00 34.98  ? 72  TYR A CB  1 
ATOM   521  C CG  . TYR A 1 77  ? 3.057   -4.308  -4.875  1.00 35.53  ? 72  TYR A CG  1 
ATOM   522  C CD1 . TYR A 1 77  ? 2.434   -3.676  -3.803  1.00 36.89  ? 72  TYR A CD1 1 
ATOM   523  C CD2 . TYR A 1 77  ? 2.249   -4.775  -5.923  1.00 35.29  ? 72  TYR A CD2 1 
ATOM   524  C CE1 . TYR A 1 77  ? 1.052   -3.467  -3.779  1.00 37.17  ? 72  TYR A CE1 1 
ATOM   525  C CE2 . TYR A 1 77  ? 0.876   -4.570  -5.904  1.00 36.25  ? 72  TYR A CE2 1 
ATOM   526  C CZ  . TYR A 1 77  ? 0.281   -3.916  -4.828  1.00 37.75  ? 72  TYR A CZ  1 
ATOM   527  O OH  . TYR A 1 77  ? -1.081  -3.699  -4.779  1.00 42.31  ? 72  TYR A OH  1 
ATOM   528  N N   . LYS A 1 78  ? 4.263   -7.365  -5.767  1.00 39.17  ? 73  LYS A N   1 
ATOM   529  C CA  . LYS A 1 78  ? 3.480   -8.435  -6.375  1.00 40.65  ? 73  LYS A CA  1 
ATOM   530  C C   . LYS A 1 78  ? 3.609   -9.717  -5.543  1.00 38.58  ? 73  LYS A C   1 
ATOM   531  O O   . LYS A 1 78  ? 2.602   -10.394 -5.255  1.00 38.27  ? 73  LYS A O   1 
ATOM   532  C CB  . LYS A 1 78  ? 3.921   -8.640  -7.828  1.00 44.49  ? 73  LYS A CB  1 
ATOM   533  C CG  . LYS A 1 78  ? 2.825   -9.120  -8.752  1.00 53.84  ? 73  LYS A CG  1 
ATOM   534  C CD  . LYS A 1 78  ? 3.201   -8.958  -10.218 1.00 57.74  ? 73  LYS A CD  1 
ATOM   535  C CE  . LYS A 1 78  ? 2.004   -8.487  -11.021 1.00 66.13  ? 73  LYS A CE  1 
ATOM   536  N NZ  . LYS A 1 78  ? 2.390   -8.152  -12.417 1.00 72.49  ? 73  LYS A NZ  1 
ATOM   537  N N   . LEU A 1 79  ? 4.828   -10.014 -5.101  1.00 34.95  ? 74  LEU A N   1 
ATOM   538  C CA  . LEU A 1 79  ? 5.060   -11.168 -4.233  1.00 34.99  ? 74  LEU A CA  1 
ATOM   539  C C   . LEU A 1 79  ? 4.248   -11.086 -2.940  1.00 35.48  ? 74  LEU A C   1 
ATOM   540  O O   . LEU A 1 79  ? 3.656   -12.056 -2.527  1.00 36.92  ? 74  LEU A O   1 
ATOM   541  C CB  . LEU A 1 79  ? 6.548   -11.320 -3.904  1.00 34.39  ? 74  LEU A CB  1 
ATOM   542  C CG  . LEU A 1 79  ? 6.989   -12.544 -3.107  1.00 37.43  ? 74  LEU A CG  1 
ATOM   543  C CD1 . LEU A 1 79  ? 6.492   -13.825 -3.763  1.00 39.88  ? 74  LEU A CD1 1 
ATOM   544  C CD2 . LEU A 1 79  ? 8.505   -12.615 -2.970  1.00 37.65  ? 74  LEU A CD2 1 
ATOM   545  N N   . GLY A 1 80  ? 4.226   -9.931  -2.290  1.00 36.93  ? 75  GLY A N   1 
ATOM   546  C CA  . GLY A 1 80  ? 3.428   -9.755  -1.073  1.00 34.63  ? 75  GLY A CA  1 
ATOM   547  C C   . GLY A 1 80  ? 1.964   -10.019 -1.346  1.00 37.83  ? 75  GLY A C   1 
ATOM   548  O O   . GLY A 1 80  ? 1.312   -10.730 -0.558  1.00 40.89  ? 75  GLY A O   1 
ATOM   549  N N   . ALA A 1 81  ? 1.457   -9.494  -2.476  1.00 35.52  ? 76  ALA A N   1 
ATOM   550  C CA  . ALA A 1 81  ? 0.078   -9.787  -2.922  1.00 36.69  ? 76  ALA A CA  1 
ATOM   551  C C   . ALA A 1 81  ? -0.209  -11.279 -3.040  1.00 35.18  ? 76  ALA A C   1 
ATOM   552  O O   . ALA A 1 81  ? -1.241  -11.729 -2.560  1.00 38.85  ? 76  ALA A O   1 
ATOM   553  C CB  . ALA A 1 81  ? -0.268  -9.083  -4.234  1.00 33.92  ? 76  ALA A CB  1 
ATOM   554  N N   . TYR A 1 82  ? 0.707   -12.024 -3.656  1.00 36.48  ? 77  TYR A N   1 
ATOM   555  C CA  . TYR A 1 82  ? 0.615   -13.504 -3.746  1.00 38.07  ? 77  TYR A CA  1 
ATOM   556  C C   . TYR A 1 82  ? 0.574   -14.127 -2.349  1.00 37.81  ? 77  TYR A C   1 
ATOM   557  O O   . TYR A 1 82  ? -0.229  -15.006 -2.083  1.00 39.00  ? 77  TYR A O   1 
ATOM   558  C CB  . TYR A 1 82  ? 1.811   -14.144 -4.498  1.00 37.10  ? 77  TYR A CB  1 
ATOM   559  C CG  . TYR A 1 82  ? 1.739   -14.166 -6.004  1.00 36.55  ? 77  TYR A CG  1 
ATOM   560  C CD1 . TYR A 1 82  ? 1.401   -13.020 -6.727  1.00 36.61  ? 77  TYR A CD1 1 
ATOM   561  C CD2 . TYR A 1 82  ? 2.059   -15.331 -6.724  1.00 38.67  ? 77  TYR A CD2 1 
ATOM   562  C CE1 . TYR A 1 82  ? 1.352   -13.024 -8.114  1.00 37.14  ? 77  TYR A CE1 1 
ATOM   563  C CE2 . TYR A 1 82  ? 2.020   -15.348 -8.127  1.00 38.15  ? 77  TYR A CE2 1 
ATOM   564  C CZ  . TYR A 1 82  ? 1.661   -14.187 -8.807  1.00 38.95  ? 77  TYR A CZ  1 
ATOM   565  O OH  . TYR A 1 82  ? 1.617   -14.149 -10.167 1.00 40.13  ? 77  TYR A OH  1 
ATOM   566  N N   . TYR A 1 83  ? 1.449   -13.682 -1.459  1.00 38.12  ? 78  TYR A N   1 
ATOM   567  C CA  . TYR A 1 83  ? 1.466   -14.238 -0.101  1.00 37.71  ? 78  TYR A CA  1 
ATOM   568  C C   . TYR A 1 83  ? 0.148   -14.037 0.694   1.00 39.59  ? 78  TYR A C   1 
ATOM   569  O O   . TYR A 1 83  ? -0.186  -14.863 1.535   1.00 40.42  ? 78  TYR A O   1 
ATOM   570  C CB  . TYR A 1 83  ? 2.636   -13.680 0.682   1.00 36.63  ? 78  TYR A CB  1 
ATOM   571  C CG  . TYR A 1 83  ? 3.935   -14.414 0.500   1.00 39.23  ? 78  TYR A CG  1 
ATOM   572  C CD1 . TYR A 1 83  ? 4.066   -15.747 0.921   1.00 43.02  ? 78  TYR A CD1 1 
ATOM   573  C CD2 . TYR A 1 83  ? 5.075   -13.769 -0.015  1.00 40.50  ? 78  TYR A CD2 1 
ATOM   574  C CE1 . TYR A 1 83  ? 5.277   -16.431 0.802   1.00 45.25  ? 78  TYR A CE1 1 
ATOM   575  C CE2 . TYR A 1 83  ? 6.289   -14.441 -0.136  1.00 42.09  ? 78  TYR A CE2 1 
ATOM   576  C CZ  . TYR A 1 83  ? 6.381   -15.771 0.264   1.00 45.25  ? 78  TYR A CZ  1 
ATOM   577  O OH  . TYR A 1 83  ? 7.555   -16.460 0.145   1.00 50.74  ? 78  TYR A OH  1 
ATOM   578  N N   . VAL A 1 84  ? -0.593  -12.959 0.430   1.00 39.39  ? 79  VAL A N   1 
ATOM   579  C CA  . VAL A 1 84  ? -1.830  -12.700 1.142   1.00 39.12  ? 79  VAL A CA  1 
ATOM   580  C C   . VAL A 1 84  ? -2.833  -13.838 0.943   1.00 42.02  ? 79  VAL A C   1 
ATOM   581  O O   . VAL A 1 84  ? -3.554  -14.174 1.884   1.00 43.58  ? 79  VAL A O   1 
ATOM   582  C CB  . VAL A 1 84  ? -2.491  -11.369 0.720   1.00 38.76  ? 79  VAL A CB  1 
ATOM   583  C CG1 . VAL A 1 84  ? -3.856  -11.193 1.389   1.00 38.86  ? 79  VAL A CG1 1 
ATOM   584  C CG2 . VAL A 1 84  ? -1.594  -10.203 1.046   1.00 38.38  ? 79  VAL A CG2 1 
ATOM   585  N N   . THR A 1 85  ? -2.890  -14.411 -0.264  1.00 42.57  ? 80  THR A N   1 
ATOM   586  C CA  . THR A 1 85  ? -3.851  -15.476 -0.570  1.00 45.67  ? 80  THR A CA  1 
ATOM   587  C C   . THR A 1 85  ? -3.275  -16.899 -0.732  1.00 48.65  ? 80  THR A C   1 
ATOM   588  O O   . THR A 1 85  ? -4.028  -17.866 -0.715  1.00 56.59  ? 80  THR A O   1 
ATOM   589  C CB  . THR A 1 85  ? -4.622  -15.139 -1.840  1.00 43.90  ? 80  THR A CB  1 
ATOM   590  O OG1 . THR A 1 85  ? -3.688  -15.015 -2.905  1.00 47.53  ? 80  THR A OG1 1 
ATOM   591  C CG2 . THR A 1 85  ? -5.417  -13.815 -1.669  1.00 45.81  ? 80  THR A CG2 1 
ATOM   592  N N   . GLY A 1 86  ? -1.963  -17.027 -0.870  1.00 48.41  ? 81  GLY A N   1 
ATOM   593  C CA  . GLY A 1 86  ? -1.314  -18.307 -1.134  1.00 48.57  ? 81  GLY A CA  1 
ATOM   594  C C   . GLY A 1 86  ? -1.320  -18.649 -2.616  1.00 47.81  ? 81  GLY A C   1 
ATOM   595  O O   . GLY A 1 86  ? -1.544  -19.795 -2.992  1.00 51.98  ? 81  GLY A O   1 
ATOM   596  N N   . LYS A 1 87  ? -1.060  -17.653 -3.454  1.00 50.09  ? 82  LYS A N   1 
ATOM   597  C CA  . LYS A 1 87  ? -1.085  -17.797 -4.932  1.00 50.84  ? 82  LYS A CA  1 
ATOM   598  C C   . LYS A 1 87  ? 0.228   -18.417 -5.462  1.00 46.72  ? 82  LYS A C   1 
ATOM   599  O O   . LYS A 1 87  ? 1.267   -18.325 -4.821  1.00 44.23  ? 82  LYS A O   1 
ATOM   600  C CB  . LYS A 1 87  ? -1.345  -16.422 -5.562  1.00 50.01  ? 82  LYS A CB  1 
ATOM   601  C CG  . LYS A 1 87  ? -2.001  -16.402 -6.932  1.00 50.82  ? 82  LYS A CG  1 
ATOM   602  C CD  . LYS A 1 87  ? -1.939  -14.978 -7.458  1.00 54.89  ? 82  LYS A CD  1 
ATOM   603  C CE  . LYS A 1 87  ? -2.664  -14.770 -8.773  1.00 60.24  ? 82  LYS A CE  1 
ATOM   604  N NZ  . LYS A 1 87  ? -3.821  -13.836 -8.617  1.00 66.33  ? 82  LYS A NZ  1 
ATOM   605  N N   . GLY A 1 88  ? 0.161   -19.075 -6.615  1.00 46.27  ? 83  GLY A N   1 
ATOM   606  C CA  . GLY A 1 88  ? 1.333   -19.727 -7.220  1.00 47.30  ? 83  GLY A CA  1 
ATOM   607  C C   . GLY A 1 88  ? 2.064   -20.748 -6.360  1.00 48.64  ? 83  GLY A C   1 
ATOM   608  O O   . GLY A 1 88  ? 3.280   -20.887 -6.440  1.00 53.53  ? 83  GLY A O   1 
ATOM   609  N N   . GLY A 1 89  ? 1.338   -21.456 -5.510  1.00 51.22  ? 84  GLY A N   1 
ATOM   610  C CA  . GLY A 1 89  ? 1.944   -22.506 -4.691  1.00 51.55  ? 84  GLY A CA  1 
ATOM   611  C C   . GLY A 1 89  ? 2.480   -22.037 -3.362  1.00 53.05  ? 84  GLY A C   1 
ATOM   612  O O   . GLY A 1 89  ? 2.853   -22.865 -2.522  1.00 51.51  ? 84  GLY A O   1 
ATOM   613  N N   . LEU A 1 90  ? 2.509   -20.719 -3.156  1.00 55.69  ? 85  LEU A N   1 
ATOM   614  C CA  . LEU A 1 90  ? 3.026   -20.147 -1.921  1.00 53.29  ? 85  LEU A CA  1 
ATOM   615  C C   . LEU A 1 90  ? 2.023   -20.392 -0.823  1.00 56.51  ? 85  LEU A C   1 
ATOM   616  O O   . LEU A 1 90  ? 0.813   -20.387 -1.067  1.00 58.32  ? 85  LEU A O   1 
ATOM   617  C CB  . LEU A 1 90  ? 3.236   -18.649 -2.067  1.00 53.42  ? 85  LEU A CB  1 
ATOM   618  C CG  . LEU A 1 90  ? 4.304   -18.217 -3.073  1.00 55.34  ? 85  LEU A CG  1 
ATOM   619  C CD1 . LEU A 1 90  ? 4.261   -16.705 -3.254  1.00 50.96  ? 85  LEU A CD1 1 
ATOM   620  C CD2 . LEU A 1 90  ? 5.689   -18.694 -2.633  1.00 56.19  ? 85  LEU A CD2 1 
ATOM   621  N N   . THR A 1 91  ? 2.523   -20.614 0.387   1.00 57.89  ? 86  THR A N   1 
ATOM   622  C CA  . THR A 1 91  ? 1.640   -20.796 1.510   1.00 62.18  ? 86  THR A CA  1 
ATOM   623  C C   . THR A 1 91  ? 1.156   -19.392 1.833   1.00 58.21  ? 86  THR A C   1 
ATOM   624  O O   . THR A 1 91  ? 1.927   -18.449 1.732   1.00 56.52  ? 86  THR A O   1 
ATOM   625  C CB  . THR A 1 91  ? 2.312   -21.455 2.744   1.00 70.26  ? 86  THR A CB  1 
ATOM   626  O OG1 . THR A 1 91  ? 3.036   -20.472 3.490   1.00 75.12  ? 86  THR A OG1 1 
ATOM   627  C CG2 . THR A 1 91  ? 3.244   -22.634 2.343   1.00 69.67  ? 86  THR A CG2 1 
ATOM   628  N N   . GLN A 1 92  ? -0.132  -19.275 2.150   1.00 53.29  ? 87  GLN A N   1 
ATOM   629  C CA  . GLN A 1 92  ? -0.743  -18.052 2.626   1.00 49.11  ? 87  GLN A CA  1 
ATOM   630  C C   . GLN A 1 92  ? -0.015  -17.599 3.880   1.00 49.50  ? 87  GLN A C   1 
ATOM   631  O O   . GLN A 1 92  ? 0.123   -18.370 4.810   1.00 53.50  ? 87  GLN A O   1 
ATOM   632  C CB  . GLN A 1 92  ? -2.205  -18.316 2.937   1.00 49.23  ? 87  GLN A CB  1 
ATOM   633  C CG  . GLN A 1 92  ? -2.935  -17.117 3.504   1.00 52.73  ? 87  GLN A CG  1 
ATOM   634  C CD  . GLN A 1 92  ? -4.441  -17.291 3.512   1.00 53.56  ? 87  GLN A CD  1 
ATOM   635  O OE1 . GLN A 1 92  ? -5.029  -17.789 2.552   1.00 54.67  ? 87  GLN A OE1 1 
ATOM   636  N NE2 . GLN A 1 92  ? -5.079  -16.863 4.599   1.00 54.55  ? 87  GLN A NE2 1 
ATOM   637  N N   . ASP A 1 93  ? 0.482   -16.363 3.901   1.00 49.33  ? 88  ASP A N   1 
ATOM   638  C CA  . ASP A 1 93  ? 1.428   -15.949 4.954   1.00 47.95  ? 88  ASP A CA  1 
ATOM   639  C C   . ASP A 1 93  ? 1.516   -14.434 5.103   1.00 46.99  ? 88  ASP A C   1 
ATOM   640  O O   . ASP A 1 93  ? 2.217   -13.746 4.350   1.00 51.49  ? 88  ASP A O   1 
ATOM   641  C CB  . ASP A 1 93  ? 2.810   -16.527 4.646   1.00 47.00  ? 88  ASP A CB  1 
ATOM   642  C CG  . ASP A 1 93  ? 3.780   -16.361 5.775   1.00 46.45  ? 88  ASP A CG  1 
ATOM   643  O OD1 . ASP A 1 93  ? 3.527   -15.556 6.689   1.00 46.45  ? 88  ASP A OD1 1 
ATOM   644  O OD2 . ASP A 1 93  ? 4.820   -17.049 5.733   1.00 51.50  ? 88  ASP A OD2 1 
ATOM   645  N N   . LEU A 1 94  ? 0.835   -13.926 6.113   1.00 44.79  ? 89  LEU A N   1 
ATOM   646  C CA  . LEU A 1 94  ? 0.654   -12.499 6.259   1.00 42.52  ? 89  LEU A CA  1 
ATOM   647  C C   . LEU A 1 94  ? 1.943   -11.793 6.633   1.00 39.34  ? 89  LEU A C   1 
ATOM   648  O O   . LEU A 1 94  ? 2.208   -10.694 6.146   1.00 35.68  ? 89  LEU A O   1 
ATOM   649  C CB  . LEU A 1 94  ? -0.451  -12.209 7.274   1.00 42.19  ? 89  LEU A CB  1 
ATOM   650  C CG  . LEU A 1 94  ? -1.074  -10.818 7.173   1.00 44.11  ? 89  LEU A CG  1 
ATOM   651  C CD1 . LEU A 1 94  ? -1.638  -10.528 5.793   1.00 43.20  ? 89  LEU A CD1 1 
ATOM   652  C CD2 . LEU A 1 94  ? -2.171  -10.708 8.208   1.00 44.65  ? 89  LEU A CD2 1 
ATOM   653  N N   . LYS A 1 95  ? 2.739   -12.437 7.483   1.00 40.41  ? 90  LYS A N   1 
ATOM   654  C CA  . LYS A 1 95  ? 4.021   -11.880 7.913   1.00 39.91  ? 90  LYS A CA  1 
ATOM   655  C C   . LYS A 1 95  ? 4.976   -11.718 6.743   1.00 40.18  ? 90  LYS A C   1 
ATOM   656  O O   . LYS A 1 95  ? 5.665   -10.695 6.639   1.00 40.18  ? 90  LYS A O   1 
ATOM   657  C CB  . LYS A 1 95  ? 4.668   -12.748 8.982   1.00 43.95  ? 90  LYS A CB  1 
ATOM   658  C CG  . LYS A 1 95  ? 4.066   -12.555 10.365  1.00 49.22  ? 90  LYS A CG  1 
ATOM   659  C CD  . LYS A 1 95  ? 4.692   -13.504 11.378  1.00 54.17  ? 90  LYS A CD  1 
ATOM   660  C CE  . LYS A 1 95  ? 4.239   -13.200 12.810  1.00 59.27  ? 90  LYS A CE  1 
ATOM   661  N NZ  . LYS A 1 95  ? 5.089   -13.883 13.848  1.00 62.02  ? 90  LYS A NZ  1 
ATOM   662  N N   . ALA A 1 96  ? 5.008   -12.712 5.857   1.00 35.50  ? 91  ALA A N   1 
ATOM   663  C CA  . ALA A 1 96  ? 5.800   -12.599 4.646   1.00 34.37  ? 91  ALA A CA  1 
ATOM   664  C C   . ALA A 1 96  ? 5.240   -11.523 3.710   1.00 34.71  ? 91  ALA A C   1 
ATOM   665  O O   . ALA A 1 96  ? 5.995   -10.781 3.110   1.00 37.07  ? 91  ALA A O   1 
ATOM   666  C CB  . ALA A 1 96  ? 5.871   -13.928 3.936   1.00 34.85  ? 91  ALA A CB  1 
ATOM   667  N N   . ALA A 1 97  ? 3.923   -11.460 3.557   1.00 34.15  ? 92  ALA A N   1 
ATOM   668  C CA  . ALA A 1 97  ? 3.298   -10.385 2.791   1.00 33.44  ? 92  ALA A CA  1 
ATOM   669  C C   . ALA A 1 97  ? 3.787   -9.046  3.297   1.00 32.73  ? 92  ALA A C   1 
ATOM   670  O O   . ALA A 1 97  ? 4.192   -8.194  2.502   1.00 32.22  ? 92  ALA A O   1 
ATOM   671  C CB  . ALA A 1 97  ? 1.771   -10.450 2.873   1.00 34.80  ? 92  ALA A CB  1 
ATOM   672  N N   . ALA A 1 98  ? 3.776   -8.900  4.624   1.00 32.80  ? 93  ALA A N   1 
ATOM   673  C CA  . ALA A 1 98  ? 4.190   -7.665  5.294   1.00 33.35  ? 93  ALA A CA  1 
ATOM   674  C C   . ALA A 1 98  ? 5.640   -7.283  4.978   1.00 36.81  ? 93  ALA A C   1 
ATOM   675  O O   . ALA A 1 98  ? 5.932   -6.105  4.708   1.00 38.02  ? 93  ALA A O   1 
ATOM   676  C CB  . ALA A 1 98  ? 3.995   -7.776  6.800   1.00 31.26  ? 93  ALA A CB  1 
ATOM   677  N N   . ARG A 1 99  ? 6.529   -8.278  5.018   1.00 37.94  ? 94  ARG A N   1 
ATOM   678  C CA  . ARG A 1 99  ? 7.930   -8.082  4.710   1.00 37.78  ? 94  ARG A CA  1 
ATOM   679  C C   . ARG A 1 99  ? 8.083   -7.612  3.292   1.00 37.98  ? 94  ARG A C   1 
ATOM   680  O O   . ARG A 1 99  ? 8.852   -6.695  3.027   1.00 43.04  ? 94  ARG A O   1 
ATOM   681  C CB  . ARG A 1 99  ? 8.719   -9.369  4.910   1.00 40.54  ? 94  ARG A CB  1 
ATOM   682  C CG  . ARG A 1 99  ? 8.962   -9.689  6.378   1.00 43.56  ? 94  ARG A CG  1 
ATOM   683  C CD  . ARG A 1 99  ? 10.001  -10.805 6.561   1.00 47.43  ? 94  ARG A CD  1 
ATOM   684  N NE  . ARG A 1 99  ? 9.352   -12.096 6.812   1.00 50.74  ? 94  ARG A NE  1 
ATOM   685  C CZ  . ARG A 1 99  ? 9.306   -13.123 5.974   1.00 52.81  ? 94  ARG A CZ  1 
ATOM   686  N NH1 . ARG A 1 99  ? 9.884   -13.080 4.773   1.00 64.56  ? 94  ARG A NH1 1 
ATOM   687  N NH2 . ARG A 1 99  ? 8.671   -14.219 6.347   1.00 51.50  ? 94  ARG A NH2 1 
ATOM   688  N N   . CYS A 1 100 ? 7.346   -8.222  2.374   1.00 36.52  ? 95  CYS A N   1 
ATOM   689  C CA  . CYS A 1 100 ? 7.454   -7.856  0.976   1.00 35.65  ? 95  CYS A CA  1 
ATOM   690  C C   . CYS A 1 100 ? 6.954   -6.438  0.750   1.00 34.50  ? 95  CYS A C   1 
ATOM   691  O O   . CYS A 1 100 ? 7.611   -5.645  0.074   1.00 34.33  ? 95  CYS A O   1 
ATOM   692  C CB  . CYS A 1 100 ? 6.705   -8.847  0.114   1.00 37.68  ? 95  CYS A CB  1 
ATOM   693  S SG  . CYS A 1 100 ? 7.476   -10.477 0.102   1.00 40.86  ? 95  CYS A SG  1 
ATOM   694  N N   . PHE A 1 101 ? 5.823   -6.096  1.357   1.00 32.80  ? 96  PHE A N   1 
ATOM   695  C CA  . PHE A 1 101 ? 5.293   -4.751  1.190   1.00 34.27  ? 96  PHE A CA  1 
ATOM   696  C C   . PHE A 1 101 ? 6.198   -3.671  1.767   1.00 35.10  ? 96  PHE A C   1 
ATOM   697  O O   . PHE A 1 101 ? 6.210   -2.543  1.254   1.00 34.91  ? 96  PHE A O   1 
ATOM   698  C CB  . PHE A 1 101 ? 3.895   -4.632  1.786   1.00 34.57  ? 96  PHE A CB  1 
ATOM   699  C CG  . PHE A 1 101 ? 2.854   -5.423  1.061   1.00 34.38  ? 96  PHE A CG  1 
ATOM   700  C CD1 . PHE A 1 101 ? 2.795   -5.444  -0.344  1.00 34.99  ? 96  PHE A CD1 1 
ATOM   701  C CD2 . PHE A 1 101 ? 1.891   -6.131  1.776   1.00 34.13  ? 96  PHE A CD2 1 
ATOM   702  C CE1 . PHE A 1 101 ? 1.811   -6.176  -1.004  1.00 34.92  ? 96  PHE A CE1 1 
ATOM   703  C CE2 . PHE A 1 101 ? 0.918   -6.866  1.117   1.00 33.84  ? 96  PHE A CE2 1 
ATOM   704  C CZ  . PHE A 1 101 ? 0.868   -6.885  -0.269  1.00 32.36  ? 96  PHE A CZ  1 
ATOM   705  N N   . LEU A 1 102 ? 6.943   -4.028  2.823   1.00 36.08  ? 97  LEU A N   1 
ATOM   706  C CA  . LEU A 1 102 ? 7.925   -3.134  3.456   1.00 36.34  ? 97  LEU A CA  1 
ATOM   707  C C   . LEU A 1 102 ? 9.078   -2.859  2.481   1.00 35.79  ? 97  LEU A C   1 
ATOM   708  O O   . LEU A 1 102 ? 9.436   -1.696  2.270   1.00 34.76  ? 97  LEU A O   1 
ATOM   709  C CB  . LEU A 1 102 ? 8.431   -3.713  4.797   1.00 37.05  ? 97  LEU A CB  1 
ATOM   710  C CG  . LEU A 1 102 ? 9.328   -2.821  5.683   1.00 40.33  ? 97  LEU A CG  1 
ATOM   711  C CD1 . LEU A 1 102 ? 8.538   -1.843  6.533   1.00 39.97  ? 97  LEU A CD1 1 
ATOM   712  C CD2 . LEU A 1 102 ? 10.189  -3.643  6.611   1.00 42.48  ? 97  LEU A CD2 1 
ATOM   713  N N   . MET A 1 103 ? 9.599   -3.903  1.837   1.00 36.74  ? 98  MET A N   1 
ATOM   714  C CA  . MET A 1 103 ? 10.627  -3.723  0.825   1.00 39.05  ? 98  MET A CA  1 
ATOM   715  C C   . MET A 1 103 ? 10.115  -2.811  -0.263  1.00 36.64  ? 98  MET A C   1 
ATOM   716  O O   . MET A 1 103 ? 10.792  -1.869  -0.621  1.00 34.53  ? 98  MET A O   1 
ATOM   717  C CB  . MET A 1 103 ? 11.124  -5.039  0.243   1.00 46.30  ? 98  MET A CB  1 
ATOM   718  C CG  . MET A 1 103 ? 11.888  -5.902  1.256   1.00 58.62  ? 98  MET A CG  1 
ATOM   719  S SD  . MET A 1 103 ? 12.101  -7.647  0.771   1.00 81.50  ? 98  MET A SD  1 
ATOM   720  C CE  . MET A 1 103 ? 12.663  -8.467  2.275   1.00 75.83  ? 98  MET A CE  1 
ATOM   721  N N   . ALA A 1 104 ? 8.909   -3.056  -0.752  1.00 36.34  ? 99  ALA A N   1 
ATOM   722  C CA  . ALA A 1 104 ? 8.374   -2.278  -1.886  1.00 38.73  ? 99  ALA A CA  1 
ATOM   723  C C   . ALA A 1 104 ? 8.034   -0.831  -1.561  1.00 38.55  ? 99  ALA A C   1 
ATOM   724  O O   . ALA A 1 104 ? 8.094   0.048   -2.441  1.00 38.07  ? 99  ALA A O   1 
ATOM   725  C CB  . ALA A 1 104 ? 7.140   -2.951  -2.457  1.00 38.27  ? 99  ALA A CB  1 
ATOM   726  N N   . CYS A 1 105 ? 7.598   -0.604  -0.329  1.00 38.27  ? 100 CYS A N   1 
ATOM   727  C CA  . CYS A 1 105 ? 7.360   0.749   0.151   1.00 39.17  ? 100 CYS A CA  1 
ATOM   728  C C   . CYS A 1 105 ? 8.676   1.530   0.245   1.00 39.25  ? 100 CYS A C   1 
ATOM   729  O O   . CYS A 1 105 ? 8.755   2.684   -0.184  1.00 39.83  ? 100 CYS A O   1 
ATOM   730  C CB  . CYS A 1 105 ? 6.704   0.700   1.528   1.00 41.21  ? 100 CYS A CB  1 
ATOM   731  S SG  . CYS A 1 105 ? 6.574   2.300   2.357   1.00 42.93  ? 100 CYS A SG  1 
ATOM   732  N N   . GLU A 1 106 ? 9.688   0.890   0.829   1.00 36.76  ? 101 GLU A N   1 
ATOM   733  C CA  . GLU A 1 106 ? 10.985  1.503   1.040   1.00 36.68  ? 101 GLU A CA  1 
ATOM   734  C C   . GLU A 1 106 ? 11.793  1.749   -0.231  1.00 37.75  ? 101 GLU A C   1 
ATOM   735  O O   . GLU A 1 106 ? 12.204  2.872   -0.479  1.00 38.37  ? 101 GLU A O   1 
ATOM   736  C CB  . GLU A 1 106 ? 11.789  0.662   2.014   1.00 37.03  ? 101 GLU A CB  1 
ATOM   737  C CG  . GLU A 1 106 ? 11.214  0.755   3.406   1.00 38.54  ? 101 GLU A CG  1 
ATOM   738  C CD  . GLU A 1 106 ? 12.076  0.106   4.482   1.00 41.48  ? 101 GLU A CD  1 
ATOM   739  O OE1 . GLU A 1 106 ? 13.005  -0.671  4.165   1.00 45.32  ? 101 GLU A OE1 1 
ATOM   740  O OE2 . GLU A 1 106 ? 11.796  0.383   5.671   1.00 42.77  ? 101 GLU A OE2 1 
ATOM   741  N N   . LYS A 1 107 ? 12.027  0.705   -1.020  1.00 41.78  ? 102 LYS A N   1 
ATOM   742  C CA  . LYS A 1 107 ? 12.677  0.840   -2.332  1.00 42.81  ? 102 LYS A CA  1 
ATOM   743  C C   . LYS A 1 107 ? 11.680  1.527   -3.269  1.00 42.12  ? 102 LYS A C   1 
ATOM   744  O O   . LYS A 1 107 ? 10.572  1.025   -3.462  1.00 41.95  ? 102 LYS A O   1 
ATOM   745  C CB  . LYS A 1 107 ? 13.097  -0.519  -2.893  1.00 46.69  ? 102 LYS A CB  1 
ATOM   746  C CG  . LYS A 1 107 ? 13.957  -1.384  -1.972  1.00 57.09  ? 102 LYS A CG  1 
ATOM   747  C CD  . LYS A 1 107 ? 15.458  -1.230  -2.233  1.00 69.49  ? 102 LYS A CD  1 
ATOM   748  C CE  . LYS A 1 107 ? 16.322  -1.565  -1.005  1.00 74.40  ? 102 LYS A CE  1 
ATOM   749  N NZ  . LYS A 1 107 ? 17.712  -1.020  -1.158  1.00 73.10  ? 102 LYS A NZ  1 
ATOM   750  N N   . PRO A 1 108 ? 12.042  2.692   -3.840  1.00 45.56  ? 103 PRO A N   1 
ATOM   751  C CA  . PRO A 1 108 ? 11.033  3.435   -4.640  1.00 47.74  ? 103 PRO A CA  1 
ATOM   752  C C   . PRO A 1 108 ? 10.713  2.792   -5.967  1.00 45.83  ? 103 PRO A C   1 
ATOM   753  O O   . PRO A 1 108 ? 11.614  2.400   -6.703  1.00 49.19  ? 103 PRO A O   1 
ATOM   754  C CB  . PRO A 1 108 ? 11.663  4.827   -4.847  1.00 45.93  ? 103 PRO A CB  1 
ATOM   755  C CG  . PRO A 1 108 ? 13.112  4.645   -4.599  1.00 45.21  ? 103 PRO A CG  1 
ATOM   756  C CD  . PRO A 1 108 ? 13.308  3.439   -3.719  1.00 44.62  ? 103 PRO A CD  1 
ATOM   757  N N   . GLY A 1 109 ? 9.422   2.684   -6.247  1.00 46.67  ? 104 GLY A N   1 
ATOM   758  C CA  . GLY A 1 109 ? 8.936   2.095   -7.481  1.00 42.71  ? 104 GLY A CA  1 
ATOM   759  C C   . GLY A 1 109 ? 7.529   2.558   -7.741  1.00 41.48  ? 104 GLY A C   1 
ATOM   760  O O   . GLY A 1 109 ? 7.005   3.413   -7.030  1.00 42.53  ? 104 GLY A O   1 
ATOM   761  N N   . LYS A 1 110 ? 6.906   1.945   -8.736  1.00 44.36  ? 105 LYS A N   1 
ATOM   762  C CA  . LYS A 1 110 ? 5.536   2.276   -9.137  1.00 46.15  ? 105 LYS A CA  1 
ATOM   763  C C   . LYS A 1 110 ? 4.476   1.823   -8.125  1.00 42.01  ? 105 LYS A C   1 
ATOM   764  O O   . LYS A 1 110 ? 3.353   2.303   -8.169  1.00 45.18  ? 105 LYS A O   1 
ATOM   765  C CB  . LYS A 1 110 ? 5.181   1.576   -10.459 1.00 51.99  ? 105 LYS A CB  1 
ATOM   766  C CG  . LYS A 1 110 ? 6.089   1.735   -11.666 1.00 57.10  ? 105 LYS A CG  1 
ATOM   767  C CD  . LYS A 1 110 ? 5.595   0.767   -12.755 1.00 66.16  ? 105 LYS A CD  1 
ATOM   768  C CE  . LYS A 1 110 ? 6.578   0.547   -13.901 1.00 71.16  ? 105 LYS A CE  1 
ATOM   769  N NZ  . LYS A 1 110 ? 6.335   1.454   -15.058 1.00 73.82  ? 105 LYS A NZ  1 
ATOM   770  N N   . LYS A 1 111 ? 4.805   0.839   -7.288  1.00 40.34  ? 106 LYS A N   1 
ATOM   771  C CA  . LYS A 1 111 ? 3.871   0.273   -6.318  1.00 39.69  ? 106 LYS A CA  1 
ATOM   772  C C   . LYS A 1 111 ? 4.101   0.751   -4.872  1.00 38.07  ? 106 LYS A C   1 
ATOM   773  O O   . LYS A 1 111 ? 3.404   0.295   -3.957  1.00 35.66  ? 106 LYS A O   1 
ATOM   774  C CB  . LYS A 1 111 ? 3.997   -1.249  -6.334  1.00 42.98  ? 106 LYS A CB  1 
ATOM   775  C CG  . LYS A 1 111 ? 3.926   -1.923  -7.715  1.00 43.95  ? 106 LYS A CG  1 
ATOM   776  C CD  . LYS A 1 111 ? 2.578   -1.756  -8.396  1.00 42.82  ? 106 LYS A CD  1 
ATOM   777  C CE  . LYS A 1 111 ? 2.531   -2.497  -9.728  1.00 44.94  ? 106 LYS A CE  1 
ATOM   778  N NZ  . LYS A 1 111 ? 1.536   -1.873  -10.656 1.00 44.77  ? 106 LYS A NZ  1 
ATOM   779  N N   . SER A 1 112 ? 5.057   1.657   -4.666  1.00 35.27  ? 107 SER A N   1 
ATOM   780  C CA  . SER A 1 112 ? 5.534   1.940   -3.328  1.00 36.84  ? 107 SER A CA  1 
ATOM   781  C C   . SER A 1 112 ? 4.429   2.512   -2.458  1.00 39.34  ? 107 SER A C   1 
ATOM   782  O O   . SER A 1 112 ? 4.189   2.020   -1.347  1.00 46.79  ? 107 SER A O   1 
ATOM   783  C CB  . SER A 1 112 ? 6.729   2.885   -3.369  1.00 36.62  ? 107 SER A CB  1 
ATOM   784  O OG  . SER A 1 112 ? 7.834   2.246   -3.995  1.00 35.67  ? 107 SER A OG  1 
ATOM   785  N N   . ILE A 1 113 ? 3.726   3.503   -2.986  1.00 34.80  ? 108 ILE A N   1 
ATOM   786  C CA  . ILE A 1 113 ? 2.659   4.146   -2.279  1.00 35.67  ? 108 ILE A CA  1 
ATOM   787  C C   . ILE A 1 113 ? 1.640   3.109   -1.800  1.00 33.93  ? 108 ILE A C   1 
ATOM   788  O O   . ILE A 1 113 ? 1.245   3.091   -0.644  1.00 35.66  ? 108 ILE A O   1 
ATOM   789  C CB  . ILE A 1 113 ? 1.949   5.191   -3.169  1.00 37.93  ? 108 ILE A CB  1 
ATOM   790  C CG1 . ILE A 1 113 ? 2.874   6.360   -3.507  1.00 41.88  ? 108 ILE A CG1 1 
ATOM   791  C CG2 . ILE A 1 113 ? 0.688   5.724   -2.502  1.00 38.93  ? 108 ILE A CG2 1 
ATOM   792  C CD1 . ILE A 1 113 ? 3.448   7.074   -2.296  1.00 46.94  ? 108 ILE A CD1 1 
ATOM   793  N N   . ALA A 1 114 ? 1.235   2.244   -2.694  1.00 34.16  ? 109 ALA A N   1 
ATOM   794  C CA  . ALA A 1 114 ? 0.271   1.226   -2.354  1.00 33.38  ? 109 ALA A CA  1 
ATOM   795  C C   . ALA A 1 114 ? 0.859   0.264   -1.348  1.00 34.47  ? 109 ALA A C   1 
ATOM   796  O O   . ALA A 1 114 ? 0.143   -0.195  -0.478  1.00 36.36  ? 109 ALA A O   1 
ATOM   797  C CB  . ALA A 1 114 ? -0.151  0.471   -3.597  1.00 34.21  ? 109 ALA A CB  1 
ATOM   798  N N   . ALA A 1 115 ? 2.146   -0.054  -1.482  1.00 32.79  ? 110 ALA A N   1 
ATOM   799  C CA  . ALA A 1 115 ? 2.819   -0.921  -0.525  1.00 32.62  ? 110 ALA A CA  1 
ATOM   800  C C   . ALA A 1 115 ? 2.882   -0.275  0.865   1.00 36.07  ? 110 ALA A C   1 
ATOM   801  O O   . ALA A 1 115 ? 2.685   -0.967  1.872   1.00 35.26  ? 110 ALA A O   1 
ATOM   802  C CB  . ALA A 1 115 ? 4.208   -1.266  -1.003  1.00 32.10  ? 110 ALA A CB  1 
ATOM   803  N N   . CYS A 1 116 ? 3.097   1.044   0.919   1.00 36.32  ? 111 CYS A N   1 
ATOM   804  C CA  . CYS A 1 116 ? 3.181   1.752   2.208   1.00 39.57  ? 111 CYS A CA  1 
ATOM   805  C C   . CYS A 1 116 ? 1.860   1.710   2.989   1.00 40.43  ? 111 CYS A C   1 
ATOM   806  O O   . CYS A 1 116 ? 1.850   1.462   4.217   1.00 37.44  ? 111 CYS A O   1 
ATOM   807  C CB  . CYS A 1 116 ? 3.632   3.203   2.023   1.00 40.93  ? 111 CYS A CB  1 
ATOM   808  S SG  . CYS A 1 116 ? 5.246   3.382   1.221   1.00 44.29  ? 111 CYS A SG  1 
ATOM   809  N N   . HIS A 1 117 ? 0.755   1.922   2.275   1.00 38.11  ? 112 HIS A N   1 
ATOM   810  C CA  . HIS A 1 117 ? -0.568  1.782   2.871   1.00 36.61  ? 112 HIS A CA  1 
ATOM   811  C C   . HIS A 1 117 ? -0.739  0.411   3.518   1.00 35.24  ? 112 HIS A C   1 
ATOM   812  O O   . HIS A 1 117 ? -1.176  0.310   4.657   1.00 35.12  ? 112 HIS A O   1 
ATOM   813  C CB  . HIS A 1 117 ? -1.668  1.990   1.828   1.00 37.36  ? 112 HIS A CB  1 
ATOM   814  C CG  . HIS A 1 117 ? -3.028  1.671   2.348   1.00 36.28  ? 112 HIS A CG  1 
ATOM   815  N ND1 . HIS A 1 117 ? -3.675  2.475   3.257   1.00 35.18  ? 112 HIS A ND1 1 
ATOM   816  C CD2 . HIS A 1 117 ? -3.829  0.596   2.151   1.00 35.76  ? 112 HIS A CD2 1 
ATOM   817  C CE1 . HIS A 1 117 ? -4.825  1.914   3.592   1.00 36.20  ? 112 HIS A CE1 1 
ATOM   818  N NE2 . HIS A 1 117 ? -4.949  0.781   2.924   1.00 36.68  ? 112 HIS A NE2 1 
ATOM   819  N N   . ASN A 1 118 ? -0.358  -0.630  2.789   1.00 35.23  ? 113 ASN A N   1 
ATOM   820  C CA  . ASN A 1 118 ? -0.480  -1.994  3.278   1.00 36.42  ? 113 ASN A CA  1 
ATOM   821  C C   . ASN A 1 118 ? 0.369   -2.218  4.522   1.00 36.25  ? 113 ASN A C   1 
ATOM   822  O O   . ASN A 1 118 ? -0.042  -2.939  5.429   1.00 40.83  ? 113 ASN A O   1 
ATOM   823  C CB  . ASN A 1 118 ? -0.095  -3.037  2.204   1.00 36.08  ? 113 ASN A CB  1 
ATOM   824  C CG  . ASN A 1 118 ? -0.912  -2.911  0.944   1.00 35.79  ? 113 ASN A CG  1 
ATOM   825  O OD1 . ASN A 1 118 ? -1.880  -2.163  0.930   1.00 34.99  ? 113 ASN A OD1 1 
ATOM   826  N ND2 . ASN A 1 118 ? -0.510  -3.629  -0.138  1.00 33.05  ? 113 ASN A ND2 1 
ATOM   827  N N   . VAL A 1 119 ? 1.558   -1.633  4.549   1.00 38.08  ? 114 VAL A N   1 
ATOM   828  C CA  . VAL A 1 119 ? 2.443   -1.727  5.723   1.00 37.91  ? 114 VAL A CA  1 
ATOM   829  C C   . VAL A 1 119 ? 1.802   -1.067  6.937   1.00 36.07  ? 114 VAL A C   1 
ATOM   830  O O   . VAL A 1 119 ? 1.865   -1.626  8.036   1.00 35.87  ? 114 VAL A O   1 
ATOM   831  C CB  . VAL A 1 119 ? 3.837   -1.111  5.446   1.00 36.70  ? 114 VAL A CB  1 
ATOM   832  C CG1 . VAL A 1 119 ? 4.675   -0.957  6.713   1.00 37.07  ? 114 VAL A CG1 1 
ATOM   833  C CG2 . VAL A 1 119 ? 4.575   -1.979  4.455   1.00 38.79  ? 114 VAL A CG2 1 
ATOM   834  N N   . GLY A 1 120 ? 1.191   0.099   6.729   1.00 35.03  ? 115 GLY A N   1 
ATOM   835  C CA  . GLY A 1 120 ? 0.499   0.805   7.813   1.00 37.46  ? 115 GLY A CA  1 
ATOM   836  C C   . GLY A 1 120 ? -0.648  -0.001  8.396   1.00 37.88  ? 115 GLY A C   1 
ATOM   837  O O   . GLY A 1 120 ? -0.745  -0.218  9.615   1.00 40.14  ? 115 GLY A O   1 
ATOM   838  N N   . LEU A 1 121 ? -1.496  -0.470  7.501   1.00 38.92  ? 116 LEU A N   1 
ATOM   839  C CA  . LEU A 1 121 ? -2.652  -1.270  7.854   1.00 39.59  ? 116 LEU A CA  1 
ATOM   840  C C   . LEU A 1 121 ? -2.278  -2.493  8.654   1.00 39.86  ? 116 LEU A C   1 
ATOM   841  O O   . LEU A 1 121 ? -2.874  -2.754  9.688   1.00 45.46  ? 116 LEU A O   1 
ATOM   842  C CB  . LEU A 1 121 ? -3.397  -1.684  6.587   1.00 40.79  ? 116 LEU A CB  1 
ATOM   843  C CG  . LEU A 1 121 ? -4.728  -2.440  6.769   1.00 43.35  ? 116 LEU A CG  1 
ATOM   844  C CD1 . LEU A 1 121 ? -5.774  -1.594  7.496   1.00 41.12  ? 116 LEU A CD1 1 
ATOM   845  C CD2 . LEU A 1 121 ? -5.227  -2.890  5.404   1.00 44.47  ? 116 LEU A CD2 1 
ATOM   846  N N   . LEU A 1 122 ? -1.290  -3.240  8.188   1.00 40.89  ? 117 LEU A N   1 
ATOM   847  C CA  . LEU A 1 122 ? -0.899  -4.473  8.886   1.00 42.42  ? 117 LEU A CA  1 
ATOM   848  C C   . LEU A 1 122 ? -0.238  -4.215  10.228  1.00 43.49  ? 117 LEU A C   1 
ATOM   849  O O   . LEU A 1 122 ? -0.420  -4.998  11.151  1.00 52.15  ? 117 LEU A O   1 
ATOM   850  C CB  . LEU A 1 122 ? 0.008   -5.340  8.021   1.00 39.35  ? 117 LEU A CB  1 
ATOM   851  C CG  . LEU A 1 122 ? -0.682  -5.877  6.772   1.00 41.78  ? 117 LEU A CG  1 
ATOM   852  C CD1 . LEU A 1 122 ? 0.302   -6.760  6.015   1.00 42.51  ? 117 LEU A CD1 1 
ATOM   853  C CD2 . LEU A 1 122 ? -1.977  -6.633  7.101   1.00 41.27  ? 117 LEU A CD2 1 
ATOM   854  N N   . ALA A 1 123 ? 0.510   -3.119  10.316  1.00 41.11  ? 118 ALA A N   1 
ATOM   855  C CA  . ALA A 1 123 ? 1.161   -2.713  11.533  1.00 40.11  ? 118 ALA A CA  1 
ATOM   856  C C   . ALA A 1 123 ? 0.150   -2.166  12.565  1.00 43.48  ? 118 ALA A C   1 
ATOM   857  O O   . ALA A 1 123 ? 0.231   -2.517  13.765  1.00 42.26  ? 118 ALA A O   1 
ATOM   858  C CB  . ALA A 1 123 ? 2.221   -1.687  11.222  1.00 37.44  ? 118 ALA A CB  1 
ATOM   859  N N   . HIS A 1 124 ? -0.771  -1.305  12.114  1.00 41.40  ? 119 HIS A N   1 
ATOM   860  C CA  . HIS A 1 124 ? -1.909  -0.879  12.946  1.00 44.05  ? 119 HIS A CA  1 
ATOM   861  C C   . HIS A 1 124 ? -2.672  -2.060  13.547  1.00 43.79  ? 119 HIS A C   1 
ATOM   862  O O   . HIS A 1 124 ? -2.965  -2.082  14.728  1.00 46.86  ? 119 HIS A O   1 
ATOM   863  C CB  . HIS A 1 124 ? -2.907  -0.075  12.117  1.00 46.65  ? 119 HIS A CB  1 
ATOM   864  C CG  . HIS A 1 124 ? -4.171  0.258   12.850  1.00 51.56  ? 119 HIS A CG  1 
ATOM   865  N ND1 . HIS A 1 124 ? -5.176  -0.663  13.065  1.00 55.74  ? 119 HIS A ND1 1 
ATOM   866  C CD2 . HIS A 1 124 ? -4.593  1.412   13.420  1.00 52.70  ? 119 HIS A CD2 1 
ATOM   867  C CE1 . HIS A 1 124 ? -6.160  -0.089  13.735  1.00 55.02  ? 119 HIS A CE1 1 
ATOM   868  N NE2 . HIS A 1 124 ? -5.831  1.171   13.961  1.00 52.82  ? 119 HIS A NE2 1 
ATOM   869  N N   . ASP A 1 125 ? -3.024  -3.017  12.699  1.00 46.06  ? 120 ASP A N   1 
ATOM   870  C CA  . ASP A 1 125 ? -3.880  -4.138  13.091  1.00 44.78  ? 120 ASP A CA  1 
ATOM   871  C C   . ASP A 1 125 ? -3.159  -5.133  13.995  1.00 45.89  ? 120 ASP A C   1 
ATOM   872  O O   . ASP A 1 125 ? -3.789  -5.751  14.858  1.00 53.08  ? 120 ASP A O   1 
ATOM   873  C CB  . ASP A 1 125 ? -4.430  -4.854  11.849  1.00 43.84  ? 120 ASP A CB  1 
ATOM   874  C CG  . ASP A 1 125 ? -5.506  -4.053  11.132  1.00 45.65  ? 120 ASP A CG  1 
ATOM   875  O OD1 . ASP A 1 125 ? -5.760  -2.883  11.509  1.00 46.31  ? 120 ASP A OD1 1 
ATOM   876  O OD2 . ASP A 1 125 ? -6.117  -4.612  10.192  1.00 46.88  ? 120 ASP A OD2 1 
ATOM   877  N N   . GLY A 1 126 ? -1.862  -5.310  13.765  1.00 43.83  ? 121 GLY A N   1 
ATOM   878  C CA  . GLY A 1 126 ? -0.977  -5.949  14.706  1.00 46.84  ? 121 GLY A CA  1 
ATOM   879  C C   . GLY A 1 126 ? -0.630  -7.411  14.536  1.00 51.15  ? 121 GLY A C   1 
ATOM   880  O O   . GLY A 1 126 ? 0.426   -7.828  15.017  1.00 58.80  ? 121 GLY A O   1 
ATOM   881  N N   . GLN A 1 127 ? -1.476  -8.201  13.876  1.00 52.59  ? 122 GLN A N   1 
ATOM   882  C CA  . GLN A 1 127 ? -1.260  -9.666  13.817  1.00 53.35  ? 122 GLN A CA  1 
ATOM   883  C C   . GLN A 1 127 ? 0.167   -10.040 13.374  1.00 55.93  ? 122 GLN A C   1 
ATOM   884  O O   . GLN A 1 127 ? 0.726   -11.002 13.898  1.00 59.30  ? 122 GLN A O   1 
ATOM   885  C CB  . GLN A 1 127 ? -2.279  -10.404 12.926  1.00 57.21  ? 122 GLN A CB  1 
ATOM   886  C CG  . GLN A 1 127 ? -3.746  -9.993  13.063  1.00 60.69  ? 122 GLN A CG  1 
ATOM   887  C CD  . GLN A 1 127 ? -4.211  -9.038  11.957  1.00 66.20  ? 122 GLN A CD  1 
ATOM   888  O OE1 . GLN A 1 127 ? -3.750  -7.896  11.878  1.00 64.92  ? 122 GLN A OE1 1 
ATOM   889  N NE2 . GLN A 1 127 ? -5.123  -9.506  11.098  1.00 66.62  ? 122 GLN A NE2 1 
ATOM   890  N N   . VAL A 1 128 ? 0.754   -9.270  12.442  1.00 54.07  ? 123 VAL A N   1 
ATOM   891  C CA  . VAL A 1 128 ? 2.115   -9.536  11.922  1.00 50.17  ? 123 VAL A CA  1 
ATOM   892  C C   . VAL A 1 128 ? 3.271   -9.029  12.766  1.00 51.17  ? 123 VAL A C   1 
ATOM   893  O O   . VAL A 1 128 ? 4.426   -9.338  12.477  1.00 50.63  ? 123 VAL A O   1 
ATOM   894  C CB  . VAL A 1 128 ? 2.340   -8.960  10.504  1.00 46.31  ? 123 VAL A CB  1 
ATOM   895  C CG1 . VAL A 1 128 ? 1.253   -9.457  9.570   1.00 48.56  ? 123 VAL A CG1 1 
ATOM   896  C CG2 . VAL A 1 128 ? 2.450   -7.427  10.512  1.00 44.24  ? 123 VAL A CG2 1 
ATOM   897  N N   . ASN A 1 129 ? 2.976   -8.197  13.755  1.00 57.48  ? 124 ASN A N   1 
ATOM   898  C CA  . ASN A 1 129 ? 3.995   -7.722  14.701  1.00 58.53  ? 124 ASN A CA  1 
ATOM   899  C C   . ASN A 1 129 ? 4.479   -8.887  15.573  1.00 61.30  ? 124 ASN A C   1 
ATOM   900  O O   . ASN A 1 129 ? 3.737   -9.838  15.782  1.00 60.58  ? 124 ASN A O   1 
ATOM   901  C CB  . ASN A 1 129 ? 3.450   -6.538  15.498  1.00 51.64  ? 124 ASN A CB  1 
ATOM   902  C CG  . ASN A 1 129 ? 3.274   -5.303  14.626  1.00 50.24  ? 124 ASN A CG  1 
ATOM   903  O OD1 . ASN A 1 129 ? 4.144   -4.996  13.825  1.00 54.77  ? 124 ASN A OD1 1 
ATOM   904  N ND2 . ASN A 1 129 ? 2.167   -4.590  14.774  1.00 47.10  ? 124 ASN A ND2 1 
ATOM   905  N N   . GLU A 1 130 ? 5.731   -8.828  16.035  1.00 74.41  ? 125 GLU A N   1 
ATOM   906  C CA  . GLU A 1 130 ? 6.381   -9.978  16.713  1.00 77.03  ? 125 GLU A CA  1 
ATOM   907  C C   . GLU A 1 130 ? 5.666   -10.451 17.991  1.00 76.22  ? 125 GLU A C   1 
ATOM   908  O O   . GLU A 1 130 ? 5.827   -11.614 18.376  1.00 76.13  ? 125 GLU A O   1 
ATOM   909  C CB  . GLU A 1 130 ? 7.869   -9.699  17.005  1.00 80.81  ? 125 GLU A CB  1 
ATOM   910  C CG  . GLU A 1 130 ? 8.771   -9.677  15.765  1.00 85.32  ? 125 GLU A CG  1 
ATOM   911  C CD  . GLU A 1 130 ? 9.126   -11.060 15.193  1.00 88.66  ? 125 GLU A CD  1 
ATOM   912  O OE1 . GLU A 1 130 ? 8.710   -12.112 15.736  1.00 81.75  ? 125 GLU A OE1 1 
ATOM   913  O OE2 . GLU A 1 130 ? 9.843   -11.096 14.168  1.00 87.56  ? 125 GLU A OE2 1 
ATOM   914  N N   . ASP A 1 131 ? 4.874   -9.562  18.608  1.00 71.88  ? 126 ASP A N   1 
ATOM   915  C CA  . ASP A 1 131 ? 4.031   -9.876  19.780  1.00 68.86  ? 126 ASP A CA  1 
ATOM   916  C C   . ASP A 1 131 ? 2.516   -9.867  19.505  1.00 66.22  ? 126 ASP A C   1 
ATOM   917  O O   . ASP A 1 131 ? 1.715   -9.881  20.449  1.00 70.86  ? 126 ASP A O   1 
ATOM   918  C CB  . ASP A 1 131 ? 4.349   -8.885  20.919  1.00 73.31  ? 126 ASP A CB  1 
ATOM   919  C CG  . ASP A 1 131 ? 4.124   -7.407  20.523  1.00 76.91  ? 126 ASP A CG  1 
ATOM   920  O OD1 . ASP A 1 131 ? 3.512   -7.131  19.454  1.00 76.98  ? 126 ASP A OD1 1 
ATOM   921  O OD2 . ASP A 1 131 ? 4.591   -6.522  21.283  1.00 66.96  ? 126 ASP A OD2 1 
ATOM   922  N N   . GLY A 1 132 ? 2.116   -9.808  18.232  1.00 61.20  ? 127 GLY A N   1 
ATOM   923  C CA  . GLY A 1 132 ? 0.701   -9.705  17.851  1.00 54.07  ? 127 GLY A CA  1 
ATOM   924  C C   . GLY A 1 132 ? -0.060  -8.446  18.239  1.00 52.02  ? 127 GLY A C   1 
ATOM   925  O O   . GLY A 1 132 ? -1.272  -8.412  18.062  1.00 51.94  ? 127 GLY A O   1 
ATOM   926  N N   . GLN A 1 133 ? 0.626   -7.411  18.738  1.00 51.84  ? 128 GLN A N   1 
ATOM   927  C CA  . GLN A 1 133 ? -0.022  -6.176  19.192  1.00 55.90  ? 128 GLN A CA  1 
ATOM   928  C C   . GLN A 1 133 ? 0.059   -5.096  18.119  1.00 53.29  ? 128 GLN A C   1 
ATOM   929  O O   . GLN A 1 133 ? 0.935   -5.160  17.268  1.00 47.78  ? 128 GLN A O   1 
ATOM   930  C CB  . GLN A 1 133 ? 0.651   -5.648  20.466  1.00 62.60  ? 128 GLN A CB  1 
ATOM   931  C CG  . GLN A 1 133 ? 0.171   -6.319  21.734  1.00 68.24  ? 128 GLN A CG  1 
ATOM   932  C CD  . GLN A 1 133 ? -1.283  -5.994  22.017  1.00 75.86  ? 128 GLN A CD  1 
ATOM   933  O OE1 . GLN A 1 133 ? -1.630  -4.858  22.349  1.00 81.89  ? 128 GLN A OE1 1 
ATOM   934  N NE2 . GLN A 1 133 ? -2.147  -6.985  21.857  1.00 80.14  ? 128 GLN A NE2 1 
ATOM   935  N N   . PRO A 1 134 ? -0.857  -4.104  18.153  1.00 48.69  ? 129 PRO A N   1 
ATOM   936  C CA  . PRO A 1 134 ? -0.692  -2.909  17.326  1.00 47.83  ? 129 PRO A CA  1 
ATOM   937  C C   . PRO A 1 134 ? 0.639   -2.181  17.552  1.00 50.29  ? 129 PRO A C   1 
ATOM   938  O O   . PRO A 1 134 ? 1.189   -2.210  18.657  1.00 57.81  ? 129 PRO A O   1 
ATOM   939  C CB  . PRO A 1 134 ? -1.868  -2.029  17.750  1.00 45.14  ? 129 PRO A CB  1 
ATOM   940  C CG  . PRO A 1 134 ? -2.928  -3.005  18.097  1.00 46.43  ? 129 PRO A CG  1 
ATOM   941  C CD  . PRO A 1 134 ? -2.221  -4.194  18.702  1.00 47.02  ? 129 PRO A CD  1 
ATOM   942  N N   . ASP A 1 135 ? 1.155   -1.578  16.484  1.00 50.89  ? 130 ASP A N   1 
ATOM   943  C CA  . ASP A 1 135 ? 2.378   -0.757  16.504  1.00 47.77  ? 130 ASP A CA  1 
ATOM   944  C C   . ASP A 1 135 ? 2.013   0.485   15.687  1.00 45.17  ? 130 ASP A C   1 
ATOM   945  O O   . ASP A 1 135 ? 2.196   0.546   14.478  1.00 45.65  ? 130 ASP A O   1 
ATOM   946  C CB  . ASP A 1 135 ? 3.548   -1.537  15.903  1.00 48.56  ? 130 ASP A CB  1 
ATOM   947  C CG  . ASP A 1 135 ? 4.871   -0.815  15.991  1.00 51.38  ? 130 ASP A CG  1 
ATOM   948  O OD1 . ASP A 1 135 ? 4.916   0.402   16.252  1.00 65.70  ? 130 ASP A OD1 1 
ATOM   949  O OD2 . ASP A 1 135 ? 5.901   -1.479  15.772  1.00 55.87  ? 130 ASP A OD2 1 
ATOM   950  N N   . LEU A 1 136 ? 1.446   1.455   16.373  1.00 44.80  ? 131 LEU A N   1 
ATOM   951  C CA  . LEU A 1 136 ? 0.877   2.621   15.751  1.00 47.74  ? 131 LEU A CA  1 
ATOM   952  C C   . LEU A 1 136 ? 1.974   3.613   15.417  1.00 46.65  ? 131 LEU A C   1 
ATOM   953  O O   . LEU A 1 136 ? 1.804   4.485   14.546  1.00 49.45  ? 131 LEU A O   1 
ATOM   954  C CB  . LEU A 1 136 ? -0.136  3.245   16.702  1.00 54.08  ? 131 LEU A CB  1 
ATOM   955  C CG  . LEU A 1 136 ? -1.275  2.285   17.094  1.00 59.28  ? 131 LEU A CG  1 
ATOM   956  C CD1 . LEU A 1 136 ? -1.089  1.733   18.509  1.00 66.25  ? 131 LEU A CD1 1 
ATOM   957  C CD2 . LEU A 1 136 ? -2.623  2.976   16.964  1.00 58.70  ? 131 LEU A CD2 1 
ATOM   958  N N   . GLY A 1 137 ? 3.110   3.489   16.099  1.00 44.62  ? 132 GLY A N   1 
ATOM   959  C CA  . GLY A 1 137 ? 4.282   4.295   15.761  1.00 46.10  ? 132 GLY A CA  1 
ATOM   960  C C   . GLY A 1 137 ? 4.699   4.006   14.334  1.00 45.60  ? 132 GLY A C   1 
ATOM   961  O O   . GLY A 1 137 ? 4.706   4.899   13.492  1.00 47.82  ? 132 GLY A O   1 
ATOM   962  N N   . LYS A 1 138 ? 5.005   2.739   14.073  1.00 40.39  ? 133 LYS A N   1 
ATOM   963  C CA  . LYS A 1 138 ? 5.306   2.256   12.719  1.00 40.68  ? 133 LYS A CA  1 
ATOM   964  C C   . LYS A 1 138 ? 4.182   2.561   11.706  1.00 37.75  ? 133 LYS A C   1 
ATOM   965  O O   . LYS A 1 138 ? 4.441   3.112   10.646  1.00 34.32  ? 133 LYS A O   1 
ATOM   966  C CB  . LYS A 1 138 ? 5.625   0.757   12.778  1.00 40.46  ? 133 LYS A CB  1 
ATOM   967  C CG  . LYS A 1 138 ? 5.817   0.087   11.442  1.00 40.40  ? 133 LYS A CG  1 
ATOM   968  C CD  . LYS A 1 138 ? 6.411   -1.295  11.633  1.00 40.00  ? 133 LYS A CD  1 
ATOM   969  C CE  . LYS A 1 138 ? 6.384   -2.029  10.313  1.00 43.63  ? 133 LYS A CE  1 
ATOM   970  N NZ  . LYS A 1 138 ? 7.009   -3.374  10.372  1.00 49.03  ? 133 LYS A NZ  1 
ATOM   971  N N   . ALA A 1 139 ? 2.940   2.268   12.073  1.00 38.57  ? 134 ALA A N   1 
ATOM   972  C CA  . ALA A 1 139 ? 1.784   2.561   11.218  1.00 42.08  ? 134 ALA A CA  1 
ATOM   973  C C   . ALA A 1 139 ? 1.778   4.011   10.753  1.00 44.56  ? 134 ALA A C   1 
ATOM   974  O O   . ALA A 1 139 ? 1.548   4.296   9.580   1.00 47.87  ? 134 ALA A O   1 
ATOM   975  C CB  . ALA A 1 139 ? 0.486   2.240   11.942  1.00 40.03  ? 134 ALA A CB  1 
ATOM   976  N N   . ARG A 1 140 ? 2.055   4.920   11.677  1.00 49.75  ? 135 ARG A N   1 
ATOM   977  C CA  . ARG A 1 140 ? 2.083   6.352   11.378  1.00 51.52  ? 135 ARG A CA  1 
ATOM   978  C C   . ARG A 1 140 ? 3.124   6.750   10.312  1.00 47.30  ? 135 ARG A C   1 
ATOM   979  O O   . ARG A 1 140 ? 2.857   7.591   9.426   1.00 43.45  ? 135 ARG A O   1 
ATOM   980  C CB  . ARG A 1 140 ? 2.344   7.124   12.680  1.00 55.42  ? 135 ARG A CB  1 
ATOM   981  C CG  . ARG A 1 140 ? 2.353   8.640   12.540  1.00 57.43  ? 135 ARG A CG  1 
ATOM   982  C CD  . ARG A 1 140 ? 3.075   9.302   13.690  1.00 58.00  ? 135 ARG A CD  1 
ATOM   983  N NE  . ARG A 1 140 ? 3.253   10.720  13.396  1.00 62.89  ? 135 ARG A NE  1 
ATOM   984  C CZ  . ARG A 1 140 ? 3.409   11.692  14.304  1.00 62.41  ? 135 ARG A CZ  1 
ATOM   985  N NH1 . ARG A 1 140 ? 3.400   11.441  15.611  1.00 62.99  ? 135 ARG A NH1 1 
ATOM   986  N NH2 . ARG A 1 140 ? 3.567   12.944  13.891  1.00 62.59  ? 135 ARG A NH2 1 
ATOM   987  N N   . ASP A 1 141 ? 4.318   6.175   10.420  1.00 42.60  ? 136 ASP A N   1 
ATOM   988  C CA  . ASP A 1 141 ? 5.419   6.562   9.523   1.00 40.42  ? 136 ASP A CA  1 
ATOM   989  C C   . ASP A 1 141 ? 5.137   6.097   8.098   1.00 38.24  ? 136 ASP A C   1 
ATOM   990  O O   . ASP A 1 141 ? 5.399   6.823   7.143   1.00 36.69  ? 136 ASP A O   1 
ATOM   991  C CB  . ASP A 1 141 ? 6.752   5.965   9.997   1.00 41.38  ? 136 ASP A CB  1 
ATOM   992  C CG  . ASP A 1 141 ? 7.228   6.547   11.307  1.00 43.32  ? 136 ASP A CG  1 
ATOM   993  O OD1 . ASP A 1 141 ? 7.064   7.760   11.512  1.00 51.07  ? 136 ASP A OD1 1 
ATOM   994  O OD2 . ASP A 1 141 ? 7.790   5.801   12.129  1.00 45.91  ? 136 ASP A OD2 1 
ATOM   995  N N   . TYR A 1 142 ? 4.574   4.893   7.979   1.00 38.05  ? 137 TYR A N   1 
ATOM   996  C CA  . TYR A 1 142 ? 4.308   4.297   6.684   1.00 38.43  ? 137 TYR A CA  1 
ATOM   997  C C   . TYR A 1 142 ? 3.027   4.887   6.069   1.00 38.27  ? 137 TYR A C   1 
ATOM   998  O O   . TYR A 1 142 ? 3.022   5.211   4.886   1.00 36.25  ? 137 TYR A O   1 
ATOM   999  C CB  . TYR A 1 142 ? 4.351   2.769   6.778   1.00 36.97  ? 137 TYR A CB  1 
ATOM   1000 C CG  . TYR A 1 142 ? 5.781   2.274   6.929   1.00 37.73  ? 137 TYR A CG  1 
ATOM   1001 C CD1 . TYR A 1 142 ? 6.385   2.186   8.173   1.00 39.47  ? 137 TYR A CD1 1 
ATOM   1002 C CD2 . TYR A 1 142 ? 6.550   1.964   5.827   1.00 38.28  ? 137 TYR A CD2 1 
ATOM   1003 C CE1 . TYR A 1 142 ? 7.698   1.774   8.319   1.00 38.36  ? 137 TYR A CE1 1 
ATOM   1004 C CE2 . TYR A 1 142 ? 7.873   1.544   5.951   1.00 37.74  ? 137 TYR A CE2 1 
ATOM   1005 C CZ  . TYR A 1 142 ? 8.439   1.454   7.207   1.00 39.66  ? 137 TYR A CZ  1 
ATOM   1006 O OH  . TYR A 1 142 ? 9.740   1.041   7.375   1.00 41.10  ? 137 TYR A OH  1 
ATOM   1007 N N   . TYR A 1 143 ? 1.987   5.098   6.878   1.00 40.33  ? 138 TYR A N   1 
ATOM   1008 C CA  . TYR A 1 143 ? 0.777   5.823   6.416   1.00 43.24  ? 138 TYR A CA  1 
ATOM   1009 C C   . TYR A 1 143 ? 1.077   7.270   5.981   1.00 44.33  ? 138 TYR A C   1 
ATOM   1010 O O   . TYR A 1 143 ? 0.494   7.759   5.009   1.00 44.65  ? 138 TYR A O   1 
ATOM   1011 C CB  . TYR A 1 143 ? -0.341  5.855   7.478   1.00 42.91  ? 138 TYR A CB  1 
ATOM   1012 C CG  . TYR A 1 143 ? -1.285  4.651   7.586   1.00 42.26  ? 138 TYR A CG  1 
ATOM   1013 C CD1 . TYR A 1 143 ? -1.638  3.866   6.475   1.00 42.15  ? 138 TYR A CD1 1 
ATOM   1014 C CD2 . TYR A 1 143 ? -1.886  4.352   8.799   1.00 42.85  ? 138 TYR A CD2 1 
ATOM   1015 C CE1 . TYR A 1 143 ? -2.512  2.792   6.602   1.00 41.42  ? 138 TYR A CE1 1 
ATOM   1016 C CE2 . TYR A 1 143 ? -2.772  3.291   8.922   1.00 46.04  ? 138 TYR A CE2 1 
ATOM   1017 C CZ  . TYR A 1 143 ? -3.084  2.520   7.818   1.00 42.38  ? 138 TYR A CZ  1 
ATOM   1018 O OH  . TYR A 1 143 ? -3.983  1.493   7.961   1.00 42.80  ? 138 TYR A OH  1 
ATOM   1019 N N   . THR A 1 144 ? 1.994   7.937   6.682   1.00 43.71  ? 139 THR A N   1 
ATOM   1020 C CA  . THR A 1 144 ? 2.415   9.285   6.296   1.00 42.50  ? 139 THR A CA  1 
ATOM   1021 C C   . THR A 1 144 ? 2.961   9.307   4.873   1.00 43.86  ? 139 THR A C   1 
ATOM   1022 O O   . THR A 1 144 ? 2.530   10.146  4.068   1.00 48.17  ? 139 THR A O   1 
ATOM   1023 C CB  . THR A 1 144 ? 3.458   9.835   7.272   1.00 41.81  ? 139 THR A CB  1 
ATOM   1024 O OG1 . THR A 1 144 ? 2.869   9.881   8.563   1.00 41.40  ? 139 THR A OG1 1 
ATOM   1025 C CG2 . THR A 1 144 ? 3.950   11.242  6.879   1.00 41.47  ? 139 THR A CG2 1 
ATOM   1026 N N   . ARG A 1 145 ? 3.870   8.385   4.543   1.00 39.77  ? 140 ARG A N   1 
ATOM   1027 C CA  . ARG A 1 145 ? 4.372   8.314   3.154   1.00 37.95  ? 140 ARG A CA  1 
ATOM   1028 C C   . ARG A 1 145 ? 3.227   8.051   2.173   1.00 38.20  ? 140 ARG A C   1 
ATOM   1029 O O   . ARG A 1 145 ? 3.102   8.747   1.174   1.00 40.03  ? 140 ARG A O   1 
ATOM   1030 C CB  . ARG A 1 145 ? 5.466   7.265   3.011   1.00 35.45  ? 140 ARG A CB  1 
ATOM   1031 C CG  . ARG A 1 145 ? 5.964   7.054   1.591   1.00 34.26  ? 140 ARG A CG  1 
ATOM   1032 C CD  . ARG A 1 145 ? 7.210   6.205   1.580   1.00 34.45  ? 140 ARG A CD  1 
ATOM   1033 N NE  . ARG A 1 145 ? 8.391   6.939   2.031   1.00 38.57  ? 140 ARG A NE  1 
ATOM   1034 C CZ  . ARG A 1 145 ? 9.576   6.392   2.326   1.00 39.29  ? 140 ARG A CZ  1 
ATOM   1035 N NH1 . ARG A 1 145 ? 9.780   5.081   2.243   1.00 40.72  ? 140 ARG A NH1 1 
ATOM   1036 N NH2 . ARG A 1 145 ? 10.562  7.164   2.738   1.00 38.73  ? 140 ARG A NH2 1 
ATOM   1037 N N   . ALA A 1 146 ? 2.398   7.050   2.475   1.00 40.08  ? 141 ALA A N   1 
ATOM   1038 C CA  . ALA A 1 146 ? 1.248   6.708   1.638   1.00 39.91  ? 141 ALA A CA  1 
ATOM   1039 C C   . ALA A 1 146 ? 0.319   7.942   1.441   1.00 42.40  ? 141 ALA A C   1 
ATOM   1040 O O   . ALA A 1 146 ? 0.002   8.325   0.308   1.00 35.53  ? 141 ALA A O   1 
ATOM   1041 C CB  . ALA A 1 146 ? 0.489   5.538   2.257   1.00 38.24  ? 141 ALA A CB  1 
ATOM   1042 N N   . CYS A 1 147 ? -0.045  8.579   2.557   1.00 45.46  ? 142 CYS A N   1 
ATOM   1043 C CA  . CYS A 1 147 ? -0.908  9.757   2.556   1.00 50.28  ? 142 CYS A CA  1 
ATOM   1044 C C   . CYS A 1 147 ? -0.378  10.898  1.701   1.00 50.15  ? 142 CYS A C   1 
ATOM   1045 O O   . CYS A 1 147 ? -1.147  11.499  0.950   1.00 53.52  ? 142 CYS A O   1 
ATOM   1046 C CB  . CYS A 1 147 ? -1.168  10.258  3.978   1.00 52.99  ? 142 CYS A CB  1 
ATOM   1047 S SG  . CYS A 1 147 ? -2.259  11.704  4.043   1.00 62.46  ? 142 CYS A SG  1 
ATOM   1048 N N   . ASP A 1 148 ? 0.922   11.179  1.803   1.00 50.26  ? 143 ASP A N   1 
ATOM   1049 C CA  . ASP A 1 148 ? 1.567   12.204  0.961   1.00 49.39  ? 143 ASP A CA  1 
ATOM   1050 C C   . ASP A 1 148 ? 1.660   11.801  -0.515  1.00 49.88  ? 143 ASP A C   1 
ATOM   1051 O O   . ASP A 1 148 ? 1.865   12.661  -1.365  1.00 54.46  ? 143 ASP A O   1 
ATOM   1052 C CB  . ASP A 1 148 ? 2.951   12.582  1.492   1.00 49.69  ? 143 ASP A CB  1 
ATOM   1053 C CG  . ASP A 1 148 ? 2.899   13.211  2.883   1.00 54.43  ? 143 ASP A CG  1 
ATOM   1054 O OD1 . ASP A 1 148 ? 1.850   13.776  3.280   1.00 63.53  ? 143 ASP A OD1 1 
ATOM   1055 O OD2 . ASP A 1 148 ? 3.913   13.135  3.598   1.00 57.65  ? 143 ASP A OD2 1 
ATOM   1056 N N   . GLY A 1 149 ? 1.496   10.512  -0.827  1.00 46.96  ? 144 GLY A N   1 
ATOM   1057 C CA  . GLY A 1 149 ? 1.363   10.058  -2.213  1.00 46.08  ? 144 GLY A CA  1 
ATOM   1058 C C   . GLY A 1 149 ? -0.051  9.994   -2.792  1.00 47.20  ? 144 GLY A C   1 
ATOM   1059 O O   . GLY A 1 149 ? -0.213  9.525   -3.930  1.00 51.04  ? 144 GLY A O   1 
ATOM   1060 N N   . GLY A 1 150 ? -1.069  10.419  -2.025  1.00 45.80  ? 145 GLY A N   1 
ATOM   1061 C CA  . GLY A 1 150 ? -2.481  10.430  -2.479  1.00 46.22  ? 145 GLY A CA  1 
ATOM   1062 C C   . GLY A 1 150 ? -3.395  9.263   -2.090  1.00 48.87  ? 145 GLY A C   1 
ATOM   1063 O O   . GLY A 1 150 ? -4.553  9.223   -2.516  1.00 52.81  ? 145 GLY A O   1 
ATOM   1064 N N   . TYR A 1 151 ? -2.904  8.324   -1.273  1.00 48.26  ? 146 TYR A N   1 
ATOM   1065 C CA  . TYR A 1 151 ? -3.675  7.141   -0.913  1.00 44.84  ? 146 TYR A CA  1 
ATOM   1066 C C   . TYR A 1 151 ? -4.693  7.506   0.186   1.00 45.95  ? 146 TYR A C   1 
ATOM   1067 O O   . TYR A 1 151 ? -4.393  7.534   1.396   1.00 42.98  ? 146 TYR A O   1 
ATOM   1068 C CB  . TYR A 1 151 ? -2.746  5.993   -0.495  1.00 43.02  ? 146 TYR A CB  1 
ATOM   1069 C CG  . TYR A 1 151 ? -3.343  4.654   -0.775  1.00 41.37  ? 146 TYR A CG  1 
ATOM   1070 C CD1 . TYR A 1 151 ? -4.200  4.045   0.127   1.00 43.67  ? 146 TYR A CD1 1 
ATOM   1071 C CD2 . TYR A 1 151 ? -3.078  4.011   -1.967  1.00 42.71  ? 146 TYR A CD2 1 
ATOM   1072 C CE1 . TYR A 1 151 ? -4.779  2.804   -0.158  1.00 44.61  ? 146 TYR A CE1 1 
ATOM   1073 C CE2 . TYR A 1 151 ? -3.645  2.786   -2.274  1.00 42.88  ? 146 TYR A CE2 1 
ATOM   1074 C CZ  . TYR A 1 151 ? -4.495  2.176   -1.378  1.00 43.26  ? 146 TYR A CZ  1 
ATOM   1075 O OH  . TYR A 1 151 ? -5.027  0.948   -1.717  1.00 35.92  ? 146 TYR A OH  1 
ATOM   1076 N N   . THR A 1 152 ? -5.913  7.785   -0.250  1.00 47.72  ? 147 THR A N   1 
ATOM   1077 C CA  . THR A 1 152 ? -6.933  8.402   0.616   1.00 49.44  ? 147 THR A CA  1 
ATOM   1078 C C   . THR A 1 152 ? -7.212  7.629   1.931   1.00 49.72  ? 147 THR A C   1 
ATOM   1079 O O   . THR A 1 152 ? -7.354  8.234   3.005   1.00 49.99  ? 147 THR A O   1 
ATOM   1080 C CB  . THR A 1 152 ? -8.228  8.658   -0.199  1.00 51.69  ? 147 THR A CB  1 
ATOM   1081 O OG1 . THR A 1 152 ? -7.884  9.392   -1.381  1.00 55.50  ? 147 THR A OG1 1 
ATOM   1082 C CG2 . THR A 1 152 ? -9.250  9.460   0.596   1.00 53.10  ? 147 THR A CG2 1 
ATOM   1083 N N   . SER A 1 153 ? -7.253  6.302   1.862   1.00 49.70  ? 148 SER A N   1 
ATOM   1084 C CA  . SER A 1 153 ? -7.474  5.490   3.076   1.00 48.67  ? 148 SER A CA  1 
ATOM   1085 C C   . SER A 1 153 ? -6.373  5.593   4.122   1.00 45.87  ? 148 SER A C   1 
ATOM   1086 O O   . SER A 1 153 ? -6.638  5.373   5.313   1.00 45.33  ? 148 SER A O   1 
ATOM   1087 C CB  . SER A 1 153 ? -7.646  4.030   2.704   1.00 47.44  ? 148 SER A CB  1 
ATOM   1088 O OG  . SER A 1 153 ? -8.696  3.936   1.784   1.00 52.26  ? 148 SER A OG  1 
ATOM   1089 N N   . SER A 1 154 ? -5.147  5.897   3.681   1.00 45.55  ? 149 SER A N   1 
ATOM   1090 C CA  . SER A 1 154 ? -4.005  6.058   4.598   1.00 44.64  ? 149 SER A CA  1 
ATOM   1091 C C   . SER A 1 154 ? -4.210  7.320   5.432   1.00 44.93  ? 149 SER A C   1 
ATOM   1092 O O   . SER A 1 154 ? -4.125  7.275   6.663   1.00 41.21  ? 149 SER A O   1 
ATOM   1093 C CB  . SER A 1 154 ? -2.670  6.120   3.837   1.00 41.71  ? 149 SER A CB  1 
ATOM   1094 O OG  . SER A 1 154 ? -2.459  4.954   3.059   1.00 40.58  ? 149 SER A OG  1 
ATOM   1095 N N   . CYS A 1 155 ? -4.505  8.423   4.738   1.00 46.93  ? 150 CYS A N   1 
ATOM   1096 C CA  . CYS A 1 155 ? -4.865  9.688   5.374   1.00 50.94  ? 150 CYS A CA  1 
ATOM   1097 C C   . CYS A 1 155 ? -6.009  9.504   6.381   1.00 51.22  ? 150 CYS A C   1 
ATOM   1098 O O   . CYS A 1 155 ? -5.890  9.964   7.530   1.00 50.57  ? 150 CYS A O   1 
ATOM   1099 C CB  . CYS A 1 155 ? -5.254  10.750  4.334   1.00 50.66  ? 150 CYS A CB  1 
ATOM   1100 S SG  . CYS A 1 155 ? -4.035  11.149  3.054   1.00 56.37  ? 150 CYS A SG  1 
ATOM   1101 N N   . PHE A 1 156 ? -7.085  8.810   5.976   1.00 48.74  ? 151 PHE A N   1 
ATOM   1102 C CA  . PHE A 1 156 ? -8.199  8.572   6.896   1.00 49.47  ? 151 PHE A CA  1 
ATOM   1103 C C   . PHE A 1 156 ? -7.814  7.666   8.057   1.00 50.42  ? 151 PHE A C   1 
ATOM   1104 O O   . PHE A 1 156 ? -8.072  8.018   9.212   1.00 54.98  ? 151 PHE A O   1 
ATOM   1105 C CB  . PHE A 1 156 ? -9.462  8.021   6.216   1.00 53.89  ? 151 PHE A CB  1 
ATOM   1106 C CG  . PHE A 1 156 ? -10.618 7.822   7.189   1.00 56.09  ? 151 PHE A CG  1 
ATOM   1107 C CD1 . PHE A 1 156 ? -11.306 8.925   7.712   1.00 56.57  ? 151 PHE A CD1 1 
ATOM   1108 C CD2 . PHE A 1 156 ? -10.983 6.543   7.631   1.00 55.94  ? 151 PHE A CD2 1 
ATOM   1109 C CE1 . PHE A 1 156 ? -12.353 8.752   8.622   1.00 56.70  ? 151 PHE A CE1 1 
ATOM   1110 C CE2 . PHE A 1 156 ? -12.029 6.363   8.539   1.00 55.20  ? 151 PHE A CE2 1 
ATOM   1111 C CZ  . PHE A 1 156 ? -12.713 7.467   9.038   1.00 55.72  ? 151 PHE A CZ  1 
ATOM   1112 N N   . ASN A 1 157 ? -7.197  6.516   7.780   1.00 50.13  ? 152 ASN A N   1 
ATOM   1113 C CA  . ASN A 1 157 ? -6.819  5.595   8.873   1.00 48.74  ? 152 ASN A CA  1 
ATOM   1114 C C   . ASN A 1 157 ? -5.860  6.271   9.820   1.00 46.27  ? 152 ASN A C   1 
ATOM   1115 O O   . ASN A 1 157 ? -5.949  6.095   11.028  1.00 43.08  ? 152 ASN A O   1 
ATOM   1116 C CB  . ASN A 1 157 ? -6.209  4.307   8.353   1.00 51.44  ? 152 ASN A CB  1 
ATOM   1117 C CG  . ASN A 1 157 ? -7.158  3.543   7.454   1.00 53.68  ? 152 ASN A CG  1 
ATOM   1118 O OD1 . ASN A 1 157 ? -8.343  3.890   7.347   1.00 54.93  ? 152 ASN A OD1 1 
ATOM   1119 N ND2 . ASN A 1 157 ? -6.635  2.536   6.760   1.00 46.13  ? 152 ASN A ND2 1 
ATOM   1120 N N   . LEU A 1 158 ? -4.970  7.084   9.266   1.00 48.72  ? 153 LEU A N   1 
ATOM   1121 C CA  . LEU A 1 158 ? -4.067  7.880   10.078  1.00 52.16  ? 153 LEU A CA  1 
ATOM   1122 C C   . LEU A 1 158 ? -4.825  8.905   10.940  1.00 53.98  ? 153 LEU A C   1 
ATOM   1123 O O   . LEU A 1 158 ? -4.559  9.025   12.153  1.00 51.77  ? 153 LEU A O   1 
ATOM   1124 C CB  . LEU A 1 158 ? -3.044  8.581   9.187   1.00 52.70  ? 153 LEU A CB  1 
ATOM   1125 C CG  . LEU A 1 158 ? -1.917  9.346   9.876   1.00 50.95  ? 153 LEU A CG  1 
ATOM   1126 C CD1 . LEU A 1 158 ? -1.162  8.472   10.855  1.00 48.87  ? 153 LEU A CD1 1 
ATOM   1127 C CD2 . LEU A 1 158 ? -0.992  9.899   8.801   1.00 54.24  ? 153 LEU A CD2 1 
ATOM   1128 N N   . SER A 1 159 ? -5.775  9.616   10.330  1.00 52.51  ? 154 SER A N   1 
ATOM   1129 C CA  . SER A 1 159 ? -6.620  10.572  11.081  1.00 54.48  ? 154 SER A CA  1 
ATOM   1130 C C   . SER A 1 159 ? -7.299  9.898   12.263  1.00 52.74  ? 154 SER A C   1 
ATOM   1131 O O   . SER A 1 159 ? -7.310  10.438  13.368  1.00 51.30  ? 154 SER A O   1 
ATOM   1132 C CB  . SER A 1 159 ? -7.687  11.222  10.187  1.00 53.76  ? 154 SER A CB  1 
ATOM   1133 O OG  . SER A 1 159 ? -8.813  10.372  10.017  1.00 54.08  ? 154 SER A OG  1 
ATOM   1134 N N   . ALA A 1 160 ? -7.849  8.711   12.014  1.00 52.70  ? 155 ALA A N   1 
ATOM   1135 C CA  . ALA A 1 160 ? -8.590  7.967   13.033  1.00 53.66  ? 155 ALA A CA  1 
ATOM   1136 C C   . ALA A 1 160 ? -7.707  7.598   14.196  1.00 55.37  ? 155 ALA A C   1 
ATOM   1137 O O   . ALA A 1 160 ? -8.162  7.589   15.337  1.00 58.44  ? 155 ALA A O   1 
ATOM   1138 C CB  . ALA A 1 160 ? -9.195  6.702   12.437  1.00 53.80  ? 155 ALA A CB  1 
ATOM   1139 N N   . MET A 1 161 ? -6.454  7.256   13.901  1.00 55.29  ? 156 MET A N   1 
ATOM   1140 C CA  . MET A 1 161 ? -5.487  6.934   14.946  1.00 56.55  ? 156 MET A CA  1 
ATOM   1141 C C   . MET A 1 161 ? -5.268  8.096   15.927  1.00 55.42  ? 156 MET A C   1 
ATOM   1142 O O   . MET A 1 161 ? -5.108  7.877   17.121  1.00 51.23  ? 156 MET A O   1 
ATOM   1143 C CB  . MET A 1 161 ? -4.149  6.519   14.328  1.00 56.91  ? 156 MET A CB  1 
ATOM   1144 C CG  . MET A 1 161 ? -4.157  5.104   13.762  1.00 59.19  ? 156 MET A CG  1 
ATOM   1145 S SD  . MET A 1 161 ? -2.783  4.776   12.636  1.00 54.09  ? 156 MET A SD  1 
ATOM   1146 C CE  . MET A 1 161 ? -1.379  5.077   13.703  1.00 52.59  ? 156 MET A CE  1 
ATOM   1147 N N   . PHE A 1 162 ? -5.245  9.313   15.392  1.00 58.04  ? 157 PHE A N   1 
ATOM   1148 C CA  . PHE A 1 162 ? -5.090  10.533  16.171  1.00 59.33  ? 157 PHE A CA  1 
ATOM   1149 C C   . PHE A 1 162 ? -6.376  10.992  16.893  1.00 69.68  ? 157 PHE A C   1 
ATOM   1150 O O   . PHE A 1 162 ? -6.288  11.646  17.945  1.00 74.09  ? 157 PHE A O   1 
ATOM   1151 C CB  . PHE A 1 162 ? -4.584  11.667  15.275  1.00 57.37  ? 157 PHE A CB  1 
ATOM   1152 C CG  . PHE A 1 162 ? -3.169  11.495  14.774  1.00 54.65  ? 157 PHE A CG  1 
ATOM   1153 C CD1 . PHE A 1 162 ? -2.129  11.153  15.640  1.00 53.97  ? 157 PHE A CD1 1 
ATOM   1154 C CD2 . PHE A 1 162 ? -2.862  11.745  13.431  1.00 52.91  ? 157 PHE A CD2 1 
ATOM   1155 C CE1 . PHE A 1 162 ? -0.830  11.023  15.168  1.00 55.68  ? 157 PHE A CE1 1 
ATOM   1156 C CE2 . PHE A 1 162 ? -1.557  11.619  12.957  1.00 54.39  ? 157 PHE A CE2 1 
ATOM   1157 C CZ  . PHE A 1 162 ? -0.541  11.253  13.826  1.00 53.37  ? 157 PHE A CZ  1 
ATOM   1158 N N   . LEU A 1 163 ? -7.547  10.704  16.316  1.00 71.32  ? 158 LEU A N   1 
ATOM   1159 C CA  . LEU A 1 163 ? -8.831  10.851  17.026  1.00 74.06  ? 158 LEU A CA  1 
ATOM   1160 C C   . LEU A 1 163 ? -8.914  9.991   18.295  1.00 76.90  ? 158 LEU A C   1 
ATOM   1161 O O   . LEU A 1 163 ? -9.410  10.451  19.325  1.00 82.22  ? 158 LEU A O   1 
ATOM   1162 C CB  . LEU A 1 163 ? -10.016 10.463  16.124  1.00 76.29  ? 158 LEU A CB  1 
ATOM   1163 C CG  . LEU A 1 163 ? -10.792 11.570  15.424  1.00 78.52  ? 158 LEU A CG  1 
ATOM   1164 C CD1 . LEU A 1 163 ? -9.853  12.568  14.792  1.00 81.32  ? 158 LEU A CD1 1 
ATOM   1165 C CD2 . LEU A 1 163 ? -11.732 10.984  14.382  1.00 79.56  ? 158 LEU A CD2 1 
ATOM   1166 N N   . GLN A 1 164 ? -8.449  8.747   18.198  1.00 73.71  ? 159 GLN A N   1 
ATOM   1167 C CA  . GLN A 1 164 ? -8.682  7.731   19.224  1.00 74.29  ? 159 GLN A CA  1 
ATOM   1168 C C   . GLN A 1 164 ? -7.553  7.722   20.231  1.00 73.95  ? 159 GLN A C   1 
ATOM   1169 O O   . GLN A 1 164 ? -7.766  7.899   21.428  1.00 80.46  ? 159 GLN A O   1 
ATOM   1170 C CB  . GLN A 1 164 ? -8.787  6.340   18.583  1.00 83.01  ? 159 GLN A CB  1 
ATOM   1171 C CG  . GLN A 1 164 ? -9.958  6.155   17.619  1.00 87.81  ? 159 GLN A CG  1 
ATOM   1172 C CD  . GLN A 1 164 ? -11.256 5.812   18.324  1.00 95.25  ? 159 GLN A CD  1 
ATOM   1173 O OE1 . GLN A 1 164 ? -11.289 4.941   19.197  1.00 98.33  ? 159 GLN A OE1 1 
ATOM   1174 N NE2 . GLN A 1 164 ? -12.338 6.490   17.943  1.00 95.87  ? 159 GLN A NE2 1 
ATOM   1175 N N   . GLY A 1 165 ? -6.343  7.511   19.731  1.00 71.74  ? 160 GLY A N   1 
ATOM   1176 C CA  . GLY A 1 165 ? -5.196  7.232   20.577  1.00 69.27  ? 160 GLY A CA  1 
ATOM   1177 C C   . GLY A 1 165 ? -5.306  5.821   21.131  1.00 70.01  ? 160 GLY A C   1 
ATOM   1178 O O   . GLY A 1 165 ? -6.346  5.166   20.993  1.00 68.30  ? 160 GLY A O   1 
ATOM   1179 N N   . ALA A 1 166 ? -4.240  5.353   21.769  1.00 66.67  ? 161 ALA A N   1 
ATOM   1180 C CA  . ALA A 1 166 ? -4.175  3.969   22.254  1.00 71.77  ? 161 ALA A CA  1 
ATOM   1181 C C   . ALA A 1 166 ? -3.031  3.863   23.273  1.00 75.92  ? 161 ALA A C   1 
ATOM   1182 O O   . ALA A 1 166 ? -2.287  4.840   23.444  1.00 71.19  ? 161 ALA A O   1 
ATOM   1183 C CB  . ALA A 1 166 ? -3.984  3.012   21.069  1.00 72.28  ? 161 ALA A CB  1 
ATOM   1184 N N   . PRO A 1 167 ? -2.864  2.689   23.931  1.00 83.89  ? 162 PRO A N   1 
ATOM   1185 C CA  . PRO A 1 167 ? -1.883  2.491   25.016  1.00 88.64  ? 162 PRO A CA  1 
ATOM   1186 C C   . PRO A 1 167 ? -0.558  3.258   24.910  1.00 91.38  ? 162 PRO A C   1 
ATOM   1187 O O   . PRO A 1 167 ? -0.129  3.869   25.893  1.00 99.82  ? 162 PRO A O   1 
ATOM   1188 C CB  . PRO A 1 167 ? -1.617  0.987   24.955  1.00 90.91  ? 162 PRO A CB  1 
ATOM   1189 C CG  . PRO A 1 167 ? -2.934  0.419   24.564  1.00 91.88  ? 162 PRO A CG  1 
ATOM   1190 C CD  . PRO A 1 167 ? -3.594  1.431   23.660  1.00 90.19  ? 162 PRO A CD  1 
ATOM   1191 N N   . GLY A 1 168 ? 0.074   3.220   23.738  1.00 84.66  ? 163 GLY A N   1 
ATOM   1192 C CA  . GLY A 1 168 ? 1.325   3.945   23.505  1.00 83.16  ? 163 GLY A CA  1 
ATOM   1193 C C   . GLY A 1 168 ? 1.242   5.111   22.529  1.00 80.52  ? 163 GLY A C   1 
ATOM   1194 O O   . GLY A 1 168 ? 2.281   5.632   22.119  1.00 77.38  ? 163 GLY A O   1 
ATOM   1195 N N   . PHE A 1 169 ? 0.025   5.536   22.176  1.00 71.16  ? 164 PHE A N   1 
ATOM   1196 C CA  . PHE A 1 169 ? -0.194  6.506   21.095  1.00 67.37  ? 164 PHE A CA  1 
ATOM   1197 C C   . PHE A 1 169 ? -1.218  7.533   21.571  1.00 69.14  ? 164 PHE A C   1 
ATOM   1198 O O   . PHE A 1 169 ? -2.423  7.270   21.550  1.00 65.92  ? 164 PHE A O   1 
ATOM   1199 C CB  . PHE A 1 169 ? -0.667  5.792   19.807  1.00 60.21  ? 164 PHE A CB  1 
ATOM   1200 C CG  . PHE A 1 169 ? -0.451  6.590   18.536  1.00 52.19  ? 164 PHE A CG  1 
ATOM   1201 C CD1 . PHE A 1 169 ? 0.795   6.598   17.906  1.00 50.62  ? 164 PHE A CD1 1 
ATOM   1202 C CD2 . PHE A 1 169 ? -1.491  7.301   17.950  1.00 47.54  ? 164 PHE A CD2 1 
ATOM   1203 C CE1 . PHE A 1 169 ? 1.001   7.322   16.737  1.00 46.72  ? 164 PHE A CE1 1 
ATOM   1204 C CE2 . PHE A 1 169 ? -1.283  8.030   16.785  1.00 46.65  ? 164 PHE A CE2 1 
ATOM   1205 C CZ  . PHE A 1 169 ? -0.039  8.040   16.179  1.00 43.30  ? 164 PHE A CZ  1 
ATOM   1206 N N   . PRO A 1 170 ? -0.744  8.692   22.039  1.00 74.51  ? 165 PRO A N   1 
ATOM   1207 C CA  . PRO A 1 170 ? -1.688  9.690   22.531  1.00 78.22  ? 165 PRO A CA  1 
ATOM   1208 C C   . PRO A 1 170 ? -2.568  10.293  21.440  1.00 75.10  ? 165 PRO A C   1 
ATOM   1209 O O   . PRO A 1 170 ? -2.096  10.562  20.336  1.00 72.55  ? 165 PRO A O   1 
ATOM   1210 C CB  . PRO A 1 170 ? -0.781  10.775  23.136  1.00 81.75  ? 165 PRO A CB  1 
ATOM   1211 C CG  . PRO A 1 170 ? 0.540   10.588  22.472  1.00 83.16  ? 165 PRO A CG  1 
ATOM   1212 C CD  . PRO A 1 170 ? 0.655   9.110   22.255  1.00 81.52  ? 165 PRO A CD  1 
ATOM   1213 N N   . LYS A 1 171 ? -3.846  10.476  21.776  1.00 75.99  ? 166 LYS A N   1 
ATOM   1214 C CA  . LYS A 1 171 ? -4.783  11.295  21.009  1.00 75.47  ? 166 LYS A CA  1 
ATOM   1215 C C   . LYS A 1 171 ? -4.129  12.655  20.709  1.00 72.22  ? 166 LYS A C   1 
ATOM   1216 O O   . LYS A 1 171 ? -3.364  13.172  21.521  1.00 75.84  ? 166 LYS A O   1 
ATOM   1217 C CB  . LYS A 1 171 ? -6.079  11.460  21.833  1.00 78.63  ? 166 LYS A CB  1 
ATOM   1218 C CG  . LYS A 1 171 ? -7.173  12.363  21.254  1.00 84.31  ? 166 LYS A CG  1 
ATOM   1219 C CD  . LYS A 1 171 ? -8.253  12.701  22.295  1.00 88.26  ? 166 LYS A CD  1 
ATOM   1220 C CE  . LYS A 1 171 ? -9.623  12.099  22.004  1.00 89.90  ? 166 LYS A CE  1 
ATOM   1221 N NZ  . LYS A 1 171 ? -9.680  10.628  22.221  1.00 93.96  ? 166 LYS A NZ  1 
ATOM   1222 N N   . ASP A 1 172 ? -4.403  13.213  19.537  1.00 68.86  ? 167 ASP A N   1 
ATOM   1223 C CA  . ASP A 1 172 ? -3.826  14.511  19.142  1.00 69.09  ? 167 ASP A CA  1 
ATOM   1224 C C   . ASP A 1 172 ? -4.708  15.114  18.068  1.00 69.55  ? 167 ASP A C   1 
ATOM   1225 O O   . ASP A 1 172 ? -4.650  14.718  16.906  1.00 70.59  ? 167 ASP A O   1 
ATOM   1226 C CB  . ASP A 1 172 ? -2.381  14.334  18.637  1.00 70.00  ? 167 ASP A CB  1 
ATOM   1227 C CG  . ASP A 1 172 ? -1.724  15.645  18.141  1.00 68.89  ? 167 ASP A CG  1 
ATOM   1228 O OD1 . ASP A 1 172 ? -2.416  16.570  17.652  1.00 66.87  ? 167 ASP A OD1 1 
ATOM   1229 O OD2 . ASP A 1 172 ? -0.476  15.728  18.220  1.00 66.61  ? 167 ASP A OD2 1 
ATOM   1230 N N   . MET A 1 173 ? -5.510  16.087  18.466  1.00 72.11  ? 168 MET A N   1 
ATOM   1231 C CA  . MET A 1 173 ? -6.491  16.684  17.570  1.00 77.85  ? 168 MET A CA  1 
ATOM   1232 C C   . MET A 1 173 ? -5.864  17.509  16.443  1.00 76.01  ? 168 MET A C   1 
ATOM   1233 O O   . MET A 1 173 ? -6.415  17.581  15.341  1.00 74.43  ? 168 MET A O   1 
ATOM   1234 C CB  . MET A 1 173 ? -7.485  17.530  18.369  1.00 82.95  ? 168 MET A CB  1 
ATOM   1235 C CG  . MET A 1 173 ? -8.368  16.725  19.305  1.00 84.97  ? 168 MET A CG  1 
ATOM   1236 S SD  . MET A 1 173 ? -9.420  15.571  18.421  1.00 84.19  ? 168 MET A SD  1 
ATOM   1237 C CE  . MET A 1 173 ? -10.035 14.604  19.797  1.00 84.49  ? 168 MET A CE  1 
ATOM   1238 N N   . ASP A 1 174 ? -4.714  18.115  16.720  1.00 76.49  ? 169 ASP A N   1 
ATOM   1239 C CA  . ASP A 1 174 ? -4.043  18.976  15.742  1.00 79.01  ? 169 ASP A CA  1 
ATOM   1240 C C   . ASP A 1 174 ? -3.679  18.206  14.469  1.00 72.67  ? 169 ASP A C   1 
ATOM   1241 O O   . ASP A 1 174 ? -3.957  18.662  13.351  1.00 67.45  ? 169 ASP A O   1 
ATOM   1242 C CB  . ASP A 1 174 ? -2.795  19.621  16.364  1.00 82.68  ? 169 ASP A CB  1 
ATOM   1243 C CG  . ASP A 1 174 ? -2.403  20.907  15.670  1.00 90.54  ? 169 ASP A CG  1 
ATOM   1244 O OD1 . ASP A 1 174 ? -1.835  20.846  14.551  1.00 94.66  ? 169 ASP A OD1 1 
ATOM   1245 O OD2 . ASP A 1 174 ? -2.674  21.979  16.251  1.00 98.22  ? 169 ASP A OD2 1 
ATOM   1246 N N   . LEU A 1 175 ? -3.071  17.039  14.672  1.00 66.20  ? 170 LEU A N   1 
ATOM   1247 C CA  . LEU A 1 175 ? -2.696  16.127  13.591  1.00 63.25  ? 170 LEU A CA  1 
ATOM   1248 C C   . LEU A 1 175 ? -3.913  15.407  13.035  1.00 61.72  ? 170 LEU A C   1 
ATOM   1249 O O   . LEU A 1 175 ? -4.025  15.195  11.815  1.00 56.75  ? 170 LEU A O   1 
ATOM   1250 C CB  . LEU A 1 175 ? -1.656  15.118  14.094  1.00 60.29  ? 170 LEU A CB  1 
ATOM   1251 C CG  . LEU A 1 175 ? -0.300  15.755  14.450  1.00 58.27  ? 170 LEU A CG  1 
ATOM   1252 C CD1 . LEU A 1 175 ? 0.649   14.788  15.164  1.00 55.89  ? 170 LEU A CD1 1 
ATOM   1253 C CD2 . LEU A 1 175 ? 0.346   16.328  13.190  1.00 57.27  ? 170 LEU A CD2 1 
ATOM   1254 N N   . ALA A 1 176 ? -4.819  15.031  13.938  1.00 59.88  ? 171 ALA A N   1 
ATOM   1255 C CA  . ALA A 1 176 ? -6.101  14.446  13.543  1.00 64.14  ? 171 ALA A CA  1 
ATOM   1256 C C   . ALA A 1 176 ? -6.836  15.332  12.540  1.00 64.22  ? 171 ALA A C   1 
ATOM   1257 O O   . ALA A 1 176 ? -7.377  14.833  11.550  1.00 66.24  ? 171 ALA A O   1 
ATOM   1258 C CB  . ALA A 1 176 ? -6.978  14.204  14.754  1.00 65.49  ? 171 ALA A CB  1 
ATOM   1259 N N   . CYS A 1 177 ? -6.843  16.639  12.798  1.00 62.87  ? 172 CYS A N   1 
ATOM   1260 C CA  . CYS A 1 177 ? -7.489  17.589  11.901  1.00 62.30  ? 172 CYS A CA  1 
ATOM   1261 C C   . CYS A 1 177 ? -6.705  17.709  10.604  1.00 60.71  ? 172 CYS A C   1 
ATOM   1262 O O   . CYS A 1 177 ? -7.295  17.692  9.533   1.00 58.27  ? 172 CYS A O   1 
ATOM   1263 C CB  . CYS A 1 177 ? -7.651  18.962  12.556  1.00 62.21  ? 172 CYS A CB  1 
ATOM   1264 S SG  . CYS A 1 177 ? -8.263  20.220  11.406  1.00 66.31  ? 172 CYS A SG  1 
ATOM   1265 N N   . LYS A 1 178 ? -5.382  17.831  10.716  1.00 63.06  ? 173 LYS A N   1 
ATOM   1266 C CA  . LYS A 1 178 ? -4.488  17.922  9.556   1.00 62.62  ? 173 LYS A CA  1 
ATOM   1267 C C   . LYS A 1 178 ? -4.728  16.776  8.569   1.00 62.37  ? 173 LYS A C   1 
ATOM   1268 O O   . LYS A 1 178 ? -4.931  17.015  7.380   1.00 62.90  ? 173 LYS A O   1 
ATOM   1269 C CB  . LYS A 1 178 ? -3.022  17.916  10.023  1.00 64.06  ? 173 LYS A CB  1 
ATOM   1270 C CG  . LYS A 1 178 ? -1.975  18.040  8.920   1.00 67.24  ? 173 LYS A CG  1 
ATOM   1271 C CD  . LYS A 1 178 ? -0.615  17.578  9.423   1.00 70.20  ? 173 LYS A CD  1 
ATOM   1272 C CE  . LYS A 1 178 ? 0.516   17.897  8.452   1.00 71.18  ? 173 LYS A CE  1 
ATOM   1273 N NZ  . LYS A 1 178 ? 1.795   17.273  8.893   1.00 70.99  ? 173 LYS A NZ  1 
ATOM   1274 N N   . TYR A 1 179 ? -4.708  15.538  9.062   1.00 61.72  ? 174 TYR A N   1 
ATOM   1275 C CA  . TYR A 1 179 ? -4.858  14.370  8.181   1.00 62.22  ? 174 TYR A CA  1 
ATOM   1276 C C   . TYR A 1 179 ? -6.317  14.086  7.769   1.00 60.03  ? 174 TYR A C   1 
ATOM   1277 O O   . TYR A 1 179 ? -6.551  13.498  6.712   1.00 58.99  ? 174 TYR A O   1 
ATOM   1278 C CB  . TYR A 1 179 ? -4.130  13.134  8.756   1.00 62.88  ? 174 TYR A CB  1 
ATOM   1279 C CG  . TYR A 1 179 ? -2.622  13.269  8.621   1.00 59.99  ? 174 TYR A CG  1 
ATOM   1280 C CD1 . TYR A 1 179 ? -2.020  13.274  7.362   1.00 59.36  ? 174 TYR A CD1 1 
ATOM   1281 C CD2 . TYR A 1 179 ? -1.800  13.443  9.743   1.00 58.68  ? 174 TYR A CD2 1 
ATOM   1282 C CE1 . TYR A 1 179 ? -0.643  13.443  7.220   1.00 60.17  ? 174 TYR A CE1 1 
ATOM   1283 C CE2 . TYR A 1 179 ? -0.421  13.596  9.606   1.00 56.81  ? 174 TYR A CE2 1 
ATOM   1284 C CZ  . TYR A 1 179 ? 0.151   13.601  8.345   1.00 57.42  ? 174 TYR A CZ  1 
ATOM   1285 O OH  . TYR A 1 179 ? 1.507   13.755  8.196   1.00 58.18  ? 174 TYR A OH  1 
ATOM   1286 N N   . SER A 1 180 ? -7.287  14.527  8.569   1.00 58.36  ? 175 SER A N   1 
ATOM   1287 C CA  . SER A 1 180 ? -8.688  14.604  8.110   1.00 57.16  ? 175 SER A CA  1 
ATOM   1288 C C   . SER A 1 180 ? -8.828  15.540  6.917   1.00 53.13  ? 175 SER A C   1 
ATOM   1289 O O   . SER A 1 180 ? -9.489  15.203  5.934   1.00 51.91  ? 175 SER A O   1 
ATOM   1290 C CB  . SER A 1 180 ? -9.619  15.067  9.236   1.00 60.91  ? 175 SER A CB  1 
ATOM   1291 O OG  . SER A 1 180 ? -9.631  14.153  10.331  1.00 59.22  ? 175 SER A OG  1 
ATOM   1292 N N   . MET A 1 181 ? -8.161  16.691  6.982   1.00 57.96  ? 176 MET A N   1 
ATOM   1293 C CA  . MET A 1 181 ? -8.151  17.653  5.865   1.00 63.53  ? 176 MET A CA  1 
ATOM   1294 C C   . MET A 1 181 ? -7.609  17.072  4.561   1.00 61.78  ? 176 MET A C   1 
ATOM   1295 O O   . MET A 1 181 ? -8.222  17.229  3.514   1.00 59.46  ? 176 MET A O   1 
ATOM   1296 C CB  . MET A 1 181 ? -7.376  18.935  6.237   1.00 67.54  ? 176 MET A CB  1 
ATOM   1297 C CG  . MET A 1 181 ? -8.048  19.792  7.309   1.00 71.57  ? 176 MET A CG  1 
ATOM   1298 S SD  . MET A 1 181 ? -9.377  20.833  6.664   1.00 83.76  ? 176 MET A SD  1 
ATOM   1299 C CE  . MET A 1 181 ? -10.778 19.721  6.645   1.00 74.43  ? 176 MET A CE  1 
ATOM   1300 N N   . LYS A 1 182 ? -6.457  16.407  4.638   1.00 67.13  ? 177 LYS A N   1 
ATOM   1301 C CA  . LYS A 1 182 ? -5.834  15.762  3.471   1.00 66.11  ? 177 LYS A CA  1 
ATOM   1302 C C   . LYS A 1 182 ? -6.725  14.653  2.898   1.00 62.59  ? 177 LYS A C   1 
ATOM   1303 O O   . LYS A 1 182 ? -6.828  14.490  1.677   1.00 56.74  ? 177 LYS A O   1 
ATOM   1304 C CB  . LYS A 1 182 ? -4.454  15.189  3.851   1.00 67.68  ? 177 LYS A CB  1 
ATOM   1305 C CG  . LYS A 1 182 ? -3.358  16.235  3.981   1.00 67.74  ? 177 LYS A CG  1 
ATOM   1306 C CD  . LYS A 1 182 ? -2.251  15.804  4.939   1.00 68.15  ? 177 LYS A CD  1 
ATOM   1307 C CE  . LYS A 1 182 ? -0.943  16.531  4.654   1.00 71.65  ? 177 LYS A CE  1 
ATOM   1308 N NZ  . LYS A 1 182 ? -0.197  15.946  3.488   1.00 74.76  ? 177 LYS A NZ  1 
ATOM   1309 N N   . ALA A 1 183 ? -7.345  13.885  3.796   1.00 63.20  ? 178 ALA A N   1 
ATOM   1310 C CA  . ALA A 1 183 ? -8.320  12.870  3.412   1.00 66.14  ? 178 ALA A CA  1 
ATOM   1311 C C   . ALA A 1 183 ? -9.549  13.512  2.755   1.00 72.46  ? 178 ALA A C   1 
ATOM   1312 O O   . ALA A 1 183 ? -9.964  13.076  1.677   1.00 72.64  ? 178 ALA A O   1 
ATOM   1313 C CB  . ALA A 1 183 ? -8.729  12.034  4.615   1.00 62.93  ? 178 ALA A CB  1 
ATOM   1314 N N   . CYS A 1 184 ? -10.098 14.557  3.393   1.00 71.01  ? 179 CYS A N   1 
ATOM   1315 C CA  . CYS A 1 184 ? -11.281 15.270  2.878   1.00 70.89  ? 179 CYS A CA  1 
ATOM   1316 C C   . CYS A 1 184 ? -11.033 15.912  1.504   1.00 68.86  ? 179 CYS A C   1 
ATOM   1317 O O   . CYS A 1 184 ? -11.923 15.902  0.645   1.00 75.89  ? 179 CYS A O   1 
ATOM   1318 C CB  . CYS A 1 184 ? -11.776 16.309  3.904   1.00 73.27  ? 179 CYS A CB  1 
ATOM   1319 S SG  . CYS A 1 184 ? -13.186 17.351  3.409   1.00 75.61  ? 179 CYS A SG  1 
ATOM   1320 N N   . ASP A 1 185 ? -9.832  16.455  1.314   1.00 65.62  ? 180 ASP A N   1 
ATOM   1321 C CA  . ASP A 1 185 ? -9.365  16.982  0.022   1.00 70.98  ? 180 ASP A CA  1 
ATOM   1322 C C   . ASP A 1 185 ? -9.451  15.896  -1.049  1.00 71.93  ? 180 ASP A C   1 
ATOM   1323 O O   . ASP A 1 185 ? -10.003 16.121  -2.125  1.00 78.73  ? 180 ASP A O   1 
ATOM   1324 C CB  . ASP A 1 185 ? -7.920  17.534  0.180   1.00 79.22  ? 180 ASP A CB  1 
ATOM   1325 C CG  . ASP A 1 185 ? -7.216  17.884  -1.162  1.00 89.37  ? 180 ASP A CG  1 
ATOM   1326 O OD1 . ASP A 1 185 ? -7.533  17.324  -2.240  1.00 99.33  ? 180 ASP A OD1 1 
ATOM   1327 O OD2 . ASP A 1 185 ? -6.283  18.723  -1.118  1.00 91.59  ? 180 ASP A OD2 1 
ATOM   1328 N N   . LEU A 1 186 ? -8.930  14.714  -0.737  1.00 71.34  ? 181 LEU A N   1 
ATOM   1329 C CA  . LEU A 1 186 ? -8.814  13.643  -1.725  1.00 69.81  ? 181 LEU A CA  1 
ATOM   1330 C C   . LEU A 1 186 ? -10.114 12.907  -2.040  1.00 67.91  ? 181 LEU A C   1 
ATOM   1331 O O   . LEU A 1 186 ? -10.125 12.095  -2.966  1.00 74.23  ? 181 LEU A O   1 
ATOM   1332 C CB  . LEU A 1 186 ? -7.749  12.639  -1.279  1.00 69.75  ? 181 LEU A CB  1 
ATOM   1333 C CG  . LEU A 1 186 ? -6.314  13.177  -1.317  1.00 64.94  ? 181 LEU A CG  1 
ATOM   1334 C CD1 . LEU A 1 186 ? -5.395  12.338  -0.440  1.00 63.13  ? 181 LEU A CD1 1 
ATOM   1335 C CD2 . LEU A 1 186 ? -5.809  13.234  -2.754  1.00 62.65  ? 181 LEU A CD2 1 
ATOM   1336 N N   . GLY A 1 187 ? -11.184 13.176  -1.280  1.00 61.12  ? 182 GLY A N   1 
ATOM   1337 C CA  . GLY A 1 187 ? -12.504 12.608  -1.537  1.00 56.72  ? 182 GLY A CA  1 
ATOM   1338 C C   . GLY A 1 187 ? -13.279 11.999  -0.382  1.00 58.09  ? 182 GLY A C   1 
ATOM   1339 O O   . GLY A 1 187 ? -14.438 11.655  -0.567  1.00 59.49  ? 182 GLY A O   1 
ATOM   1340 N N   . HIS A 1 188 ? -12.682 11.883  0.805   1.00 61.48  ? 183 HIS A N   1 
ATOM   1341 C CA  . HIS A 1 188 ? -13.239 11.038  1.877   1.00 63.76  ? 183 HIS A CA  1 
ATOM   1342 C C   . HIS A 1 188 ? -14.344 11.720  2.709   1.00 68.79  ? 183 HIS A C   1 
ATOM   1343 O O   . HIS A 1 188 ? -14.102 12.741  3.375   1.00 68.38  ? 183 HIS A O   1 
ATOM   1344 C CB  . HIS A 1 188 ? -12.114 10.555  2.801   1.00 63.58  ? 183 HIS A CB  1 
ATOM   1345 C CG  . HIS A 1 188 ? -12.436 9.313   3.575   1.00 63.87  ? 183 HIS A CG  1 
ATOM   1346 N ND1 . HIS A 1 188 ? -12.213 8.047   3.077   1.00 67.46  ? 183 HIS A ND1 1 
ATOM   1347 C CD2 . HIS A 1 188 ? -12.922 9.139   4.827   1.00 66.48  ? 183 HIS A CD2 1 
ATOM   1348 C CE1 . HIS A 1 188 ? -12.565 7.148   3.978   1.00 72.34  ? 183 HIS A CE1 1 
ATOM   1349 N NE2 . HIS A 1 188 ? -12.995 7.784   5.052   1.00 71.71  ? 183 HIS A NE2 1 
ATOM   1350 N N   . ILE A 1 189 ? -15.532 11.103  2.699   1.00 68.34  ? 184 ILE A N   1 
ATOM   1351 C CA  . ILE A 1 189 ? -16.745 11.629  3.348   1.00 69.17  ? 184 ILE A CA  1 
ATOM   1352 C C   . ILE A 1 189 ? -16.577 11.772  4.865   1.00 69.12  ? 184 ILE A C   1 
ATOM   1353 O O   . ILE A 1 189 ? -16.711 12.881  5.384   1.00 69.82  ? 184 ILE A O   1 
ATOM   1354 C CB  . ILE A 1 189 ? -17.993 10.748  3.012   1.00 68.12  ? 184 ILE A CB  1 
ATOM   1355 C CG1 . ILE A 1 189 ? -18.361 10.885  1.526   1.00 68.26  ? 184 ILE A CG1 1 
ATOM   1356 C CG2 . ILE A 1 189 ? -19.208 11.113  3.856   1.00 67.20  ? 184 ILE A CG2 1 
ATOM   1357 C CD1 . ILE A 1 189 ? -18.885 9.608   0.903   1.00 65.88  ? 184 ILE A CD1 1 
ATOM   1358 N N   . TRP A 1 190 ? -16.267 10.672  5.562   1.00 68.33  ? 185 TRP A N   1 
ATOM   1359 C CA  . TRP A 1 190 ? -16.169 10.690  7.040   1.00 72.34  ? 185 TRP A CA  1 
ATOM   1360 C C   . TRP A 1 190 ? -15.073 11.630  7.571   1.00 73.23  ? 185 TRP A C   1 
ATOM   1361 O O   . TRP A 1 190 ? -15.140 12.056  8.726   1.00 72.13  ? 185 TRP A O   1 
ATOM   1362 C CB  . TRP A 1 190 ? -15.913 9.296   7.640   1.00 79.35  ? 185 TRP A CB  1 
ATOM   1363 C CG  . TRP A 1 190 ? -16.941 8.232   7.377   1.00 84.47  ? 185 TRP A CG  1 
ATOM   1364 C CD1 . TRP A 1 190 ? -18.293 8.391   7.302   1.00 84.18  ? 185 TRP A CD1 1 
ATOM   1365 C CD2 . TRP A 1 190 ? -16.685 6.825   7.197   1.00 93.65  ? 185 TRP A CD2 1 
ATOM   1366 N NE1 . TRP A 1 190 ? -18.893 7.180   7.057   1.00 92.99  ? 185 TRP A NE1 1 
ATOM   1367 C CE2 . TRP A 1 190 ? -17.932 6.200   6.991   1.00 98.76  ? 185 TRP A CE2 1 
ATOM   1368 C CE3 . TRP A 1 190 ? -15.515 6.034   7.178   1.00 97.50  ? 185 TRP A CE3 1 
ATOM   1369 C CZ2 . TRP A 1 190 ? -18.052 4.803   6.768   1.00 103.29 ? 185 TRP A CZ2 1 
ATOM   1370 C CZ3 . TRP A 1 190 ? -15.630 4.646   6.951   1.00 96.77  ? 185 TRP A CZ3 1 
ATOM   1371 C CH2 . TRP A 1 190 ? -16.893 4.049   6.749   1.00 99.63  ? 185 TRP A CH2 1 
ATOM   1372 N N   . ALA A 1 191 ? -14.075 11.941  6.737   1.00 71.00  ? 186 ALA A N   1 
ATOM   1373 C CA  . ALA A 1 191 ? -13.001 12.845  7.110   1.00 68.67  ? 186 ALA A CA  1 
ATOM   1374 C C   . ALA A 1 191 ? -13.516 14.275  7.083   1.00 65.39  ? 186 ALA A C   1 
ATOM   1375 O O   . ALA A 1 191 ? -13.217 15.038  8.001   1.00 62.08  ? 186 ALA A O   1 
ATOM   1376 C CB  . ALA A 1 191 ? -11.804 12.681  6.181   1.00 69.33  ? 186 ALA A CB  1 
ATOM   1377 N N   . CYS A 1 192 ? -14.290 14.630  6.049   1.00 63.00  ? 187 CYS A N   1 
ATOM   1378 C CA  . CYS A 1 192 ? -14.934 15.956  5.984   1.00 66.56  ? 187 CYS A CA  1 
ATOM   1379 C C   . CYS A 1 192 ? -15.885 16.165  7.160   1.00 64.84  ? 187 CYS A C   1 
ATOM   1380 O O   . CYS A 1 192 ? -15.879 17.222  7.773   1.00 59.84  ? 187 CYS A O   1 
ATOM   1381 C CB  . CYS A 1 192 ? -15.705 16.165  4.675   1.00 67.59  ? 187 CYS A CB  1 
ATOM   1382 S SG  . CYS A 1 192 ? -14.755 16.067  3.136   1.00 73.46  ? 187 CYS A SG  1 
ATOM   1383 N N   . ALA A 1 193 ? -16.683 15.139  7.466   1.00 70.80  ? 188 ALA A N   1 
ATOM   1384 C CA  . ALA A 1 193 ? -17.607 15.148  8.619   1.00 72.42  ? 188 ALA A CA  1 
ATOM   1385 C C   . ALA A 1 193 ? -16.893 15.279  9.979   1.00 69.90  ? 188 ALA A C   1 
ATOM   1386 O O   . ALA A 1 193 ? -17.300 16.098  10.804  1.00 71.12  ? 188 ALA A O   1 
ATOM   1387 C CB  . ALA A 1 193 ? -18.499 13.902  8.612   1.00 70.16  ? 188 ALA A CB  1 
ATOM   1388 N N   . ASN A 1 194 ? -15.849 14.478  10.206  1.00 62.13  ? 189 ASN A N   1 
ATOM   1389 C CA  . ASN A 1 194 ? -15.046 14.592  11.427  1.00 63.15  ? 189 ASN A CA  1 
ATOM   1390 C C   . ASN A 1 194 ? -14.322 15.950  11.495  1.00 63.04  ? 189 ASN A C   1 
ATOM   1391 O O   . ASN A 1 194 ? -14.215 16.533  12.567  1.00 63.23  ? 189 ASN A O   1 
ATOM   1392 C CB  . ASN A 1 194 ? -14.011 13.455  11.533  1.00 64.03  ? 189 ASN A CB  1 
ATOM   1393 C CG  . ASN A 1 194 ? -14.633 12.094  11.804  1.00 63.60  ? 189 ASN A CG  1 
ATOM   1394 O OD1 . ASN A 1 194 ? -15.753 11.986  12.288  1.00 61.55  ? 189 ASN A OD1 1 
ATOM   1395 N ND2 . ASN A 1 194 ? -13.891 11.038  11.483  1.00 67.76  ? 189 ASN A ND2 1 
ATOM   1396 N N   . ALA A 1 195 ? -13.827 16.439  10.356  1.00 62.61  ? 190 ALA A N   1 
ATOM   1397 C CA  . ALA A 1 195 ? -13.152 17.745  10.280  1.00 63.14  ? 190 ALA A CA  1 
ATOM   1398 C C   . ALA A 1 195 ? -14.081 18.915  10.570  1.00 67.89  ? 190 ALA A C   1 
ATOM   1399 O O   . ALA A 1 195 ? -13.636 19.942  11.099  1.00 65.90  ? 190 ALA A O   1 
ATOM   1400 C CB  . ALA A 1 195 ? -12.520 17.941  8.914   1.00 60.50  ? 190 ALA A CB  1 
ATOM   1401 N N   . SER A 1 196 ? -15.351 18.761  10.184  1.00 70.77  ? 191 SER A N   1 
ATOM   1402 C CA  . SER A 1 196 ? -16.404 19.759  10.409  1.00 70.97  ? 191 SER A CA  1 
ATOM   1403 C C   . SER A 1 196 ? -16.616 19.991  11.919  1.00 69.74  ? 191 SER A C   1 
ATOM   1404 O O   . SER A 1 196 ? -16.492 21.123  12.394  1.00 68.55  ? 191 SER A O   1 
ATOM   1405 C CB  . SER A 1 196 ? -17.711 19.305  9.723   1.00 69.95  ? 191 SER A CB  1 
ATOM   1406 O OG  . SER A 1 196 ? -18.665 20.344  9.591   1.00 68.82  ? 191 SER A OG  1 
ATOM   1407 N N   . ARG A 1 197 ? -16.875 18.914  12.662  1.00 69.23  ? 192 ARG A N   1 
ATOM   1408 C CA  . ARG A 1 197 ? -17.101 18.986  14.122  1.00 76.43  ? 192 ARG A CA  1 
ATOM   1409 C C   . ARG A 1 197 ? -15.839 19.259  14.956  1.00 78.06  ? 192 ARG A C   1 
ATOM   1410 O O   . ARG A 1 197 ? -15.920 19.293  16.180  1.00 86.19  ? 192 ARG A O   1 
ATOM   1411 C CB  . ARG A 1 197 ? -17.796 17.718  14.627  1.00 73.54  ? 192 ARG A CB  1 
ATOM   1412 N N   . MET A 1 198 ? -14.685 19.411  14.307  1.00 84.69  ? 193 MET A N   1 
ATOM   1413 C CA  . MET A 1 198 ? -13.465 19.923  14.951  1.00 86.32  ? 193 MET A CA  1 
ATOM   1414 C C   . MET A 1 198 ? -13.358 21.444  14.810  1.00 80.92  ? 193 MET A C   1 
ATOM   1415 O O   . MET A 1 198 ? -13.021 22.121  15.777  1.00 76.12  ? 193 MET A O   1 
ATOM   1416 C CB  . MET A 1 198 ? -12.213 19.267  14.353  1.00 85.32  ? 193 MET A CB  1 
ATOM   1417 C CG  . MET A 1 198 ? -12.092 17.779  14.629  1.00 85.47  ? 193 MET A CG  1 
ATOM   1418 S SD  . MET A 1 198 ? -10.751 16.998  13.697  1.00 83.83  ? 193 MET A SD  1 
ATOM   1419 C CE  . MET A 1 198 ? -9.532  16.914  15.005  1.00 82.25  ? 193 MET A CE  1 
ATOM   1420 N N   . TYR A 1 199 ? -13.613 21.966  13.608  1.00 76.91  ? 194 TYR A N   1 
ATOM   1421 C CA  . TYR A 1 199 ? -13.648 23.417  13.376  1.00 78.69  ? 194 TYR A CA  1 
ATOM   1422 C C   . TYR A 1 199 ? -14.840 24.094  14.066  1.00 81.58  ? 194 TYR A C   1 
ATOM   1423 O O   . TYR A 1 199 ? -14.726 25.234  14.510  1.00 85.82  ? 194 TYR A O   1 
ATOM   1424 C CB  . TYR A 1 199 ? -13.656 23.749  11.877  1.00 75.47  ? 194 TYR A CB  1 
ATOM   1425 C CG  . TYR A 1 199 ? -12.288 23.769  11.250  1.00 78.16  ? 194 TYR A CG  1 
ATOM   1426 C CD1 . TYR A 1 199 ? -11.331 24.708  11.634  1.00 82.50  ? 194 TYR A CD1 1 
ATOM   1427 C CD2 . TYR A 1 199 ? -11.942 22.862  10.258  1.00 84.34  ? 194 TYR A CD2 1 
ATOM   1428 C CE1 . TYR A 1 199 ? -10.063 24.729  11.051  1.00 83.04  ? 194 TYR A CE1 1 
ATOM   1429 C CE2 . TYR A 1 199 ? -10.677 22.875  9.669   1.00 80.27  ? 194 TYR A CE2 1 
ATOM   1430 C CZ  . TYR A 1 199 ? -9.743  23.809  10.066  1.00 79.48  ? 194 TYR A CZ  1 
ATOM   1431 O OH  . TYR A 1 199 ? -8.501  23.823  9.488   1.00 77.15  ? 194 TYR A OH  1 
ATOM   1432 N N   . LYS A 1 200 ? -15.969 23.392  14.150  1.00 83.10  ? 195 LYS A N   1 
ATOM   1433 C CA  . LYS A 1 200 ? -17.156 23.900  14.847  1.00 84.23  ? 195 LYS A CA  1 
ATOM   1434 C C   . LYS A 1 200 ? -16.910 24.039  16.353  1.00 84.64  ? 195 LYS A C   1 
ATOM   1435 O O   . LYS A 1 200 ? -17.265 25.062  16.939  1.00 78.09  ? 195 LYS A O   1 
ATOM   1436 C CB  . LYS A 1 200 ? -18.362 22.987  14.599  1.00 85.95  ? 195 LYS A CB  1 
ATOM   1437 C CG  . LYS A 1 200 ? -19.715 23.608  14.932  1.00 89.86  ? 195 LYS A CG  1 
ATOM   1438 C CD  . LYS A 1 200 ? -20.836 22.579  14.844  1.00 91.51  ? 195 LYS A CD  1 
ATOM   1439 C CE  . LYS A 1 200 ? -20.893 21.689  16.082  1.00 95.81  ? 195 LYS A CE  1 
ATOM   1440 N NZ  . LYS A 1 200 ? -21.142 20.257  15.746  1.00 96.14  ? 195 LYS A NZ  1 
ATOM   1441 N N   . LEU A 1 201 ? -16.309 23.007  16.955  1.00 83.71  ? 196 LEU A N   1 
ATOM   1442 C CA  . LEU A 1 201 ? -15.953 23.003  18.385  1.00 85.41  ? 196 LEU A CA  1 
ATOM   1443 C C   . LEU A 1 201 ? -14.670 23.758  18.702  1.00 89.83  ? 196 LEU A C   1 
ATOM   1444 O O   . LEU A 1 201 ? -14.599 24.501  19.680  1.00 99.20  ? 196 LEU A O   1 
ATOM   1445 C CB  . LEU A 1 201 ? -15.780 21.572  18.908  1.00 86.42  ? 196 LEU A CB  1 
ATOM   1446 C CG  . LEU A 1 201 ? -17.012 20.914  19.515  1.00 88.12  ? 196 LEU A CG  1 
ATOM   1447 C CD1 . LEU A 1 201 ? -18.182 20.944  18.541  1.00 86.13  ? 196 LEU A CD1 1 
ATOM   1448 C CD2 . LEU A 1 201 ? -16.666 19.493  19.946  1.00 89.80  ? 196 LEU A CD2 1 
ATOM   1449 N N   . GLY A 1 202 ? -13.652 23.542  17.883  1.00 93.46  ? 197 GLY A N   1 
ATOM   1450 C CA  . GLY A 1 202 ? -12.285 23.911  18.220  1.00 91.91  ? 197 GLY A CA  1 
ATOM   1451 C C   . GLY A 1 202 ? -11.617 22.817  19.041  1.00 94.21  ? 197 GLY A C   1 
ATOM   1452 O O   . GLY A 1 202 ? -11.066 23.099  20.102  1.00 91.73  ? 197 GLY A O   1 
ATOM   1453 N N   . ASP A 1 203 ? -11.704 21.569  18.560  1.00 95.99  ? 198 ASP A N   1 
ATOM   1454 C CA  . ASP A 1 203 ? -10.894 20.437  19.060  1.00 96.99  ? 198 ASP A CA  1 
ATOM   1455 C C   . ASP A 1 203 ? -9.530  20.439  18.334  1.00 101.86 ? 198 ASP A C   1 
ATOM   1456 O O   . ASP A 1 203 ? -9.467  20.144  17.132  1.00 100.93 ? 198 ASP A O   1 
ATOM   1457 C CB  . ASP A 1 203 ? -11.594 19.090  18.796  1.00 96.41  ? 198 ASP A CB  1 
ATOM   1458 C CG  . ASP A 1 203 ? -12.455 18.626  19.950  1.00 92.72  ? 198 ASP A CG  1 
ATOM   1459 O OD1 . ASP A 1 203 ? -11.906 18.315  21.029  1.00 89.60  ? 198 ASP A OD1 1 
ATOM   1460 O OD2 . ASP A 1 203 ? -13.681 18.527  19.756  1.00 93.45  ? 198 ASP A OD2 1 
ATOM   1461 N N   . GLY A 1 204 ? -8.456  20.773  19.064  1.00 100.19 ? 199 GLY A N   1 
ATOM   1462 C CA  . GLY A 1 204 ? -7.085  20.919  18.516  1.00 93.37  ? 199 GLY A CA  1 
ATOM   1463 C C   . GLY A 1 204 ? -6.923  21.755  17.254  1.00 93.83  ? 199 GLY A C   1 
ATOM   1464 O O   . GLY A 1 204 ? -6.050  21.486  16.429  1.00 90.60  ? 199 GLY A O   1 
ATOM   1465 N N   . VAL A 1 205 ? -7.766  22.772  17.111  1.00 92.33  ? 200 VAL A N   1 
ATOM   1466 C CA  . VAL A 1 205 ? -7.687  23.725  16.006  1.00 87.93  ? 200 VAL A CA  1 
ATOM   1467 C C   . VAL A 1 205 ? -8.518  24.932  16.421  1.00 86.35  ? 200 VAL A C   1 
ATOM   1468 O O   . VAL A 1 205 ? -9.485  24.786  17.174  1.00 85.37  ? 200 VAL A O   1 
ATOM   1469 C CB  . VAL A 1 205 ? -8.184  23.119  14.662  1.00 88.58  ? 200 VAL A CB  1 
ATOM   1470 C CG1 . VAL A 1 205 ? -9.676  22.772  14.701  1.00 83.54  ? 200 VAL A CG1 1 
ATOM   1471 C CG2 . VAL A 1 205 ? -7.860  24.047  13.491  1.00 86.93  ? 200 VAL A CG2 1 
ATOM   1472 N N   . ASP A 1 206 ? -8.121  26.118  15.972  1.00 91.67  ? 201 ASP A N   1 
ATOM   1473 C CA  . ASP A 1 206 ? -8.865  27.342  16.311  1.00 96.54  ? 201 ASP A CA  1 
ATOM   1474 C C   . ASP A 1 206 ? -10.235 27.319  15.634  1.00 98.33  ? 201 ASP A C   1 
ATOM   1475 O O   . ASP A 1 206 ? -10.349 26.922  14.466  1.00 100.82 ? 201 ASP A O   1 
ATOM   1476 C CB  . ASP A 1 206 ? -8.079  28.627  15.983  1.00 100.25 ? 201 ASP A CB  1 
ATOM   1477 C CG  . ASP A 1 206 ? -7.548  28.671  14.544  1.00 107.67 ? 201 ASP A CG  1 
ATOM   1478 O OD1 . ASP A 1 206 ? -7.802  27.740  13.739  1.00 109.80 ? 201 ASP A OD1 1 
ATOM   1479 O OD2 . ASP A 1 206 ? -6.845  29.653  14.226  1.00 105.33 ? 201 ASP A OD2 1 
ATOM   1480 N N   . LYS A 1 207 ? -11.265 27.716  16.383  1.00 97.98  ? 202 LYS A N   1 
ATOM   1481 C CA  . LYS A 1 207 ? -12.651 27.584  15.925  1.00 97.11  ? 202 LYS A CA  1 
ATOM   1482 C C   . LYS A 1 207 ? -12.920 28.462  14.691  1.00 91.84  ? 202 LYS A C   1 
ATOM   1483 O O   . LYS A 1 207 ? -12.533 29.632  14.649  1.00 86.26  ? 202 LYS A O   1 
ATOM   1484 C CB  . LYS A 1 207 ? -13.635 27.921  17.051  1.00 98.43  ? 202 LYS A CB  1 
ATOM   1485 C CG  . LYS A 1 207 ? -15.043 27.391  16.823  1.00 101.83 ? 202 LYS A CG  1 
ATOM   1486 C CD  . LYS A 1 207 ? -16.092 28.123  17.657  1.00 103.70 ? 202 LYS A CD  1 
ATOM   1487 C CE  . LYS A 1 207 ? -15.997 27.794  19.140  1.00 102.23 ? 202 LYS A CE  1 
ATOM   1488 N NZ  . LYS A 1 207 ? -17.034 28.520  19.925  1.00 98.95  ? 202 LYS A NZ  1 
ATOM   1489 N N   . ASP A 1 208 ? -13.555 27.865  13.686  1.00 89.46  ? 203 ASP A N   1 
ATOM   1490 C CA  . ASP A 1 208 ? -13.884 28.538  12.435  1.00 85.98  ? 203 ASP A CA  1 
ATOM   1491 C C   . ASP A 1 208 ? -15.206 27.949  11.942  1.00 91.72  ? 203 ASP A C   1 
ATOM   1492 O O   . ASP A 1 208 ? -15.263 26.789  11.517  1.00 94.14  ? 203 ASP A O   1 
ATOM   1493 C CB  . ASP A 1 208 ? -12.755 28.341  11.419  1.00 79.77  ? 203 ASP A CB  1 
ATOM   1494 C CG  . ASP A 1 208 ? -12.871 29.259  10.220  1.00 79.75  ? 203 ASP A CG  1 
ATOM   1495 O OD1 . ASP A 1 208 ? -13.982 29.737  9.919   1.00 78.23  ? 203 ASP A OD1 1 
ATOM   1496 O OD2 . ASP A 1 208 ? -11.841 29.500  9.559   1.00 80.58  ? 203 ASP A OD2 1 
ATOM   1497 N N   . GLU A 1 209 ? -16.264 28.761  12.003  1.00 96.52  ? 204 GLU A N   1 
ATOM   1498 C CA  . GLU A 1 209 ? -17.649 28.279  11.823  1.00 94.43  ? 204 GLU A CA  1 
ATOM   1499 C C   . GLU A 1 209 ? -18.147 28.348  10.363  1.00 90.23  ? 204 GLU A C   1 
ATOM   1500 O O   . GLU A 1 209 ? -19.052 27.593  9.992   1.00 84.23  ? 204 GLU A O   1 
ATOM   1501 C CB  . GLU A 1 209 ? -18.612 29.031  12.749  1.00 96.02  ? 204 GLU A CB  1 
ATOM   1502 C CG  . GLU A 1 209 ? -18.118 29.226  14.184  1.00 98.76  ? 204 GLU A CG  1 
ATOM   1503 C CD  . GLU A 1 209 ? -17.514 30.607  14.421  1.00 101.55 ? 204 GLU A CD  1 
ATOM   1504 O OE1 . GLU A 1 209 ? -18.262 31.607  14.326  1.00 97.51  ? 204 GLU A OE1 1 
ATOM   1505 O OE2 . GLU A 1 209 ? -16.294 30.693  14.700  1.00 99.24  ? 204 GLU A OE2 1 
ATOM   1506 N N   . ALA A 1 210 ? -17.566 29.250  9.560   1.00 87.79  ? 205 ALA A N   1 
ATOM   1507 C CA  . ALA A 1 210 ? -17.781 29.296  8.097   1.00 89.42  ? 205 ALA A CA  1 
ATOM   1508 C C   . ALA A 1 210 ? -17.213 28.055  7.406   1.00 89.20  ? 205 ALA A C   1 
ATOM   1509 O O   . ALA A 1 210 ? -17.904 27.395  6.629   1.00 89.11  ? 205 ALA A O   1 
ATOM   1510 C CB  . ALA A 1 210 ? -17.150 30.550  7.500   1.00 84.05  ? 205 ALA A CB  1 
ATOM   1511 N N   . LYS A 1 211 ? -15.946 27.760  7.698   1.00 92.43  ? 206 LYS A N   1 
ATOM   1512 C CA  . LYS A 1 211 ? -15.261 26.575  7.175   1.00 92.18  ? 206 LYS A CA  1 
ATOM   1513 C C   . LYS A 1 211 ? -15.996 25.307  7.640   1.00 87.35  ? 206 LYS A C   1 
ATOM   1514 O O   . LYS A 1 211 ? -16.279 24.435  6.826   1.00 87.62  ? 206 LYS A O   1 
ATOM   1515 C CB  . LYS A 1 211 ? -13.771 26.558  7.601   1.00 93.64  ? 206 LYS A CB  1 
ATOM   1516 C CG  . LYS A 1 211 ? -12.844 25.756  6.689   1.00 91.92  ? 206 LYS A CG  1 
ATOM   1517 N N   . ALA A 1 212 ? -16.333 25.234  8.932   1.00 81.59  ? 207 ALA A N   1 
ATOM   1518 C CA  . ALA A 1 212 ? -17.121 24.117  9.502   1.00 76.51  ? 207 ALA A CA  1 
ATOM   1519 C C   . ALA A 1 212 ? -18.404 23.814  8.712   1.00 78.59  ? 207 ALA A C   1 
ATOM   1520 O O   . ALA A 1 212 ? -18.727 22.643  8.458   1.00 70.95  ? 207 ALA A O   1 
ATOM   1521 C CB  . ALA A 1 212 ? -17.463 24.400  10.959  1.00 71.63  ? 207 ALA A CB  1 
ATOM   1522 N N   . GLU A 1 213 ? -19.117 24.875  8.318   1.00 83.02  ? 208 GLU A N   1 
ATOM   1523 C CA  . GLU A 1 213 ? -20.329 24.746  7.488   1.00 81.59  ? 208 GLU A CA  1 
ATOM   1524 C C   . GLU A 1 213 ? -19.960 24.284  6.068   1.00 82.23  ? 208 GLU A C   1 
ATOM   1525 O O   . GLU A 1 213 ? -20.676 23.455  5.500   1.00 82.28  ? 208 GLU A O   1 
ATOM   1526 C CB  . GLU A 1 213 ? -21.158 26.052  7.461   1.00 78.18  ? 208 GLU A CB  1 
ATOM   1527 C CG  . GLU A 1 213 ? -22.662 25.825  7.562   1.00 74.84  ? 208 GLU A CG  1 
ATOM   1528 N N   . VAL A 1 214 ? -18.848 24.802  5.518   1.00 75.79  ? 209 VAL A N   1 
ATOM   1529 C CA  . VAL A 1 214 ? -18.296 24.331  4.227   1.00 79.16  ? 209 VAL A CA  1 
ATOM   1530 C C   . VAL A 1 214 ? -17.976 22.828  4.249   1.00 78.72  ? 209 VAL A C   1 
ATOM   1531 O O   . VAL A 1 214 ? -18.339 22.096  3.324   1.00 74.11  ? 209 VAL A O   1 
ATOM   1532 C CB  . VAL A 1 214 ? -17.024 25.131  3.807   1.00 80.70  ? 209 VAL A CB  1 
ATOM   1533 C CG1 . VAL A 1 214 ? -16.255 24.435  2.680   1.00 78.83  ? 209 VAL A CG1 1 
ATOM   1534 C CG2 . VAL A 1 214 ? -17.394 26.550  3.393   1.00 80.88  ? 209 VAL A CG2 1 
ATOM   1535 N N   . LEU A 1 215 ? -17.308 22.385  5.314   1.00 80.19  ? 210 LEU A N   1 
ATOM   1536 C CA  . LEU A 1 215 ? -16.914 20.982  5.467   1.00 79.12  ? 210 LEU A CA  1 
ATOM   1537 C C   . LEU A 1 215 ? -18.116 20.053  5.544   1.00 83.45  ? 210 LEU A C   1 
ATOM   1538 O O   . LEU A 1 215 ? -18.142 19.018  4.879   1.00 84.51  ? 210 LEU A O   1 
ATOM   1539 C CB  . LEU A 1 215 ? -16.044 20.796  6.709   1.00 74.98  ? 210 LEU A CB  1 
ATOM   1540 C CG  . LEU A 1 215 ? -14.707 21.537  6.683   1.00 73.98  ? 210 LEU A CG  1 
ATOM   1541 C CD1 . LEU A 1 215 ? -13.973 21.244  7.975   1.00 72.79  ? 210 LEU A CD1 1 
ATOM   1542 C CD2 . LEU A 1 215 ? -13.873 21.177  5.457   1.00 71.72  ? 210 LEU A CD2 1 
ATOM   1543 N N   . LYS A 1 216 ? -19.105 20.431  6.356   1.00 87.73  ? 211 LYS A N   1 
ATOM   1544 C CA  . LYS A 1 216 ? -20.391 19.713  6.419   1.00 85.17  ? 211 LYS A CA  1 
ATOM   1545 C C   . LYS A 1 216 ? -21.042 19.615  5.036   1.00 76.77  ? 211 LYS A C   1 
ATOM   1546 O O   . LYS A 1 216 ? -21.544 18.556  4.679   1.00 69.75  ? 211 LYS A O   1 
ATOM   1547 C CB  . LYS A 1 216 ? -21.349 20.379  7.425   1.00 90.16  ? 211 LYS A CB  1 
ATOM   1548 C CG  . LYS A 1 216 ? -22.519 19.506  7.880   1.00 91.76  ? 211 LYS A CG  1 
ATOM   1549 C CD  . LYS A 1 216 ? -22.864 19.698  9.360   1.00 95.61  ? 211 LYS A CD  1 
ATOM   1550 C CE  . LYS A 1 216 ? -23.241 21.133  9.714   1.00 99.09  ? 211 LYS A CE  1 
ATOM   1551 N NZ  . LYS A 1 216 ? -24.346 21.661  8.870   1.00 96.25  ? 211 LYS A NZ  1 
ATOM   1552 N N   . ASN A 1 217 ? -20.995 20.707  4.265   1.00 73.56  ? 212 ASN A N   1 
ATOM   1553 C CA  . ASN A 1 217 ? -21.546 20.743  2.898   1.00 79.44  ? 212 ASN A CA  1 
ATOM   1554 C C   . ASN A 1 217 ? -20.744 19.916  1.899   1.00 75.19  ? 212 ASN A C   1 
ATOM   1555 O O   . ASN A 1 217 ? -21.326 19.252  1.040   1.00 70.80  ? 212 ASN A O   1 
ATOM   1556 C CB  . ASN A 1 217 ? -21.678 22.186  2.379   1.00 82.02  ? 212 ASN A CB  1 
ATOM   1557 C CG  . ASN A 1 217 ? -22.699 22.999  3.157   1.00 82.90  ? 212 ASN A CG  1 
ATOM   1558 O OD1 . ASN A 1 217 ? -23.459 22.462  3.959   1.00 80.82  ? 212 ASN A OD1 1 
ATOM   1559 N ND2 . ASN A 1 217 ? -22.706 24.309  2.936   1.00 84.62  ? 212 ASN A ND2 1 
ATOM   1560 N N   . ARG A 1 218 ? -19.420 19.958  2.011   1.00 73.86  ? 213 ARG A N   1 
ATOM   1561 C CA  . ARG A 1 218 ? -18.555 19.087  1.206   1.00 73.40  ? 213 ARG A CA  1 
ATOM   1562 C C   . ARG A 1 218 ? -18.890 17.601  1.458   1.00 68.10  ? 213 ARG A C   1 
ATOM   1563 O O   . ARG A 1 218 ? -18.989 16.814  0.509   1.00 71.06  ? 213 ARG A O   1 
ATOM   1564 C CB  . ARG A 1 218 ? -17.065 19.364  1.481   1.00 77.37  ? 213 ARG A CB  1 
ATOM   1565 C CG  . ARG A 1 218 ? -16.154 19.256  0.253   1.00 81.45  ? 213 ARG A CG  1 
ATOM   1566 C CD  . ARG A 1 218 ? -14.956 18.337  0.499   1.00 82.98  ? 213 ARG A CD  1 
ATOM   1567 N NE  . ARG A 1 218 ? -13.842 18.518  -0.436  1.00 86.73  ? 213 ARG A NE  1 
ATOM   1568 C CZ  . ARG A 1 218 ? -13.852 18.208  -1.737  1.00 94.58  ? 213 ARG A CZ  1 
ATOM   1569 N NH1 . ARG A 1 218 ? -14.933 17.700  -2.332  1.00 100.91 ? 213 ARG A NH1 1 
ATOM   1570 N NH2 . ARG A 1 218 ? -12.763 18.422  -2.467  1.00 98.07  ? 213 ARG A NH2 1 
ATOM   1571 N N   . ALA A 1 219 ? -19.109 17.245  2.724   1.00 62.20  ? 214 ALA A N   1 
ATOM   1572 C CA  . ALA A 1 219 ? -19.424 15.865  3.130   1.00 67.06  ? 214 ALA A CA  1 
ATOM   1573 C C   . ALA A 1 219 ? -20.776 15.333  2.635   1.00 72.22  ? 214 ALA A C   1 
ATOM   1574 O O   . ALA A 1 219 ? -20.877 14.153  2.267   1.00 66.05  ? 214 ALA A O   1 
ATOM   1575 C CB  . ALA A 1 219 ? -19.352 15.725  4.642   1.00 65.66  ? 214 ALA A CB  1 
ATOM   1576 N N   . GLN A 1 220 ? -21.810 16.178  2.646   1.00 78.58  ? 215 GLN A N   1 
ATOM   1577 C CA  . GLN A 1 220 ? -23.118 15.780  2.114   1.00 83.65  ? 215 GLN A CA  1 
ATOM   1578 C C   . GLN A 1 220 ? -23.042 15.712  0.574   1.00 82.65  ? 215 GLN A C   1 
ATOM   1579 O O   . GLN A 1 220 ? -23.591 14.787  -0.032  1.00 76.65  ? 215 GLN A O   1 
ATOM   1580 C CB  . GLN A 1 220 ? -24.259 16.725  2.559   1.00 90.59  ? 215 GLN A CB  1 
ATOM   1581 C CG  . GLN A 1 220 ? -24.367 17.087  4.050   1.00 96.51  ? 215 GLN A CG  1 
ATOM   1582 C CD  . GLN A 1 220 ? -24.576 15.913  5.012   1.00 108.57 ? 215 GLN A CD  1 
ATOM   1583 O OE1 . GLN A 1 220 ? -24.465 16.087  6.235   1.00 105.26 ? 215 GLN A OE1 1 
ATOM   1584 N NE2 . GLN A 1 220 ? -24.891 14.726  4.479   1.00 106.88 ? 215 GLN A NE2 1 
ATOM   1585 N N   . GLN A 1 221 ? -22.358 16.692  -0.032  1.00 80.62  ? 216 GLN A N   1 
ATOM   1586 C CA  . GLN A 1 221 ? -22.097 16.745  -1.485  1.00 79.45  ? 216 GLN A CA  1 
ATOM   1587 C C   . GLN A 1 221 ? -21.407 15.480  -2.019  1.00 80.91  ? 216 GLN A C   1 
ATOM   1588 O O   . GLN A 1 221 ? -21.859 14.891  -3.000  1.00 79.22  ? 216 GLN A O   1 
ATOM   1589 C CB  . GLN A 1 221 ? -21.234 17.968  -1.805  1.00 79.28  ? 216 GLN A CB  1 
ATOM   1590 C CG  . GLN A 1 221 ? -20.827 18.153  -3.268  1.00 83.27  ? 216 GLN A CG  1 
ATOM   1591 C CD  . GLN A 1 221 ? -19.392 18.642  -3.426  1.00 89.38  ? 216 GLN A CD  1 
ATOM   1592 O OE1 . GLN A 1 221 ? -18.884 19.416  -2.601  1.00 94.48  ? 216 GLN A OE1 1 
ATOM   1593 N NE2 . GLN A 1 221 ? -18.726 18.190  -4.491  1.00 88.31  ? 216 GLN A NE2 1 
ATOM   1594 N N   . LEU A 1 222 ? -20.306 15.081  -1.386  1.00 79.58  ? 217 LEU A N   1 
ATOM   1595 C CA  . LEU A 1 222 ? -19.669 13.801  -1.704  1.00 82.17  ? 217 LEU A CA  1 
ATOM   1596 C C   . LEU A 1 222 ? -20.697 12.722  -1.368  1.00 86.42  ? 217 LEU A C   1 
ATOM   1597 O O   . LEU A 1 222 ? -21.295 12.777  -0.299  1.00 89.35  ? 217 LEU A O   1 
ATOM   1598 C CB  . LEU A 1 222 ? -18.379 13.613  -0.894  1.00 83.26  ? 217 LEU A CB  1 
ATOM   1599 C CG  . LEU A 1 222 ? -17.244 14.619  -1.160  1.00 81.79  ? 217 LEU A CG  1 
ATOM   1600 C CD1 . LEU A 1 222 ? -16.225 14.613  -0.025  1.00 78.68  ? 217 LEU A CD1 1 
ATOM   1601 C CD2 . LEU A 1 222 ? -16.584 14.360  -2.510  1.00 79.77  ? 217 LEU A CD2 1 
ATOM   1602 N N   . HIS A 1 223 ? -20.921 11.781  -2.289  1.00 91.32  ? 218 HIS A N   1 
ATOM   1603 C CA  . HIS A 1 223 ? -22.071 10.833  -2.247  1.00 96.64  ? 218 HIS A CA  1 
ATOM   1604 C C   . HIS A 1 223 ? -23.416 11.550  -2.362  1.00 86.89  ? 218 HIS A C   1 
ATOM   1605 O O   . HIS A 1 223 ? -23.737 12.081  -3.420  1.00 81.50  ? 218 HIS A O   1 
ATOM   1606 C CB  . HIS A 1 223 ? -22.004 9.854   -1.035  1.00 101.37 ? 218 HIS A CB  1 
ATOM   1607 C CG  . HIS A 1 223 ? -22.861 10.218  0.154   1.00 101.51 ? 218 HIS A CG  1 
ATOM   1608 N ND1 . HIS A 1 223 ? -23.054 11.515  0.588   1.00 95.93  ? 218 HIS A ND1 1 
ATOM   1609 C CD2 . HIS A 1 223 ? -23.521 9.430   1.040   1.00 100.79 ? 218 HIS A CD2 1 
ATOM   1610 C CE1 . HIS A 1 223 ? -23.824 11.510  1.663   1.00 98.69  ? 218 HIS A CE1 1 
ATOM   1611 N NE2 . HIS A 1 223 ? -24.121 10.257  1.958   1.00 99.34  ? 218 HIS A NE2 1 
HETATM 1612 O O   . HOH B 2 .   ? 3.966   -25.435 -32.259 1.00 43.40  ? 301 HOH A O   1 
HETATM 1613 O O   . HOH B 2 .   ? 9.334   9.867   3.436   1.00 43.32  ? 302 HOH A O   1 
HETATM 1614 O O   . HOH B 2 .   ? 8.104   10.174  1.784   1.00 44.85  ? 303 HOH A O   1 
HETATM 1615 O O   . HOH B 2 .   ? -2.683  -17.264 -41.482 1.00 60.54  ? 304 HOH A O   1 
HETATM 1616 O O   . HOH B 2 .   ? -7.534  4.793   -1.420  1.00 50.04  ? 305 HOH A O   1 
# 
